data_6TV6
#
_entry.id   6TV6
#
_cell.length_a   137.790
_cell.length_b   147.640
_cell.length_c   81.470
_cell.angle_alpha   90.000
_cell.angle_beta   90.000
_cell.angle_gamma   90.000
#
_symmetry.space_group_name_H-M   'P 21 21 2'
#
loop_
_entity.id
_entity.type
_entity.pdbx_description
1 polymer 'Protein-arginine kinase'
2 non-polymer 'MAGNESIUM ION'
3 water water
#
_entity_poly.entity_id   1
_entity_poly.type   'polypeptide(L)'
_entity_poly.pdbx_seq_one_letter_code
;MASMSLKHFIQDALSSWMKQKGPESDIVLSSRIRLARNFEHIRFPTRYSNEEASSIIQQFEDQFSEQEIPGIGKFVLIRM
NDAQPLEKRVLVEKHLISPNLTESPFGGCLLSENEEVSVMLNEEDHIRIQCLFPGFQLLEAMKAANQVDDWIEEKVDYAF
NEQRGYLTSCPTNVGTGLRASVMMHLPALVLTRQIN(RPI)IIPAINQLGLVVRGIYGEGSEAVGNIFQISNQITLGKSE
QDIVEDLNSVAAQLIEQERSAREAIYQTSKIELEDRVYRSYGVLSNCRMIESKETAKCLSDVRLGIDLGIIKGLSSNILN
ELMILTQPGFLQQYSGGALRPNERDIRRAALIRERLHLEMNGKRQEDESILEHHHHHH
;
_entity_poly.pdbx_strand_id   A,B,C,D
#
loop_
_chem_comp.id
_chem_comp.type
_chem_comp.name
_chem_comp.formula
MG non-polymer 'MAGNESIUM ION' 'Mg 2'
#
# COMPACT_ATOMS: atom_id res chain seq x y z
N ALA A 2 -26.24 -19.41 -25.25
CA ALA A 2 -26.93 -19.78 -23.99
C ALA A 2 -27.59 -21.16 -24.12
N SER A 3 -27.04 -22.16 -23.42
CA SER A 3 -27.57 -23.55 -23.43
C SER A 3 -28.84 -23.63 -22.56
N MET A 4 -29.66 -24.66 -22.77
CA MET A 4 -30.91 -24.79 -21.97
C MET A 4 -30.58 -24.89 -20.47
N SER A 5 -29.41 -25.44 -20.12
CA SER A 5 -29.07 -25.46 -18.71
C SER A 5 -28.52 -24.14 -18.20
N LEU A 6 -27.81 -23.37 -19.04
CA LEU A 6 -27.37 -22.05 -18.60
C LEU A 6 -28.57 -21.13 -18.34
N LYS A 7 -29.57 -21.16 -19.24
CA LYS A 7 -30.80 -20.41 -19.06
C LYS A 7 -31.47 -20.79 -17.75
N HIS A 8 -31.44 -22.08 -17.40
CA HIS A 8 -32.06 -22.58 -16.19
C HIS A 8 -31.43 -21.97 -14.94
N PHE A 9 -30.12 -21.74 -14.96
CA PHE A 9 -29.43 -21.23 -13.79
C PHE A 9 -29.41 -19.72 -13.69
N ILE A 10 -29.60 -19.02 -14.80
CA ILE A 10 -29.59 -17.56 -14.78
C ILE A 10 -31.00 -17.00 -14.83
N GLN A 11 -32.01 -17.87 -14.88
CA GLN A 11 -33.36 -17.40 -15.06
C GLN A 11 -33.94 -16.85 -13.78
N ASP A 12 -33.74 -17.54 -12.67
CA ASP A 12 -34.36 -17.18 -11.41
C ASP A 12 -33.35 -16.52 -10.49
N ALA A 13 -33.75 -15.43 -9.84
CA ALA A 13 -32.83 -14.77 -8.92
C ALA A 13 -32.71 -15.58 -7.65
N LEU A 14 -33.82 -16.16 -7.20
CA LEU A 14 -33.86 -17.01 -6.00
C LEU A 14 -34.36 -18.39 -6.39
N SER A 15 -33.48 -19.38 -6.28
CA SER A 15 -33.85 -20.77 -6.54
C SER A 15 -34.84 -21.30 -5.49
N SER A 16 -35.66 -22.27 -5.91
CA SER A 16 -36.57 -22.91 -4.97
C SER A 16 -35.81 -23.48 -3.79
N TRP A 17 -34.61 -23.99 -4.04
CA TRP A 17 -33.78 -24.50 -2.96
C TRP A 17 -33.52 -23.42 -1.92
N MET A 18 -33.19 -22.20 -2.38
CA MET A 18 -32.86 -21.12 -1.46
C MET A 18 -34.07 -20.39 -0.90
N LYS A 19 -35.26 -20.66 -1.43
CA LYS A 19 -36.49 -20.12 -0.89
C LYS A 19 -36.98 -20.87 0.34
N GLN A 20 -36.44 -22.06 0.61
CA GLN A 20 -36.85 -22.80 1.79
C GLN A 20 -36.44 -22.05 3.06
N LYS A 21 -37.23 -22.23 4.11
CA LYS A 21 -36.96 -21.61 5.40
C LYS A 21 -35.93 -22.41 6.17
N GLY A 22 -34.77 -21.84 6.41
CA GLY A 22 -33.76 -22.47 7.23
C GLY A 22 -33.78 -21.90 8.63
N PRO A 23 -33.05 -22.54 9.54
CA PRO A 23 -33.07 -22.06 10.93
C PRO A 23 -32.48 -20.67 11.05
N GLU A 24 -33.04 -19.88 11.96
CA GLU A 24 -32.61 -18.50 12.24
C GLU A 24 -32.64 -17.65 10.98
N SER A 25 -33.60 -17.91 10.08
CA SER A 25 -33.55 -17.24 8.78
C SER A 25 -33.87 -15.76 8.86
N ASP A 26 -34.28 -15.25 10.02
CA ASP A 26 -34.43 -13.80 10.16
C ASP A 26 -33.07 -13.10 10.18
N ILE A 27 -32.05 -13.73 10.77
CA ILE A 27 -30.72 -13.15 10.88
C ILE A 27 -29.73 -13.75 9.88
N VAL A 28 -29.74 -15.06 9.72
CA VAL A 28 -28.81 -15.75 8.82
C VAL A 28 -29.54 -16.09 7.53
N LEU A 29 -29.08 -15.49 6.43
CA LEU A 29 -29.67 -15.71 5.11
C LEU A 29 -29.19 -17.04 4.50
N SER A 30 -27.90 -17.35 4.63
CA SER A 30 -27.37 -18.57 4.05
C SER A 30 -26.12 -19.04 4.78
N SER A 31 -25.82 -20.31 4.59
CA SER A 31 -24.60 -20.94 5.07
C SER A 31 -23.86 -21.58 3.90
N ARG A 32 -22.55 -21.42 3.88
CA ARG A 32 -21.74 -21.95 2.79
C ARG A 32 -20.62 -22.79 3.36
N ILE A 33 -20.43 -23.95 2.77
CA ILE A 33 -19.29 -24.81 3.04
C ILE A 33 -18.54 -24.96 1.73
N ARG A 34 -17.22 -24.83 1.79
CA ARG A 34 -16.40 -24.88 0.60
C ARG A 34 -15.20 -25.80 0.86
N LEU A 35 -15.00 -26.78 -0.03
CA LEU A 35 -13.86 -27.68 0.04
C LEU A 35 -12.99 -27.51 -1.20
N ALA A 36 -11.71 -27.24 -1.00
CA ALA A 36 -10.76 -27.09 -2.08
C ALA A 36 -9.89 -28.36 -2.19
N ARG A 37 -9.67 -28.82 -3.43
CA ARG A 37 -8.79 -29.96 -3.71
C ARG A 37 -8.02 -29.72 -5.00
N ASN A 38 -6.98 -30.51 -5.19
CA ASN A 38 -6.28 -30.51 -6.47
C ASN A 38 -6.08 -31.93 -6.94
N PHE A 39 -5.93 -32.08 -8.25
CA PHE A 39 -5.59 -33.36 -8.85
C PHE A 39 -4.19 -33.76 -8.43
N GLU A 40 -4.04 -34.99 -7.98
CA GLU A 40 -2.70 -35.53 -7.75
C GLU A 40 -1.93 -35.51 -9.08
N HIS A 41 -0.67 -35.09 -9.02
CA HIS A 41 0.25 -35.12 -10.19
C HIS A 41 -0.05 -34.01 -11.20
N ILE A 42 -0.92 -33.06 -10.86
CA ILE A 42 -1.21 -31.94 -11.80
C ILE A 42 -0.82 -30.63 -11.11
N ARG A 43 -0.05 -29.78 -11.80
CA ARG A 43 0.44 -28.51 -11.21
C ARG A 43 -0.76 -27.62 -10.85
N PHE A 44 -0.69 -26.99 -9.68
CA PHE A 44 -1.73 -26.08 -9.22
C PHE A 44 -2.02 -25.03 -10.28
N PRO A 45 -3.20 -24.39 -10.28
CA PRO A 45 -3.60 -23.48 -11.36
C PRO A 45 -2.60 -22.34 -11.58
N THR A 46 -1.81 -22.02 -10.55
CA THR A 46 -0.81 -20.95 -10.68
C THR A 46 0.23 -21.29 -11.76
N ARG A 47 0.63 -22.57 -11.89
CA ARG A 47 1.69 -22.92 -12.88
C ARG A 47 1.28 -23.99 -13.91
N TYR A 48 -0.01 -24.39 -13.99
CA TYR A 48 -0.40 -25.45 -14.96
C TYR A 48 -0.54 -24.91 -16.39
N SER A 49 -0.52 -25.81 -17.38
CA SER A 49 -0.64 -25.50 -18.80
C SER A 49 -2.09 -25.51 -19.28
N ASN A 50 -2.34 -24.85 -20.42
CA ASN A 50 -3.66 -24.88 -21.01
C ASN A 50 -4.14 -26.30 -21.22
N GLU A 51 -3.23 -27.18 -21.65
CA GLU A 51 -3.62 -28.58 -21.85
C GLU A 51 -4.10 -29.22 -20.57
N GLU A 52 -3.39 -28.97 -19.47
CA GLU A 52 -3.76 -29.58 -18.20
C GLU A 52 -5.14 -29.12 -17.77
N ALA A 53 -5.36 -27.79 -17.72
CA ALA A 53 -6.66 -27.22 -17.39
C ALA A 53 -7.79 -27.79 -18.25
N SER A 54 -7.56 -27.94 -19.56
CA SER A 54 -8.61 -28.49 -20.43
C SER A 54 -8.94 -29.92 -20.06
N SER A 55 -7.95 -30.69 -19.63
CA SER A 55 -8.18 -32.07 -19.26
C SER A 55 -9.06 -32.16 -18.02
N ILE A 56 -8.79 -31.28 -17.05
CA ILE A 56 -9.58 -31.24 -15.84
C ILE A 56 -11.04 -31.01 -16.17
N ILE A 57 -11.30 -30.01 -17.01
CA ILE A 57 -12.68 -29.75 -17.41
C ILE A 57 -13.24 -30.92 -18.19
N GLN A 58 -12.45 -31.45 -19.13
CA GLN A 58 -12.92 -32.56 -19.97
C GLN A 58 -13.21 -33.81 -19.15
N GLN A 59 -12.35 -34.12 -18.18
CA GLN A 59 -12.61 -35.28 -17.34
C GLN A 59 -13.93 -35.11 -16.60
N PHE A 60 -14.26 -33.87 -16.19
CA PHE A 60 -15.51 -33.60 -15.48
C PHE A 60 -16.71 -33.68 -16.41
N GLU A 61 -16.59 -33.16 -17.64
CA GLU A 61 -17.70 -33.32 -18.56
C GLU A 61 -17.98 -34.78 -18.85
N ASP A 62 -16.92 -35.58 -18.93
CA ASP A 62 -17.07 -36.98 -19.29
C ASP A 62 -17.70 -37.79 -18.16
N GLN A 63 -17.16 -37.65 -16.96
CA GLN A 63 -17.60 -38.51 -15.82
C GLN A 63 -18.65 -37.86 -14.90
N PHE A 64 -18.81 -36.55 -14.89
CA PHE A 64 -19.79 -35.98 -13.93
C PHE A 64 -20.96 -35.27 -14.62
N SER A 65 -20.80 -34.85 -15.87
CA SER A 65 -21.91 -34.15 -16.56
C SER A 65 -23.09 -35.10 -16.74
N GLU A 66 -24.30 -34.65 -16.43
CA GLU A 66 -25.51 -35.46 -16.56
C GLU A 66 -25.56 -36.61 -15.56
N GLN A 67 -24.57 -36.74 -14.67
CA GLN A 67 -24.59 -37.74 -13.61
C GLN A 67 -25.33 -37.23 -12.37
N GLU A 68 -25.54 -38.13 -11.40
CA GLU A 68 -26.42 -37.86 -10.28
C GLU A 68 -25.83 -38.32 -8.95
N ILE A 69 -26.33 -37.69 -7.89
CA ILE A 69 -26.11 -38.13 -6.52
C ILE A 69 -27.48 -38.32 -5.89
N PRO A 70 -27.76 -39.46 -5.26
CA PRO A 70 -29.04 -39.61 -4.55
C PRO A 70 -29.18 -38.57 -3.45
N GLY A 71 -30.33 -37.90 -3.45
CA GLY A 71 -30.65 -36.92 -2.43
C GLY A 71 -30.23 -35.51 -2.74
N ILE A 72 -29.48 -35.31 -3.82
CA ILE A 72 -29.03 -33.99 -4.25
C ILE A 72 -29.54 -33.68 -5.66
N GLY A 73 -29.38 -34.63 -6.59
CA GLY A 73 -29.99 -34.54 -7.90
C GLY A 73 -28.96 -34.68 -9.01
N LYS A 74 -29.36 -34.26 -10.20
CA LYS A 74 -28.51 -34.35 -11.38
C LYS A 74 -27.60 -33.13 -11.46
N PHE A 75 -26.36 -33.36 -11.88
CA PHE A 75 -25.33 -32.29 -12.00
C PHE A 75 -25.10 -31.95 -13.47
N VAL A 76 -25.04 -30.65 -13.76
CA VAL A 76 -24.83 -30.12 -15.14
C VAL A 76 -23.52 -29.31 -15.15
N LEU A 77 -22.70 -29.47 -16.19
CA LEU A 77 -21.42 -28.71 -16.25
C LEU A 77 -21.57 -27.49 -17.16
N ILE A 78 -21.23 -26.31 -16.62
CA ILE A 78 -21.24 -25.05 -17.34
C ILE A 78 -19.80 -24.61 -17.52
N ARG A 79 -19.36 -24.46 -18.76
CA ARG A 79 -18.03 -23.94 -19.07
C ARG A 79 -18.10 -22.42 -19.15
N MET A 80 -17.16 -21.74 -18.48
CA MET A 80 -17.14 -20.27 -18.53
C MET A 80 -17.02 -19.75 -19.96
N ASN A 81 -16.32 -20.49 -20.83
CA ASN A 81 -16.15 -20.08 -22.22
C ASN A 81 -17.44 -20.22 -23.05
N ASP A 82 -18.48 -20.87 -22.52
CA ASP A 82 -19.74 -20.98 -23.23
C ASP A 82 -20.77 -19.98 -22.72
N ALA A 83 -20.35 -19.00 -21.92
CA ALA A 83 -21.25 -18.07 -21.27
C ALA A 83 -20.89 -16.64 -21.65
N GLN A 84 -21.91 -15.86 -22.01
CA GLN A 84 -21.72 -14.45 -22.29
C GLN A 84 -21.32 -13.71 -21.01
N PRO A 85 -20.68 -12.53 -21.15
CA PRO A 85 -20.30 -11.76 -19.94
C PRO A 85 -21.44 -11.51 -18.96
N LEU A 86 -22.65 -11.17 -19.44
CA LEU A 86 -23.76 -10.94 -18.51
C LEU A 86 -24.27 -12.24 -17.91
N GLU A 87 -24.22 -13.33 -18.66
CA GLU A 87 -24.56 -14.63 -18.10
C GLU A 87 -23.64 -14.98 -16.94
N LYS A 88 -22.33 -14.79 -17.12
CA LYS A 88 -21.39 -15.07 -16.05
C LYS A 88 -21.64 -14.18 -14.83
N ARG A 89 -21.96 -12.90 -15.04
CA ARG A 89 -22.18 -12.00 -13.90
C ARG A 89 -23.39 -12.47 -13.08
N VAL A 90 -24.46 -12.91 -13.74
CA VAL A 90 -25.62 -13.40 -13.01
C VAL A 90 -25.23 -14.54 -12.10
N LEU A 91 -24.43 -15.48 -12.62
CA LEU A 91 -23.98 -16.60 -11.81
C LEU A 91 -23.17 -16.10 -10.61
N VAL A 92 -22.39 -15.04 -10.78
CA VAL A 92 -21.73 -14.40 -9.64
C VAL A 92 -22.77 -13.81 -8.66
N GLU A 93 -23.73 -13.07 -9.20
CA GLU A 93 -24.65 -12.36 -8.33
C GLU A 93 -25.59 -13.30 -7.60
N LYS A 94 -25.85 -14.48 -8.17
CA LYS A 94 -26.55 -15.52 -7.45
C LYS A 94 -25.67 -16.28 -6.47
N HIS A 95 -24.40 -15.89 -6.35
CA HIS A 95 -23.45 -16.50 -5.42
C HIS A 95 -23.06 -17.92 -5.83
N LEU A 96 -23.32 -18.30 -7.07
CA LEU A 96 -22.96 -19.64 -7.53
C LEU A 96 -21.48 -19.77 -7.90
N ILE A 97 -20.87 -18.73 -8.47
CA ILE A 97 -19.46 -18.78 -8.85
C ILE A 97 -18.77 -17.55 -8.30
N SER A 98 -17.45 -17.61 -8.25
CA SER A 98 -16.70 -16.46 -7.79
C SER A 98 -16.40 -15.55 -8.96
N PRO A 99 -16.15 -14.26 -8.71
CA PRO A 99 -15.74 -13.38 -9.82
C PRO A 99 -14.50 -13.89 -10.54
N ASN A 100 -13.53 -14.43 -9.80
CA ASN A 100 -12.31 -14.90 -10.44
C ASN A 100 -12.56 -16.05 -11.41
N LEU A 101 -13.62 -16.83 -11.20
CA LEU A 101 -13.88 -17.92 -12.15
C LEU A 101 -14.22 -17.37 -13.54
N THR A 102 -14.86 -16.20 -13.60
CA THR A 102 -15.22 -15.62 -14.91
C THR A 102 -13.99 -15.23 -15.71
N GLU A 103 -12.85 -14.99 -15.05
CA GLU A 103 -11.60 -14.62 -15.68
C GLU A 103 -10.72 -15.82 -16.02
N SER A 104 -11.07 -17.01 -15.54
CA SER A 104 -10.30 -18.22 -15.80
C SER A 104 -10.61 -18.75 -17.19
N PRO A 105 -9.61 -18.93 -18.06
CA PRO A 105 -9.93 -19.29 -19.45
C PRO A 105 -10.56 -20.66 -19.57
N PHE A 106 -10.13 -21.61 -18.75
CA PHE A 106 -10.74 -22.93 -18.72
C PHE A 106 -11.59 -23.14 -17.46
N GLY A 107 -12.06 -22.04 -16.87
CA GLY A 107 -12.96 -22.18 -15.75
C GLY A 107 -14.26 -22.85 -16.17
N GLY A 108 -14.84 -23.56 -15.23
CA GLY A 108 -16.16 -24.14 -15.43
C GLY A 108 -16.74 -24.38 -14.06
N CYS A 109 -18.02 -24.72 -14.03
CA CYS A 109 -18.62 -25.15 -12.78
C CYS A 109 -19.62 -26.26 -13.03
N LEU A 110 -19.49 -27.33 -12.23
CA LEU A 110 -20.46 -28.42 -12.19
C LEU A 110 -21.51 -28.09 -11.12
N LEU A 111 -22.73 -27.83 -11.57
CA LEU A 111 -23.83 -27.34 -10.75
C LEU A 111 -24.91 -28.42 -10.64
N SER A 112 -25.42 -28.65 -9.43
CA SER A 112 -26.61 -29.47 -9.29
C SER A 112 -27.81 -28.69 -9.80
N GLU A 113 -28.81 -29.41 -10.30
CA GLU A 113 -29.97 -28.74 -10.89
C GLU A 113 -30.74 -27.89 -9.87
N ASN A 114 -30.71 -28.26 -8.59
CA ASN A 114 -31.39 -27.47 -7.58
C ASN A 114 -30.57 -26.29 -7.08
N GLU A 115 -29.32 -26.13 -7.56
CA GLU A 115 -28.42 -25.03 -7.20
C GLU A 115 -27.89 -25.10 -5.77
N GLU A 116 -28.01 -26.27 -5.11
CA GLU A 116 -27.41 -26.44 -3.80
C GLU A 116 -25.89 -26.65 -3.88
N VAL A 117 -25.40 -27.34 -4.91
CA VAL A 117 -23.99 -27.67 -5.02
C VAL A 117 -23.43 -26.97 -6.23
N SER A 118 -22.28 -26.33 -6.06
CA SER A 118 -21.55 -25.71 -7.17
C SER A 118 -20.09 -26.11 -7.04
N VAL A 119 -19.60 -26.96 -7.95
CA VAL A 119 -18.18 -27.34 -7.98
C VAL A 119 -17.48 -26.46 -9.00
N MET A 120 -16.69 -25.50 -8.52
CA MET A 120 -15.92 -24.67 -9.44
C MET A 120 -14.66 -25.41 -9.89
N LEU A 121 -14.34 -25.28 -11.18
CA LEU A 121 -13.18 -25.94 -11.76
C LEU A 121 -12.20 -24.92 -12.34
N ASN A 122 -10.93 -25.08 -12.00
CA ASN A 122 -9.84 -24.24 -12.55
C ASN A 122 -9.97 -22.81 -12.06
N GLU A 123 -10.25 -22.65 -10.77
CA GLU A 123 -10.23 -21.34 -10.13
C GLU A 123 -8.88 -21.25 -9.42
N GLU A 124 -8.85 -21.05 -8.11
CA GLU A 124 -7.57 -21.04 -7.42
C GLU A 124 -7.04 -22.44 -7.21
N ASP A 125 -7.94 -23.42 -7.12
CA ASP A 125 -7.62 -24.84 -7.12
C ASP A 125 -8.37 -25.49 -8.27
N HIS A 126 -8.00 -26.73 -8.61
CA HIS A 126 -8.71 -27.44 -9.68
C HIS A 126 -10.18 -27.62 -9.34
N ILE A 127 -10.47 -27.97 -8.10
CA ILE A 127 -11.81 -28.29 -7.66
C ILE A 127 -12.12 -27.45 -6.44
N ARG A 128 -13.25 -26.74 -6.47
CA ARG A 128 -13.79 -26.04 -5.31
C ARG A 128 -15.27 -26.41 -5.19
N ILE A 129 -15.56 -27.34 -4.29
CA ILE A 129 -16.92 -27.80 -4.01
C ILE A 129 -17.60 -26.77 -3.10
N GLN A 130 -18.71 -26.22 -3.56
CA GLN A 130 -19.48 -25.28 -2.75
C GLN A 130 -20.83 -25.89 -2.47
N CYS A 131 -21.24 -25.84 -1.21
CA CYS A 131 -22.59 -26.21 -0.80
C CYS A 131 -23.23 -25.02 -0.10
N LEU A 132 -24.38 -24.59 -0.59
CA LEU A 132 -25.06 -23.39 -0.15
C LEU A 132 -26.44 -23.76 0.36
N PHE A 133 -26.69 -23.50 1.64
CA PHE A 133 -27.96 -23.77 2.30
C PHE A 133 -28.60 -22.48 2.76
N PRO A 134 -29.94 -22.37 2.69
CA PRO A 134 -30.60 -21.20 3.28
C PRO A 134 -30.58 -21.24 4.79
N GLY A 135 -30.43 -20.08 5.41
CA GLY A 135 -30.42 -20.05 6.84
C GLY A 135 -29.12 -20.59 7.41
N PHE A 136 -29.22 -21.02 8.67
CA PHE A 136 -28.08 -21.40 9.50
C PHE A 136 -28.00 -22.94 9.55
N GLN A 137 -27.26 -23.54 8.62
CA GLN A 137 -27.11 -25.01 8.65
C GLN A 137 -25.72 -25.45 8.17
N LEU A 138 -24.70 -25.06 8.93
CA LEU A 138 -23.33 -25.40 8.53
C LEU A 138 -23.10 -26.92 8.58
N LEU A 139 -23.60 -27.61 9.61
CA LEU A 139 -23.41 -29.05 9.66
C LEU A 139 -24.10 -29.73 8.51
N GLU A 140 -25.33 -29.29 8.19
CA GLU A 140 -26.04 -29.85 7.04
C GLU A 140 -25.29 -29.58 5.75
N ALA A 141 -24.70 -28.38 5.61
CA ALA A 141 -23.92 -28.06 4.43
C ALA A 141 -22.62 -28.87 4.37
N MET A 142 -22.02 -29.15 5.53
CA MET A 142 -20.82 -29.97 5.54
C MET A 142 -21.12 -31.40 5.09
N LYS A 143 -22.26 -31.96 5.52
CA LYS A 143 -22.64 -33.30 5.06
C LYS A 143 -22.80 -33.35 3.55
N ALA A 144 -23.52 -32.39 2.97
CA ALA A 144 -23.63 -32.39 1.52
C ALA A 144 -22.25 -32.23 0.88
N ALA A 145 -21.41 -31.36 1.46
CA ALA A 145 -20.06 -31.21 0.94
C ALA A 145 -19.33 -32.54 0.95
N ASN A 146 -19.46 -33.31 2.03
CA ASN A 146 -18.78 -34.59 2.09
C ASN A 146 -19.34 -35.57 1.07
N GLN A 147 -20.66 -35.56 0.83
CA GLN A 147 -21.23 -36.42 -0.21
C GLN A 147 -20.62 -36.09 -1.57
N VAL A 148 -20.52 -34.81 -1.90
CA VAL A 148 -19.96 -34.43 -3.19
C VAL A 148 -18.48 -34.76 -3.23
N ASP A 149 -17.80 -34.57 -2.10
CA ASP A 149 -16.37 -34.89 -2.03
C ASP A 149 -16.15 -36.38 -2.29
N ASP A 150 -16.87 -37.25 -1.56
CA ASP A 150 -16.79 -38.68 -1.83
C ASP A 150 -17.09 -38.99 -3.27
N TRP A 151 -18.13 -38.35 -3.82
CA TRP A 151 -18.54 -38.59 -5.19
C TRP A 151 -17.39 -38.30 -6.16
N ILE A 152 -16.73 -37.16 -5.99
CA ILE A 152 -15.67 -36.77 -6.90
C ILE A 152 -14.45 -37.66 -6.71
N GLU A 153 -14.13 -38.02 -5.47
CA GLU A 153 -12.93 -38.80 -5.21
C GLU A 153 -13.00 -40.21 -5.80
N GLU A 154 -14.21 -40.71 -6.08
CA GLU A 154 -14.36 -42.01 -6.73
C GLU A 154 -13.67 -42.05 -8.07
N LYS A 155 -13.58 -40.92 -8.76
CA LYS A 155 -12.97 -40.87 -10.07
C LYS A 155 -11.81 -39.90 -10.17
N VAL A 156 -11.46 -39.20 -9.08
CA VAL A 156 -10.37 -38.22 -9.07
C VAL A 156 -9.46 -38.54 -7.89
N ASP A 157 -8.16 -38.52 -8.14
CA ASP A 157 -7.15 -38.76 -7.11
C ASP A 157 -6.64 -37.40 -6.61
N TYR A 158 -6.92 -37.11 -5.34
CA TYR A 158 -6.63 -35.81 -4.75
C TYR A 158 -5.17 -35.64 -4.35
N ALA A 159 -4.65 -34.43 -4.52
CA ALA A 159 -3.31 -34.09 -4.04
C ALA A 159 -3.34 -34.08 -2.52
N PHE A 160 -2.79 -35.13 -1.92
CA PHE A 160 -2.87 -35.40 -0.49
C PHE A 160 -1.54 -36.01 -0.04
N ASN A 161 -1.15 -35.71 1.19
CA ASN A 161 0.00 -36.36 1.81
C ASN A 161 -0.34 -36.48 3.30
N GLU A 162 0.18 -37.55 3.91
CA GLU A 162 -0.22 -37.91 5.29
C GLU A 162 0.22 -36.87 6.33
N GLN A 163 1.27 -36.11 6.06
CA GLN A 163 1.65 -35.18 7.15
C GLN A 163 1.09 -33.77 6.95
N ARG A 164 0.59 -33.44 5.76
CA ARG A 164 0.07 -32.06 5.57
C ARG A 164 -1.41 -32.05 5.22
N GLY A 165 -1.92 -33.16 4.71
CA GLY A 165 -3.32 -33.22 4.31
C GLY A 165 -3.49 -32.84 2.85
N TYR A 166 -4.68 -32.39 2.46
CA TYR A 166 -4.94 -31.97 1.07
C TYR A 166 -4.02 -30.82 0.70
N LEU A 167 -3.40 -30.90 -0.46
CA LEU A 167 -2.47 -29.86 -0.89
C LEU A 167 -3.24 -28.85 -1.75
N THR A 168 -3.19 -27.60 -1.34
CA THR A 168 -3.87 -26.53 -2.05
C THR A 168 -2.86 -25.48 -2.50
N SER A 169 -3.28 -24.62 -3.43
CA SER A 169 -2.39 -23.60 -3.94
C SER A 169 -2.01 -22.61 -2.84
N CYS A 170 -3.01 -22.06 -2.17
CA CYS A 170 -2.76 -21.17 -1.04
C CYS A 170 -2.14 -21.95 0.11
N PRO A 171 -0.95 -21.60 0.61
CA PRO A 171 -0.29 -22.43 1.62
C PRO A 171 -1.04 -22.53 2.92
N THR A 172 -1.80 -21.47 3.24
CA THR A 172 -2.64 -21.37 4.47
C THR A 172 -3.79 -22.38 4.37
N ASN A 173 -4.30 -22.58 3.16
CA ASN A 173 -5.45 -23.49 2.84
C ASN A 173 -5.07 -24.97 2.99
N VAL A 174 -3.77 -25.30 3.00
CA VAL A 174 -3.32 -26.72 3.12
C VAL A 174 -3.86 -27.30 4.43
N GLY A 175 -4.34 -28.55 4.37
CA GLY A 175 -4.90 -29.24 5.51
C GLY A 175 -6.25 -29.80 5.17
N THR A 176 -7.32 -29.12 5.58
CA THR A 176 -8.67 -29.56 5.24
C THR A 176 -9.14 -29.03 3.88
N GLY A 177 -8.60 -27.91 3.40
CA GLY A 177 -9.18 -27.27 2.24
C GLY A 177 -10.54 -26.69 2.49
N LEU A 178 -10.93 -26.59 3.76
CA LEU A 178 -12.29 -26.23 4.16
C LEU A 178 -12.34 -24.78 4.53
N ARG A 179 -13.36 -24.09 4.03
CA ARG A 179 -13.66 -22.67 4.41
C ARG A 179 -15.16 -22.58 4.65
N ALA A 180 -15.57 -22.02 5.78
CA ALA A 180 -17.02 -21.90 6.10
C ALA A 180 -17.39 -20.41 6.23
N SER A 181 -18.48 -20.01 5.57
CA SER A 181 -18.94 -18.60 5.66
C SER A 181 -20.45 -18.56 5.92
N VAL A 182 -20.92 -17.48 6.55
CA VAL A 182 -22.37 -17.30 6.82
C VAL A 182 -22.77 -15.91 6.37
N MET A 183 -23.90 -15.79 5.67
CA MET A 183 -24.40 -14.46 5.23
C MET A 183 -25.40 -13.99 6.29
N MET A 184 -25.15 -12.82 6.89
CA MET A 184 -26.00 -12.33 7.97
C MET A 184 -26.53 -10.92 7.70
N HIS A 185 -27.76 -10.69 8.11
CA HIS A 185 -28.41 -9.39 8.00
C HIS A 185 -28.45 -8.79 9.40
N LEU A 186 -27.65 -7.73 9.63
CA LEU A 186 -27.48 -7.17 10.96
C LEU A 186 -27.89 -5.71 11.01
N PRO A 187 -29.12 -5.37 10.61
CA PRO A 187 -29.49 -3.94 10.57
C PRO A 187 -29.51 -3.27 11.93
N ALA A 188 -29.92 -3.97 13.00
CA ALA A 188 -29.98 -3.31 14.31
C ALA A 188 -28.59 -3.02 14.85
N LEU A 189 -27.65 -3.96 14.67
CA LEU A 189 -26.29 -3.70 15.16
C LEU A 189 -25.62 -2.57 14.39
N VAL A 190 -26.00 -2.36 13.15
CA VAL A 190 -25.47 -1.21 12.43
C VAL A 190 -26.16 0.06 12.91
N LEU A 191 -27.50 0.02 12.93
CA LEU A 191 -28.30 1.16 13.32
C LEU A 191 -27.88 1.71 14.68
N THR A 192 -27.71 0.83 15.67
CA THR A 192 -27.29 1.24 17.00
C THR A 192 -25.79 1.53 17.12
N ARG A 193 -25.08 1.58 16.02
CA ARG A 193 -23.65 1.97 15.98
C ARG A 193 -22.80 1.02 16.80
N GLN A 194 -23.10 -0.27 16.76
CA GLN A 194 -22.36 -1.26 17.51
C GLN A 194 -21.45 -2.16 16.68
N ILE A 195 -21.67 -2.23 15.37
CA ILE A 195 -21.00 -3.23 14.55
C ILE A 195 -19.50 -2.93 14.39
N ASN A 196 -19.09 -1.67 14.46
CA ASN A 196 -17.67 -1.33 14.25
C ASN A 196 -16.82 -1.65 15.47
P RPI A 197 -16.12 -1.01 23.91
N RPI A 197 -17.50 -1.97 16.58
CA RPI A 197 -16.81 -2.40 17.78
CB RPI A 197 -17.40 -1.71 19.00
CG RPI A 197 -16.95 -0.25 19.10
CD RPI A 197 -17.70 0.51 20.20
NE RPI A 197 -17.14 0.21 21.50
CZ RPI A 197 -18.21 0.05 22.46
NH1 RPI A 197 -19.07 1.23 22.56
NH2 RPI A 197 -17.67 -0.34 23.74
O1P RPI A 197 -16.21 -2.03 25.00
O2P RPI A 197 -15.74 -1.72 22.63
O3P RPI A 197 -15.07 0.02 24.26
C RPI A 197 -16.95 -3.91 17.91
O RPI A 197 -16.57 -4.49 18.88
N ILE A 198 -17.52 -4.54 16.89
CA ILE A 198 -17.71 -5.97 16.95
C ILE A 198 -16.78 -6.61 15.93
N ILE A 199 -16.77 -6.06 14.72
CA ILE A 199 -15.92 -6.60 13.66
C ILE A 199 -14.48 -6.79 14.11
N PRO A 200 -13.81 -5.79 14.69
CA PRO A 200 -12.45 -6.04 15.16
C PRO A 200 -12.34 -7.22 16.09
N ALA A 201 -13.37 -7.50 16.90
CA ALA A 201 -13.30 -8.67 17.76
C ALA A 201 -13.41 -9.95 16.95
N ILE A 202 -14.29 -9.97 15.95
CA ILE A 202 -14.43 -11.15 15.09
C ILE A 202 -13.13 -11.45 14.36
N ASN A 203 -12.45 -10.43 13.85
CA ASN A 203 -11.17 -10.62 13.18
C ASN A 203 -10.12 -11.19 14.12
N GLN A 204 -10.29 -11.02 15.43
CA GLN A 204 -9.32 -11.58 16.36
C GLN A 204 -9.45 -13.10 16.45
N LEU A 205 -10.64 -13.64 16.23
CA LEU A 205 -10.89 -15.05 16.39
C LEU A 205 -10.53 -15.86 15.15
N GLY A 206 -9.72 -15.30 14.27
CA GLY A 206 -9.41 -16.03 13.06
C GLY A 206 -10.52 -16.03 12.03
N LEU A 207 -11.49 -15.14 12.14
CA LEU A 207 -12.52 -15.01 11.12
C LEU A 207 -12.33 -13.68 10.40
N VAL A 208 -13.03 -13.53 9.29
CA VAL A 208 -12.95 -12.31 8.51
C VAL A 208 -14.37 -11.89 8.13
N VAL A 209 -14.59 -10.58 8.03
CA VAL A 209 -15.89 -10.00 7.76
C VAL A 209 -15.79 -9.19 6.48
N ARG A 210 -16.74 -9.40 5.57
CA ARG A 210 -16.75 -8.73 4.29
C ARG A 210 -18.19 -8.35 3.97
N GLY A 211 -18.33 -7.47 2.97
CA GLY A 211 -19.66 -7.05 2.49
C GLY A 211 -20.31 -8.17 1.70
N ILE A 212 -21.47 -7.90 1.09
CA ILE A 212 -22.22 -8.94 0.31
C ILE A 212 -21.35 -9.38 -0.88
N TYR A 213 -20.63 -8.46 -1.51
CA TYR A 213 -19.79 -8.80 -2.69
C TYR A 213 -18.72 -9.82 -2.28
N GLY A 214 -18.08 -9.61 -1.13
CA GLY A 214 -17.02 -10.51 -0.64
C GLY A 214 -15.64 -9.93 -0.85
N GLU A 218 -17.03 -1.85 2.34
CA GLU A 218 -18.31 -1.42 2.89
C GLU A 218 -19.38 -2.51 2.85
N ALA A 219 -20.39 -2.36 3.68
CA ALA A 219 -21.40 -3.39 3.92
C ALA A 219 -22.78 -2.85 3.54
N VAL A 220 -23.00 -2.69 2.23
CA VAL A 220 -24.28 -2.18 1.76
C VAL A 220 -25.38 -3.18 2.07
N GLY A 221 -26.54 -2.65 2.46
CA GLY A 221 -27.70 -3.43 2.86
C GLY A 221 -27.58 -4.07 4.21
N ASN A 222 -26.58 -3.67 5.00
CA ASN A 222 -26.30 -4.23 6.33
C ASN A 222 -26.12 -5.75 6.27
N ILE A 223 -25.63 -6.26 5.15
CA ILE A 223 -25.40 -7.68 5.01
C ILE A 223 -23.91 -7.96 5.14
N PHE A 224 -23.56 -8.89 6.04
CA PHE A 224 -22.18 -9.23 6.35
C PHE A 224 -21.95 -10.72 6.14
N GLN A 225 -20.80 -11.03 5.54
CA GLN A 225 -20.38 -12.42 5.38
C GLN A 225 -19.21 -12.68 6.32
N ILE A 226 -19.39 -13.63 7.22
CA ILE A 226 -18.38 -14.01 8.20
C ILE A 226 -17.89 -15.40 7.79
N SER A 227 -16.58 -15.52 7.54
CA SER A 227 -16.01 -16.78 7.06
C SER A 227 -14.73 -17.10 7.83
N ASN A 228 -14.27 -18.34 7.69
CA ASN A 228 -13.00 -18.77 8.34
C ASN A 228 -11.84 -18.10 7.60
N GLN A 229 -10.93 -17.46 8.33
CA GLN A 229 -9.74 -16.81 7.72
C GLN A 229 -8.52 -17.69 7.98
N ILE A 230 -8.41 -18.22 9.20
CA ILE A 230 -7.26 -19.08 9.59
C ILE A 230 -7.72 -20.53 9.68
N THR A 231 -7.06 -21.43 8.93
CA THR A 231 -7.39 -22.85 8.97
C THR A 231 -6.18 -23.74 9.12
N LEU A 232 -4.97 -23.24 8.94
CA LEU A 232 -3.80 -24.08 9.07
C LEU A 232 -3.80 -24.71 10.45
N GLY A 233 -3.64 -26.04 10.50
CA GLY A 233 -3.59 -26.81 11.72
C GLY A 233 -4.92 -27.14 12.38
N LYS A 234 -6.02 -26.52 11.96
CA LYS A 234 -7.32 -26.79 12.57
C LYS A 234 -7.97 -28.00 11.91
N SER A 235 -8.69 -28.77 12.70
CA SER A 235 -9.48 -29.85 12.12
C SER A 235 -10.70 -29.24 11.44
N GLU A 236 -11.36 -30.06 10.61
CA GLU A 236 -12.64 -29.66 10.04
C GLU A 236 -13.62 -29.26 11.15
N GLN A 237 -13.68 -30.07 12.20
CA GLN A 237 -14.66 -29.84 13.27
C GLN A 237 -14.34 -28.54 14.01
N ASP A 238 -13.06 -28.22 14.18
CA ASP A 238 -12.70 -26.96 14.83
C ASP A 238 -13.03 -25.78 13.94
N ILE A 239 -12.83 -25.92 12.63
CA ILE A 239 -13.08 -24.83 11.70
C ILE A 239 -14.55 -24.44 11.73
N VAL A 240 -15.44 -25.44 11.71
CA VAL A 240 -16.88 -25.19 11.67
C VAL A 240 -17.38 -24.65 13.01
N GLU A 241 -16.80 -25.12 14.13
CA GLU A 241 -17.22 -24.62 15.44
C GLU A 241 -16.77 -23.18 15.68
N ASP A 242 -15.56 -22.82 15.23
CA ASP A 242 -15.09 -21.44 15.30
C ASP A 242 -16.06 -20.47 14.65
N LEU A 243 -16.62 -20.84 13.49
CA LEU A 243 -17.59 -19.95 12.85
C LEU A 243 -18.98 -20.08 13.46
N ASN A 244 -19.38 -21.31 13.78
CA ASN A 244 -20.71 -21.52 14.34
C ASN A 244 -20.88 -20.73 15.62
N SER A 245 -19.86 -20.76 16.47
CA SER A 245 -19.95 -20.12 17.77
C SER A 245 -20.09 -18.61 17.63
N VAL A 246 -19.29 -18.01 16.76
CA VAL A 246 -19.38 -16.58 16.55
C VAL A 246 -20.72 -16.21 15.92
N ALA A 247 -21.16 -16.96 14.92
CA ALA A 247 -22.45 -16.68 14.29
C ALA A 247 -23.59 -16.79 15.30
N ALA A 248 -23.56 -17.82 16.15
CA ALA A 248 -24.64 -17.96 17.12
C ALA A 248 -24.65 -16.79 18.09
N GLN A 249 -23.49 -16.27 18.47
CA GLN A 249 -23.45 -15.07 19.28
C GLN A 249 -24.06 -13.88 18.56
N LEU A 250 -23.69 -13.70 17.29
CA LEU A 250 -24.19 -12.57 16.51
C LEU A 250 -25.70 -12.65 16.34
N ILE A 251 -26.24 -13.86 16.16
CA ILE A 251 -27.68 -14.04 16.08
C ILE A 251 -28.33 -13.50 17.35
N GLU A 252 -27.77 -13.85 18.51
CA GLU A 252 -28.33 -13.38 19.79
C GLU A 252 -28.18 -11.88 19.95
N GLN A 253 -27.01 -11.35 19.62
CA GLN A 253 -26.79 -9.92 19.81
C GLN A 253 -27.64 -9.09 18.87
N GLU A 254 -27.78 -9.53 17.62
CA GLU A 254 -28.62 -8.79 16.68
C GLU A 254 -30.09 -8.86 17.08
N ARG A 255 -30.54 -10.01 17.60
CA ARG A 255 -31.93 -10.11 18.07
C ARG A 255 -32.19 -9.22 19.29
N SER A 256 -31.27 -9.21 20.26
CA SER A 256 -31.46 -8.35 21.43
C SER A 256 -31.53 -6.89 21.04
N ALA A 257 -30.63 -6.46 20.14
CA ALA A 257 -30.62 -5.08 19.69
C ALA A 257 -31.90 -4.71 18.94
N ARG A 258 -32.46 -5.66 18.17
CA ARG A 258 -33.74 -5.40 17.51
C ARG A 258 -34.84 -5.20 18.54
N GLU A 259 -34.92 -6.12 19.50
CA GLU A 259 -35.90 -5.98 20.57
C GLU A 259 -35.69 -4.69 21.35
N ALA A 260 -34.44 -4.26 21.50
CA ALA A 260 -34.16 -3.03 22.23
C ALA A 260 -34.72 -1.81 21.48
N ILE A 261 -34.33 -1.63 20.20
CA ILE A 261 -34.81 -0.45 19.49
C ILE A 261 -36.32 -0.47 19.30
N TYR A 262 -36.91 -1.66 19.11
CA TYR A 262 -38.37 -1.80 19.00
C TYR A 262 -39.09 -1.32 20.26
N GLN A 263 -38.50 -1.57 21.43
CA GLN A 263 -39.11 -1.24 22.70
C GLN A 263 -38.97 0.24 23.02
N THR A 264 -37.80 0.80 22.73
CA THR A 264 -37.49 2.17 23.11
C THR A 264 -37.86 3.20 22.06
N SER A 265 -37.83 2.86 20.77
CA SER A 265 -38.07 3.82 19.70
C SER A 265 -39.00 3.21 18.66
N LYS A 266 -40.15 2.76 19.15
CA LYS A 266 -41.10 2.01 18.32
C LYS A 266 -41.58 2.84 17.14
N ILE A 267 -42.09 4.05 17.39
CA ILE A 267 -42.68 4.82 16.31
C ILE A 267 -41.62 5.30 15.34
N GLU A 268 -40.43 5.65 15.83
CA GLU A 268 -39.36 6.08 14.94
C GLU A 268 -38.95 4.96 14.00
N LEU A 269 -38.96 3.73 14.50
CA LEU A 269 -38.59 2.58 13.70
C LEU A 269 -39.67 2.25 12.67
N GLU A 270 -40.94 2.34 13.06
CA GLU A 270 -42.01 2.14 12.08
C GLU A 270 -41.96 3.20 11.00
N ASP A 271 -41.68 4.44 11.38
CA ASP A 271 -41.55 5.50 10.39
C ASP A 271 -40.40 5.20 9.44
N ARG A 272 -39.26 4.73 9.98
CA ARG A 272 -38.11 4.40 9.15
C ARG A 272 -38.44 3.32 8.13
N VAL A 273 -39.07 2.23 8.60
CA VAL A 273 -39.23 1.09 7.68
C VAL A 273 -40.35 1.35 6.68
N TYR A 274 -41.43 2.03 7.10
CA TYR A 274 -42.51 2.30 6.16
C TYR A 274 -42.10 3.37 5.17
N ARG A 275 -41.28 4.33 5.61
CA ARG A 275 -40.74 5.28 4.64
C ARG A 275 -39.90 4.56 3.59
N SER A 276 -39.14 3.55 3.99
CA SER A 276 -38.37 2.79 3.01
C SER A 276 -39.29 1.98 2.09
N TYR A 277 -40.34 1.38 2.63
CA TYR A 277 -41.33 0.76 1.77
C TYR A 277 -41.93 1.80 0.83
N GLY A 278 -42.17 3.01 1.34
CA GLY A 278 -42.68 4.08 0.50
C GLY A 278 -41.81 4.35 -0.71
N VAL A 279 -40.50 4.42 -0.50
CA VAL A 279 -39.59 4.61 -1.62
C VAL A 279 -39.73 3.47 -2.63
N LEU A 280 -39.59 2.23 -2.15
CA LEU A 280 -39.57 1.10 -3.07
C LEU A 280 -40.86 1.01 -3.87
N SER A 281 -41.99 1.33 -3.25
CA SER A 281 -43.28 1.17 -3.96
C SER A 281 -43.64 2.34 -4.88
N ASN A 282 -42.97 3.49 -4.80
CA ASN A 282 -43.40 4.63 -5.66
C ASN A 282 -42.28 5.26 -6.49
N CYS A 283 -41.02 4.90 -6.28
CA CYS A 283 -39.89 5.59 -6.98
C CYS A 283 -39.85 5.28 -8.49
N ARG A 284 -39.36 6.26 -9.28
CA ARG A 284 -39.18 6.08 -10.71
C ARG A 284 -37.72 5.94 -11.10
N MET A 285 -36.79 6.24 -10.19
CA MET A 285 -35.36 6.03 -10.31
C MET A 285 -34.83 5.60 -8.95
N ILE A 286 -33.97 4.58 -8.93
CA ILE A 286 -33.30 4.18 -7.69
C ILE A 286 -32.04 3.42 -8.08
N GLU A 287 -30.94 3.73 -7.40
CA GLU A 287 -29.67 3.03 -7.54
C GLU A 287 -29.63 1.76 -6.70
N SER A 288 -28.59 0.96 -6.97
CA SER A 288 -28.32 -0.21 -6.15
C SER A 288 -28.11 0.17 -4.70
N LYS A 289 -27.36 1.26 -4.47
CA LYS A 289 -27.05 1.69 -3.12
C LYS A 289 -28.33 1.92 -2.31
N GLU A 290 -29.23 2.76 -2.84
CA GLU A 290 -30.44 3.07 -2.09
C GLU A 290 -31.36 1.86 -2.00
N THR A 291 -31.42 1.06 -3.07
CA THR A 291 -32.21 -0.17 -3.05
C THR A 291 -31.80 -1.02 -1.87
N ALA A 292 -30.49 -1.21 -1.69
CA ALA A 292 -29.99 -2.02 -0.60
C ALA A 292 -30.40 -1.45 0.74
N LYS A 293 -30.27 -0.13 0.91
CA LYS A 293 -30.68 0.53 2.14
C LYS A 293 -32.16 0.27 2.45
N CYS A 294 -33.02 0.43 1.44
CA CYS A 294 -34.45 0.32 1.65
C CYS A 294 -34.87 -1.13 1.88
N LEU A 295 -34.28 -2.06 1.11
CA LEU A 295 -34.62 -3.47 1.29
C LEU A 295 -34.25 -3.94 2.68
N SER A 296 -33.11 -3.46 3.19
CA SER A 296 -32.72 -3.80 4.56
C SER A 296 -33.76 -3.30 5.56
N ASP A 297 -34.19 -2.04 5.41
CA ASP A 297 -35.19 -1.48 6.29
C ASP A 297 -36.48 -2.28 6.26
N VAL A 298 -37.00 -2.56 5.06
CA VAL A 298 -38.26 -3.29 4.97
C VAL A 298 -38.11 -4.69 5.55
N ARG A 299 -36.99 -5.36 5.25
CA ARG A 299 -36.79 -6.70 5.80
C ARG A 299 -36.81 -6.66 7.33
N LEU A 300 -36.16 -5.64 7.92
CA LEU A 300 -36.23 -5.48 9.36
C LEU A 300 -37.66 -5.23 9.80
N GLY A 301 -38.43 -4.48 9.01
CA GLY A 301 -39.83 -4.27 9.34
C GLY A 301 -40.64 -5.55 9.31
N ILE A 302 -40.42 -6.38 8.27
CA ILE A 302 -41.10 -7.67 8.19
C ILE A 302 -40.77 -8.52 9.41
N ASP A 303 -39.47 -8.65 9.72
CA ASP A 303 -39.03 -9.52 10.81
C ASP A 303 -39.67 -9.13 12.14
N LEU A 304 -39.85 -7.83 12.37
CA LEU A 304 -40.40 -7.34 13.63
C LEU A 304 -41.92 -7.24 13.61
N GLY A 305 -42.57 -7.67 12.54
CA GLY A 305 -44.00 -7.59 12.49
C GLY A 305 -44.56 -6.21 12.20
N ILE A 306 -43.70 -5.23 11.90
CA ILE A 306 -44.18 -3.89 11.59
C ILE A 306 -44.73 -3.82 10.18
N ILE A 307 -44.06 -4.46 9.23
CA ILE A 307 -44.44 -4.41 7.82
C ILE A 307 -45.22 -5.68 7.56
N LYS A 308 -46.45 -5.51 7.10
CA LYS A 308 -47.38 -6.62 7.10
C LYS A 308 -47.64 -7.10 5.68
N GLY A 309 -47.99 -8.38 5.56
CA GLY A 309 -48.43 -8.92 4.29
C GLY A 309 -47.37 -9.05 3.22
N LEU A 310 -46.10 -9.09 3.57
CA LEU A 310 -45.01 -9.17 2.60
C LEU A 310 -44.00 -10.21 3.07
N SER A 311 -43.73 -11.22 2.25
CA SER A 311 -42.86 -12.30 2.68
C SER A 311 -41.37 -11.97 2.43
N SER A 312 -40.52 -12.44 3.33
CA SER A 312 -39.09 -12.18 3.21
C SER A 312 -38.51 -12.74 1.90
N ASN A 313 -39.08 -13.81 1.36
CA ASN A 313 -38.60 -14.36 0.09
C ASN A 313 -38.66 -13.35 -1.04
N ILE A 314 -39.69 -12.49 -1.05
CA ILE A 314 -39.76 -11.44 -2.08
C ILE A 314 -38.56 -10.51 -1.93
N LEU A 315 -38.15 -10.24 -0.70
CA LEU A 315 -37.03 -9.32 -0.48
C LEU A 315 -35.71 -9.95 -0.89
N ASN A 316 -35.47 -11.21 -0.50
CA ASN A 316 -34.27 -11.94 -0.94
C ASN A 316 -34.16 -11.95 -2.46
N GLU A 317 -35.28 -12.16 -3.14
CA GLU A 317 -35.30 -12.16 -4.59
C GLU A 317 -34.93 -10.80 -5.16
N LEU A 318 -35.51 -9.73 -4.61
CA LEU A 318 -35.19 -8.40 -5.10
C LEU A 318 -33.72 -8.01 -4.85
N MET A 319 -33.13 -8.45 -3.74
CA MET A 319 -31.73 -8.14 -3.46
C MET A 319 -30.83 -8.67 -4.58
N ILE A 320 -31.16 -9.84 -5.11
CA ILE A 320 -30.42 -10.37 -6.24
C ILE A 320 -30.93 -9.75 -7.54
N LEU A 321 -32.24 -9.71 -7.71
CA LEU A 321 -32.83 -9.27 -8.98
C LEU A 321 -32.41 -7.83 -9.34
N THR A 322 -32.17 -6.96 -8.35
CA THR A 322 -31.83 -5.57 -8.64
C THR A 322 -30.34 -5.33 -8.83
N GLN A 323 -29.51 -6.37 -8.71
CA GLN A 323 -28.11 -6.22 -9.04
C GLN A 323 -27.92 -5.83 -10.51
N PRO A 324 -26.84 -5.09 -10.82
CA PRO A 324 -26.66 -4.56 -12.19
C PRO A 324 -26.52 -5.62 -13.26
N GLY A 325 -25.87 -6.74 -12.97
CA GLY A 325 -25.78 -7.81 -13.97
C GLY A 325 -27.14 -8.43 -14.25
N PHE A 326 -27.83 -8.86 -13.18
CA PHE A 326 -29.12 -9.51 -13.34
C PHE A 326 -30.16 -8.57 -13.94
N LEU A 327 -30.16 -7.30 -13.53
CA LEU A 327 -31.11 -6.35 -14.08
C LEU A 327 -30.90 -6.17 -15.58
N GLN A 328 -29.64 -6.13 -16.03
CA GLN A 328 -29.38 -6.03 -17.47
C GLN A 328 -29.76 -7.30 -18.20
N GLN A 329 -29.38 -8.46 -17.65
CA GLN A 329 -29.83 -9.73 -18.23
C GLN A 329 -31.34 -9.77 -18.35
N TYR A 330 -32.07 -9.49 -17.25
CA TYR A 330 -33.53 -9.53 -17.25
C TYR A 330 -34.13 -8.56 -18.25
N SER A 331 -33.47 -7.43 -18.48
CA SER A 331 -33.98 -6.42 -19.39
C SER A 331 -33.50 -6.63 -20.82
N GLY A 332 -32.50 -7.50 -21.03
CA GLY A 332 -32.02 -7.82 -22.35
C GLY A 332 -30.97 -6.83 -22.82
N GLY A 333 -29.69 -7.17 -22.62
CA GLY A 333 -28.61 -6.31 -23.04
C GLY A 333 -28.12 -5.35 -21.97
N ALA A 334 -26.95 -4.78 -22.21
CA ALA A 334 -26.34 -3.84 -21.29
C ALA A 334 -27.13 -2.54 -21.24
N LEU A 335 -26.88 -1.76 -20.19
CA LEU A 335 -27.63 -0.54 -19.91
C LEU A 335 -26.72 0.47 -19.24
N ARG A 336 -26.87 1.74 -19.65
CA ARG A 336 -26.30 2.84 -18.91
C ARG A 336 -26.78 2.82 -17.46
N PRO A 337 -25.98 3.33 -16.52
CA PRO A 337 -26.42 3.43 -15.11
C PRO A 337 -27.78 4.12 -14.93
N ASN A 338 -28.01 5.22 -15.66
CA ASN A 338 -29.28 5.92 -15.60
C ASN A 338 -30.42 5.02 -16.04
N GLU A 339 -30.23 4.26 -17.12
CA GLU A 339 -31.29 3.38 -17.59
C GLU A 339 -31.58 2.30 -16.56
N ARG A 340 -30.53 1.78 -15.90
CA ARG A 340 -30.73 0.77 -14.86
C ARG A 340 -31.60 1.30 -13.75
N ASP A 341 -31.35 2.55 -13.32
CA ASP A 341 -32.10 3.10 -12.20
C ASP A 341 -33.57 3.21 -12.55
N ILE A 342 -33.89 3.49 -13.81
CA ILE A 342 -35.28 3.53 -14.25
C ILE A 342 -35.86 2.13 -14.30
N ARG A 343 -35.11 1.17 -14.85
CA ARG A 343 -35.64 -0.19 -14.95
C ARG A 343 -35.75 -0.83 -13.57
N ARG A 344 -34.78 -0.56 -12.70
CA ARG A 344 -34.83 -1.09 -11.34
C ARG A 344 -36.07 -0.60 -10.61
N ALA A 345 -36.33 0.70 -10.66
CA ALA A 345 -37.51 1.24 -9.98
C ALA A 345 -38.77 0.57 -10.47
N ALA A 346 -38.89 0.39 -11.79
CA ALA A 346 -40.07 -0.25 -12.36
C ALA A 346 -40.19 -1.69 -11.92
N LEU A 347 -39.08 -2.43 -11.92
CA LEU A 347 -39.13 -3.83 -11.50
C LEU A 347 -39.57 -3.95 -10.04
N ILE A 348 -38.94 -3.17 -9.15
CA ILE A 348 -39.26 -3.26 -7.72
C ILE A 348 -40.70 -2.84 -7.46
N ARG A 349 -41.11 -1.68 -7.96
CA ARG A 349 -42.46 -1.23 -7.66
C ARG A 349 -43.50 -2.19 -8.24
N GLU A 350 -43.24 -2.76 -9.41
CA GLU A 350 -44.23 -3.66 -10.00
C GLU A 350 -44.29 -5.00 -9.27
N ARG A 351 -43.12 -5.52 -8.88
CA ARG A 351 -43.05 -6.79 -8.13
C ARG A 351 -43.77 -6.60 -6.79
N LEU A 352 -43.60 -5.43 -6.17
CA LEU A 352 -44.21 -5.13 -4.88
C LEU A 352 -45.72 -4.94 -5.02
N HIS A 353 -46.13 -4.17 -6.02
CA HIS A 353 -47.55 -3.99 -6.26
C HIS A 353 -48.22 -5.32 -6.58
N LEU A 354 -47.47 -6.19 -7.22
CA LEU A 354 -48.01 -7.53 -7.55
C LEU A 354 -48.20 -8.33 -6.25
N GLU A 355 -47.22 -8.30 -5.36
CA GLU A 355 -47.31 -9.12 -4.12
C GLU A 355 -48.41 -8.61 -3.20
N MET A 356 -48.72 -7.33 -3.22
CA MET A 356 -49.79 -6.81 -2.34
C MET A 356 -51.15 -6.98 -3.02
N ASN A 357 -51.19 -7.38 -4.29
CA ASN A 357 -52.50 -7.59 -4.93
C ASN A 357 -52.84 -9.07 -4.81
N GLY A 358 -51.82 -9.92 -4.69
CA GLY A 358 -52.11 -11.33 -4.40
C GLY A 358 -52.61 -11.39 -2.99
N LYS A 359 -51.88 -10.74 -2.10
CA LYS A 359 -52.24 -10.65 -0.69
C LYS A 359 -53.58 -9.96 -0.50
N ARG A 360 -53.94 -9.02 -1.39
CA ARG A 360 -55.24 -8.39 -1.31
C ARG A 360 -56.34 -9.34 -1.81
N GLN A 361 -56.07 -10.07 -2.90
CA GLN A 361 -57.14 -10.76 -3.61
C GLN A 361 -57.31 -12.23 -3.18
N GLU A 362 -56.22 -12.92 -2.78
CA GLU A 362 -56.40 -14.27 -2.25
C GLU A 362 -56.89 -14.26 -0.81
N ASP A 363 -56.47 -13.23 -0.05
CA ASP A 363 -56.93 -13.02 1.34
C ASP A 363 -58.42 -12.63 1.34
N GLU A 364 -58.84 -11.89 0.32
CA GLU A 364 -60.24 -11.40 0.20
C GLU A 364 -61.20 -12.59 0.08
N SER A 365 -60.79 -13.61 -0.68
CA SER A 365 -61.64 -14.80 -0.93
C SER A 365 -62.02 -15.46 0.39
N ILE A 366 -61.10 -15.45 1.36
CA ILE A 366 -61.32 -16.08 2.65
C ILE A 366 -62.09 -15.10 3.54
N ALA B 2 -13.28 -24.76 32.56
CA ALA B 2 -11.93 -24.20 32.61
C ALA B 2 -11.16 -24.90 33.72
N SER B 3 -9.89 -25.20 33.47
CA SER B 3 -9.05 -25.82 34.51
C SER B 3 -8.74 -24.83 35.61
N MET B 4 -8.48 -25.36 36.81
CA MET B 4 -8.16 -24.50 37.94
C MET B 4 -6.82 -23.78 37.75
N SER B 5 -5.89 -24.38 37.00
CA SER B 5 -4.66 -23.65 36.73
C SER B 5 -4.87 -22.54 35.71
N LEU B 6 -5.83 -22.69 34.79
CA LEU B 6 -6.20 -21.59 33.92
C LEU B 6 -6.85 -20.45 34.70
N LYS B 7 -7.79 -20.77 35.60
CA LYS B 7 -8.51 -19.75 36.37
C LYS B 7 -7.56 -18.84 37.10
N HIS B 8 -6.45 -19.40 37.58
CA HIS B 8 -5.50 -18.63 38.36
C HIS B 8 -4.96 -17.44 37.55
N PHE B 9 -4.73 -17.64 36.25
CA PHE B 9 -4.16 -16.61 35.40
C PHE B 9 -5.19 -15.64 34.80
N ILE B 10 -6.47 -16.02 34.70
CA ILE B 10 -7.46 -15.13 34.10
C ILE B 10 -8.36 -14.47 35.13
N GLN B 11 -8.26 -14.82 36.41
CA GLN B 11 -9.24 -14.31 37.37
C GLN B 11 -8.89 -12.89 37.78
N ASP B 12 -7.62 -12.59 38.00
CA ASP B 12 -7.19 -11.29 38.50
C ASP B 12 -6.62 -10.44 37.36
N ALA B 13 -7.00 -9.17 37.35
CA ALA B 13 -6.52 -8.29 36.28
C ALA B 13 -5.07 -7.88 36.49
N LEU B 14 -4.67 -7.63 37.74
CA LEU B 14 -3.31 -7.23 38.10
C LEU B 14 -2.71 -8.26 39.06
N SER B 15 -1.66 -8.95 38.59
CA SER B 15 -0.94 -9.94 39.40
C SER B 15 -0.25 -9.27 40.58
N SER B 16 -0.06 -10.03 41.66
CA SER B 16 0.71 -9.50 42.78
C SER B 16 2.10 -9.10 42.32
N TRP B 17 2.68 -9.89 41.41
CA TRP B 17 4.00 -9.59 40.87
C TRP B 17 4.03 -8.20 40.25
N MET B 18 3.01 -7.87 39.45
CA MET B 18 3.02 -6.59 38.76
C MET B 18 2.52 -5.45 39.65
N LYS B 19 1.98 -5.74 40.84
CA LYS B 19 1.60 -4.69 41.78
C LYS B 19 2.78 -4.12 42.55
N GLN B 20 3.90 -4.82 42.57
CA GLN B 20 5.09 -4.32 43.24
C GLN B 20 5.59 -3.08 42.55
N LYS B 21 6.14 -2.16 43.34
CA LYS B 21 6.64 -0.89 42.80
C LYS B 21 8.00 -1.12 42.17
N GLY B 22 8.10 -0.85 40.88
CA GLY B 22 9.37 -0.89 40.20
C GLY B 22 9.95 0.51 40.06
N PRO B 23 11.19 0.60 39.60
CA PRO B 23 11.83 1.92 39.47
C PRO B 23 11.14 2.76 38.40
N GLU B 24 11.03 4.06 38.67
CA GLU B 24 10.44 5.02 37.72
C GLU B 24 9.02 4.63 37.35
N SER B 25 8.28 4.04 38.28
CA SER B 25 6.95 3.53 37.96
C SER B 25 5.92 4.63 37.70
N ASP B 26 6.25 5.91 37.94
CA ASP B 26 5.36 7.01 37.53
C ASP B 26 5.33 7.15 36.00
N ILE B 27 6.44 6.87 35.32
CA ILE B 27 6.53 6.98 33.87
C ILE B 27 6.56 5.61 33.19
N VAL B 28 7.33 4.68 33.71
CA VAL B 28 7.49 3.37 33.08
C VAL B 28 6.58 2.39 33.79
N LEU B 29 5.59 1.88 33.08
CA LEU B 29 4.67 0.95 33.69
C LEU B 29 5.26 -0.45 33.80
N SER B 30 5.94 -0.92 32.76
CA SER B 30 6.50 -2.28 32.76
C SER B 30 7.73 -2.34 31.87
N SER B 31 8.51 -3.41 32.08
CA SER B 31 9.65 -3.74 31.23
C SER B 31 9.50 -5.17 30.72
N ARG B 32 9.86 -5.39 29.45
CA ARG B 32 9.71 -6.71 28.85
C ARG B 32 11.01 -7.17 28.19
N ILE B 33 11.35 -8.44 28.41
CA ILE B 33 12.44 -9.09 27.69
C ILE B 33 11.86 -10.31 26.97
N ARG B 34 12.21 -10.46 25.70
CA ARG B 34 11.70 -11.57 24.90
C ARG B 34 12.87 -12.22 24.16
N LEU B 35 13.04 -13.52 24.35
CA LEU B 35 14.09 -14.30 23.69
C LEU B 35 13.42 -15.33 22.79
N ALA B 36 13.75 -15.30 21.50
CA ALA B 36 13.17 -16.20 20.51
C ALA B 36 14.15 -17.32 20.19
N ARG B 37 13.62 -18.55 20.13
CA ARG B 37 14.43 -19.70 19.78
C ARG B 37 13.57 -20.68 19.00
N ASN B 38 14.24 -21.59 18.31
CA ASN B 38 13.57 -22.69 17.64
C ASN B 38 14.26 -24.00 17.97
N PHE B 39 13.49 -25.07 17.90
CA PHE B 39 14.06 -26.39 18.08
C PHE B 39 14.98 -26.65 16.91
N GLU B 40 16.21 -26.95 17.22
CA GLU B 40 17.07 -27.52 16.22
C GLU B 40 16.47 -28.84 15.74
N HIS B 41 16.55 -29.08 14.42
CA HIS B 41 16.02 -30.26 13.70
C HIS B 41 14.50 -30.18 13.48
N ILE B 42 13.83 -29.12 13.89
CA ILE B 42 12.41 -28.95 13.58
C ILE B 42 12.22 -27.67 12.75
N ARG B 43 11.41 -27.76 11.70
CA ARG B 43 11.18 -26.62 10.83
C ARG B 43 10.47 -25.50 11.59
N PHE B 44 10.77 -24.27 11.18
CA PHE B 44 10.14 -23.10 11.84
C PHE B 44 8.63 -23.19 11.64
N PRO B 45 7.81 -22.48 12.42
CA PRO B 45 6.35 -22.54 12.32
C PRO B 45 5.80 -22.38 10.90
N THR B 46 6.38 -21.49 10.10
CA THR B 46 5.98 -21.28 8.70
C THR B 46 5.89 -22.61 7.95
N ARG B 47 6.88 -23.50 8.08
CA ARG B 47 6.87 -24.76 7.31
C ARG B 47 6.69 -26.02 8.16
N TYR B 48 6.47 -25.91 9.47
CA TYR B 48 6.33 -27.16 10.26
C TYR B 48 5.00 -27.87 10.02
N SER B 49 4.95 -29.12 10.47
CA SER B 49 3.75 -29.98 10.30
C SER B 49 3.01 -30.07 11.63
N ASN B 50 1.76 -30.52 11.58
CA ASN B 50 0.96 -30.68 12.80
C ASN B 50 1.63 -31.61 13.79
N GLU B 51 2.22 -32.71 13.30
CA GLU B 51 2.89 -33.64 14.19
C GLU B 51 4.07 -32.98 14.89
N GLU B 52 4.83 -32.18 14.17
CA GLU B 52 5.98 -31.50 14.77
C GLU B 52 5.57 -30.49 15.82
N ALA B 53 4.70 -29.54 15.44
CA ALA B 53 4.19 -28.55 16.38
C ALA B 53 3.61 -29.20 17.62
N SER B 54 2.84 -30.27 17.43
CA SER B 54 2.23 -30.95 18.55
C SER B 54 3.27 -31.57 19.48
N SER B 55 4.39 -32.05 18.91
CA SER B 55 5.42 -32.67 19.73
C SER B 55 6.12 -31.64 20.61
N ILE B 56 6.29 -30.43 20.08
CA ILE B 56 6.97 -29.35 20.84
C ILE B 56 6.15 -29.05 22.10
N ILE B 57 4.83 -28.95 21.96
CA ILE B 57 3.95 -28.68 23.13
C ILE B 57 3.99 -29.87 24.09
N GLN B 58 3.98 -31.10 23.55
CA GLN B 58 4.00 -32.31 24.40
C GLN B 58 5.30 -32.37 25.20
N GLN B 59 6.44 -32.06 24.58
CA GLN B 59 7.69 -32.09 25.32
C GLN B 59 7.68 -31.08 26.47
N PHE B 60 7.07 -29.92 26.26
CA PHE B 60 7.03 -28.95 27.35
C PHE B 60 6.12 -29.43 28.46
N GLU B 61 5.01 -30.08 28.11
CA GLU B 61 4.15 -30.68 29.13
C GLU B 61 4.88 -31.79 29.89
N ASP B 62 5.72 -32.56 29.18
CA ASP B 62 6.40 -33.67 29.85
C ASP B 62 7.44 -33.16 30.84
N GLN B 63 8.38 -32.36 30.33
CA GLN B 63 9.55 -31.94 31.16
C GLN B 63 9.41 -30.57 31.84
N PHE B 64 8.49 -29.70 31.41
CA PHE B 64 8.46 -28.37 32.07
C PHE B 64 7.17 -28.12 32.85
N SER B 65 6.09 -28.82 32.51
CA SER B 65 4.80 -28.59 33.21
C SER B 65 4.93 -29.01 34.68
N GLU B 66 4.39 -28.20 35.60
CA GLU B 66 4.40 -28.50 37.02
C GLU B 66 5.81 -28.50 37.63
N GLN B 67 6.85 -28.21 36.83
CA GLN B 67 8.22 -28.06 37.30
C GLN B 67 8.47 -26.63 37.78
N GLU B 68 9.57 -26.42 38.49
CA GLU B 68 9.82 -25.14 39.15
C GLU B 68 11.27 -24.70 38.93
N ILE B 69 11.48 -23.40 39.04
CA ILE B 69 12.80 -22.77 38.99
C ILE B 69 13.04 -22.09 40.33
N PRO B 70 14.19 -22.29 40.96
CA PRO B 70 14.49 -21.58 42.22
C PRO B 70 14.52 -20.08 42.01
N GLY B 71 13.77 -19.35 42.84
CA GLY B 71 13.74 -17.90 42.75
C GLY B 71 12.70 -17.34 41.80
N ILE B 72 12.06 -18.19 41.00
CA ILE B 72 11.02 -17.77 40.07
C ILE B 72 9.71 -18.50 40.36
N GLY B 73 9.77 -19.81 40.58
CA GLY B 73 8.61 -20.54 41.06
C GLY B 73 8.22 -21.69 40.16
N LYS B 74 7.00 -22.18 40.32
CA LYS B 74 6.48 -23.32 39.58
C LYS B 74 5.88 -22.84 38.26
N PHE B 75 6.04 -23.64 37.22
CA PHE B 75 5.46 -23.38 35.92
C PHE B 75 4.35 -24.37 35.63
N VAL B 76 3.42 -23.93 34.77
CA VAL B 76 2.31 -24.75 34.33
C VAL B 76 2.03 -24.45 32.86
N LEU B 77 1.69 -25.48 32.11
CA LEU B 77 1.41 -25.34 30.68
C LEU B 77 -0.08 -25.09 30.46
N ILE B 78 -0.39 -24.08 29.63
CA ILE B 78 -1.75 -23.83 29.14
C ILE B 78 -1.76 -24.09 27.65
N ARG B 79 -2.61 -25.00 27.20
CA ARG B 79 -2.76 -25.20 25.76
C ARG B 79 -3.84 -24.25 25.25
N MET B 80 -3.55 -23.55 24.14
CA MET B 80 -4.53 -22.67 23.55
C MET B 80 -5.80 -23.43 23.22
N ASN B 81 -5.66 -24.71 22.86
CA ASN B 81 -6.82 -25.53 22.55
C ASN B 81 -7.63 -25.88 23.77
N ASP B 82 -7.15 -25.61 24.99
CA ASP B 82 -7.91 -25.88 26.20
C ASP B 82 -8.55 -24.63 26.77
N ALA B 83 -8.54 -23.52 26.03
CA ALA B 83 -8.97 -22.23 26.54
C ALA B 83 -10.10 -21.69 25.69
N GLN B 84 -11.12 -21.19 26.36
CA GLN B 84 -12.21 -20.52 25.68
C GLN B 84 -11.71 -19.20 25.08
N PRO B 85 -12.38 -18.70 24.05
CA PRO B 85 -11.93 -17.43 23.42
C PRO B 85 -11.79 -16.27 24.40
N LEU B 86 -12.75 -16.07 25.32
CA LEU B 86 -12.62 -14.94 26.23
C LEU B 86 -11.49 -15.18 27.23
N GLU B 87 -11.26 -16.42 27.63
CA GLU B 87 -10.11 -16.75 28.47
C GLU B 87 -8.81 -16.35 27.79
N LYS B 88 -8.69 -16.66 26.50
CA LYS B 88 -7.53 -16.26 25.72
C LYS B 88 -7.44 -14.74 25.61
N ARG B 89 -8.57 -14.03 25.46
CA ARG B 89 -8.48 -12.58 25.34
C ARG B 89 -7.92 -11.97 26.62
N VAL B 90 -8.32 -12.51 27.78
CA VAL B 90 -7.79 -12.00 29.06
C VAL B 90 -6.26 -12.14 29.07
N LEU B 91 -5.77 -13.31 28.65
CA LEU B 91 -4.32 -13.54 28.62
C LEU B 91 -3.62 -12.53 27.71
N VAL B 92 -4.23 -12.20 26.57
CA VAL B 92 -3.73 -11.12 25.72
C VAL B 92 -3.80 -9.78 26.44
N GLU B 93 -4.93 -9.50 27.09
CA GLU B 93 -5.09 -8.17 27.65
C GLU B 93 -4.22 -7.98 28.89
N LYS B 94 -3.89 -9.07 29.59
CA LYS B 94 -2.89 -9.01 30.66
C LYS B 94 -1.46 -9.03 30.14
N HIS B 95 -1.25 -9.07 28.81
CA HIS B 95 0.08 -9.06 28.20
C HIS B 95 0.86 -10.33 28.44
N LEU B 96 0.19 -11.42 28.78
CA LEU B 96 0.91 -12.67 28.98
C LEU B 96 1.17 -13.37 27.65
N ILE B 97 0.24 -13.25 26.69
CA ILE B 97 0.40 -13.87 25.37
C ILE B 97 0.13 -12.83 24.29
N SER B 98 0.56 -13.14 23.10
CA SER B 98 0.32 -12.29 21.95
C SER B 98 -1.01 -12.66 21.33
N PRO B 99 -1.64 -11.74 20.58
CA PRO B 99 -2.87 -12.12 19.87
C PRO B 99 -2.66 -13.28 18.93
N ASN B 100 -1.50 -13.32 18.27
CA ASN B 100 -1.20 -14.38 17.31
C ASN B 100 -1.19 -15.75 17.96
N LEU B 101 -0.80 -15.85 19.23
CA LEU B 101 -0.80 -17.15 19.88
C LEU B 101 -2.20 -17.72 20.03
N THR B 102 -3.22 -16.87 20.19
CA THR B 102 -4.59 -17.36 20.37
C THR B 102 -5.10 -18.10 19.14
N GLU B 103 -4.52 -17.84 17.98
CA GLU B 103 -4.88 -18.44 16.71
C GLU B 103 -4.05 -19.67 16.37
N SER B 104 -3.00 -19.98 17.13
CA SER B 104 -2.16 -21.12 16.82
C SER B 104 -2.86 -22.40 17.29
N PRO B 105 -3.10 -23.36 16.41
CA PRO B 105 -3.85 -24.55 16.84
C PRO B 105 -3.09 -25.37 17.87
N PHE B 106 -1.77 -25.40 17.76
CA PHE B 106 -0.93 -26.04 18.78
C PHE B 106 -0.21 -25.00 19.63
N GLY B 107 -0.74 -23.79 19.68
CA GLY B 107 -0.19 -22.78 20.56
C GLY B 107 -0.33 -23.17 22.01
N GLY B 108 0.61 -22.68 22.80
CA GLY B 108 0.52 -22.89 24.23
C GLY B 108 1.41 -21.87 24.89
N CYS B 109 1.28 -21.80 26.22
CA CYS B 109 2.18 -20.98 26.99
C CYS B 109 2.48 -21.67 28.30
N LEU B 110 3.77 -21.77 28.59
CA LEU B 110 4.27 -22.25 29.86
C LEU B 110 4.45 -21.02 30.74
N LEU B 111 3.60 -20.88 31.75
CA LEU B 111 3.51 -19.69 32.59
C LEU B 111 4.06 -19.97 33.99
N SER B 112 4.85 -19.04 34.52
CA SER B 112 5.13 -19.10 35.95
C SER B 112 3.89 -18.67 36.76
N GLU B 113 3.73 -19.27 37.94
CA GLU B 113 2.54 -19.02 38.75
C GLU B 113 2.42 -17.57 39.14
N ASN B 114 3.54 -16.87 39.29
CA ASN B 114 3.53 -15.46 39.66
C ASN B 114 3.32 -14.53 38.48
N GLU B 115 3.26 -15.09 37.26
CA GLU B 115 3.03 -14.41 35.98
C GLU B 115 4.21 -13.56 35.53
N GLU B 116 5.37 -13.72 36.15
CA GLU B 116 6.57 -13.00 35.72
C GLU B 116 7.11 -13.56 34.41
N VAL B 117 7.01 -14.88 34.21
CA VAL B 117 7.57 -15.50 33.03
C VAL B 117 6.43 -16.11 32.22
N SER B 118 6.44 -15.86 30.91
CA SER B 118 5.49 -16.49 30.00
C SER B 118 6.26 -16.95 28.76
N VAL B 119 6.41 -18.27 28.60
CA VAL B 119 7.10 -18.88 27.45
C VAL B 119 6.04 -19.31 26.43
N MET B 120 5.93 -18.55 25.33
CA MET B 120 4.98 -18.90 24.30
C MET B 120 5.51 -20.05 23.45
N LEU B 121 4.62 -20.98 23.11
CA LEU B 121 4.99 -22.14 22.33
C LEU B 121 4.19 -22.17 21.04
N ASN B 122 4.91 -22.35 19.93
CA ASN B 122 4.32 -22.52 18.60
C ASN B 122 3.61 -21.24 18.14
N GLU B 123 4.29 -20.11 18.33
CA GLU B 123 3.84 -18.85 17.76
C GLU B 123 4.64 -18.56 16.48
N GLU B 124 5.35 -17.44 16.39
CA GLU B 124 6.13 -17.21 15.17
C GLU B 124 7.42 -18.02 15.21
N ASP B 125 7.91 -18.33 16.41
CA ASP B 125 8.97 -19.29 16.66
C ASP B 125 8.44 -20.37 17.61
N HIS B 126 9.16 -21.49 17.69
CA HIS B 126 8.75 -22.56 18.58
C HIS B 126 8.71 -22.10 20.03
N ILE B 127 9.69 -21.30 20.43
CA ILE B 127 9.86 -20.86 21.81
C ILE B 127 9.96 -19.35 21.82
N ARG B 128 9.15 -18.72 22.69
CA ARG B 128 9.24 -17.28 22.93
C ARG B 128 9.19 -17.04 24.43
N ILE B 129 10.35 -16.86 25.04
CA ILE B 129 10.46 -16.56 26.46
C ILE B 129 10.16 -15.09 26.65
N GLN B 130 9.11 -14.78 27.43
CA GLN B 130 8.82 -13.41 27.82
C GLN B 130 9.03 -13.29 29.32
N CYS B 131 9.71 -12.23 29.74
CA CYS B 131 9.79 -11.86 31.14
C CYS B 131 9.26 -10.44 31.24
N LEU B 132 8.29 -10.24 32.12
CA LEU B 132 7.57 -8.99 32.28
C LEU B 132 7.75 -8.51 33.71
N PHE B 133 8.35 -7.33 33.87
CA PHE B 133 8.64 -6.73 35.17
C PHE B 133 7.89 -5.40 35.35
N PRO B 134 7.46 -5.09 36.57
CA PRO B 134 6.87 -3.77 36.83
C PRO B 134 7.95 -2.70 36.88
N GLY B 135 7.60 -1.51 36.40
CA GLY B 135 8.56 -0.42 36.38
C GLY B 135 9.65 -0.62 35.32
N PHE B 136 10.76 0.07 35.55
CA PHE B 136 11.90 0.19 34.62
C PHE B 136 13.05 -0.69 35.09
N GLN B 137 13.06 -1.96 34.70
CA GLN B 137 14.15 -2.80 35.16
C GLN B 137 14.47 -3.84 34.09
N LEU B 138 14.94 -3.34 32.94
CA LEU B 138 15.26 -4.21 31.81
C LEU B 138 16.40 -5.16 32.15
N LEU B 139 17.42 -4.68 32.88
CA LEU B 139 18.55 -5.55 33.22
C LEU B 139 18.10 -6.73 34.09
N GLU B 140 17.29 -6.45 35.12
CA GLU B 140 16.74 -7.54 35.95
C GLU B 140 15.85 -8.45 35.13
N ALA B 141 15.06 -7.89 34.23
CA ALA B 141 14.24 -8.76 33.39
C ALA B 141 15.12 -9.60 32.48
N MET B 142 16.26 -9.04 32.04
CA MET B 142 17.20 -9.78 31.20
C MET B 142 17.86 -10.94 31.96
N LYS B 143 18.23 -10.73 33.23
CA LYS B 143 18.76 -11.82 34.04
C LYS B 143 17.74 -12.94 34.19
N ALA B 144 16.48 -12.59 34.49
CA ALA B 144 15.46 -13.61 34.64
C ALA B 144 15.25 -14.37 33.35
N ALA B 145 15.24 -13.66 32.22
CA ALA B 145 15.09 -14.31 30.93
C ALA B 145 16.22 -15.32 30.70
N ASN B 146 17.46 -14.92 31.00
CA ASN B 146 18.59 -15.82 30.80
C ASN B 146 18.49 -17.05 31.71
N GLN B 147 18.00 -16.85 32.94
CA GLN B 147 17.75 -17.98 33.83
C GLN B 147 16.74 -18.95 33.22
N VAL B 148 15.68 -18.42 32.62
CA VAL B 148 14.69 -19.25 31.98
C VAL B 148 15.26 -19.90 30.73
N ASP B 149 16.10 -19.16 30.01
CA ASP B 149 16.74 -19.68 28.80
C ASP B 149 17.62 -20.89 29.12
N ASP B 150 18.45 -20.79 30.16
CA ASP B 150 19.27 -21.92 30.58
C ASP B 150 18.42 -23.14 30.92
N TRP B 151 17.33 -22.92 31.65
CA TRP B 151 16.43 -23.99 32.08
C TRP B 151 15.90 -24.76 30.88
N ILE B 152 15.46 -24.04 29.84
CA ILE B 152 14.91 -24.71 28.67
C ILE B 152 16.01 -25.43 27.91
N GLU B 153 17.19 -24.81 27.81
CA GLU B 153 18.28 -25.39 27.04
C GLU B 153 18.79 -26.67 27.66
N GLU B 154 18.49 -26.93 28.94
CA GLU B 154 18.78 -28.23 29.52
C GLU B 154 18.10 -29.36 28.78
N LYS B 155 16.93 -29.11 28.19
CA LYS B 155 16.19 -30.16 27.55
C LYS B 155 15.88 -29.89 26.08
N VAL B 156 16.26 -28.73 25.55
CA VAL B 156 15.96 -28.37 24.17
C VAL B 156 17.24 -27.91 23.51
N ASP B 157 17.50 -28.39 22.29
CA ASP B 157 18.65 -27.97 21.51
C ASP B 157 18.18 -26.86 20.57
N TYR B 158 18.72 -25.66 20.76
CA TYR B 158 18.30 -24.50 20.03
C TYR B 158 18.92 -24.48 18.64
N ALA B 159 18.15 -24.00 17.65
CA ALA B 159 18.66 -23.80 16.30
C ALA B 159 19.69 -22.68 16.34
N PHE B 160 20.96 -23.05 16.20
CA PHE B 160 22.10 -22.14 16.34
C PHE B 160 23.21 -22.60 15.41
N ASN B 161 23.96 -21.63 14.88
CA ASN B 161 25.19 -21.86 14.12
C ASN B 161 26.12 -20.69 14.40
N GLU B 162 27.40 -20.89 14.13
CA GLU B 162 28.41 -19.95 14.60
C GLU B 162 28.47 -18.65 13.80
N GLN B 163 28.05 -18.64 12.53
CA GLN B 163 28.09 -17.41 11.76
C GLN B 163 26.91 -16.50 12.08
N ARG B 164 25.75 -17.08 12.37
CA ARG B 164 24.53 -16.30 12.41
C ARG B 164 23.96 -16.10 13.80
N GLY B 165 24.20 -17.03 14.73
CA GLY B 165 23.58 -16.99 16.04
C GLY B 165 22.30 -17.80 16.07
N TYR B 166 21.38 -17.46 16.97
CA TYR B 166 20.10 -18.14 17.03
C TYR B 166 19.28 -17.90 15.76
N LEU B 167 18.80 -19.00 15.17
CA LEU B 167 18.06 -18.99 13.91
C LEU B 167 16.57 -18.81 14.20
N THR B 168 15.98 -17.76 13.62
CA THR B 168 14.59 -17.38 13.80
C THR B 168 13.85 -17.36 12.47
N SER B 169 12.53 -17.29 12.55
CA SER B 169 11.71 -17.31 11.35
C SER B 169 11.95 -16.07 10.50
N CYS B 170 11.74 -14.88 11.08
CA CYS B 170 12.01 -13.62 10.37
C CYS B 170 13.52 -13.38 10.26
N PRO B 171 14.06 -13.16 9.06
CA PRO B 171 15.53 -13.11 8.90
C PRO B 171 16.22 -12.00 9.69
N THR B 172 15.49 -10.97 10.10
CA THR B 172 16.08 -9.85 10.83
C THR B 172 16.18 -10.07 12.34
N ASN B 173 15.46 -11.07 12.91
CA ASN B 173 15.67 -11.40 14.32
C ASN B 173 16.84 -12.36 14.53
N VAL B 174 17.46 -12.87 13.46
CA VAL B 174 18.57 -13.80 13.58
C VAL B 174 19.69 -13.16 14.40
N GLY B 175 20.31 -13.97 15.26
CA GLY B 175 21.40 -13.48 16.09
C GLY B 175 21.17 -13.73 17.57
N THR B 176 20.74 -12.70 18.28
CA THR B 176 20.45 -12.87 19.70
C THR B 176 19.05 -13.41 19.93
N GLY B 177 18.14 -13.18 18.99
CA GLY B 177 16.74 -13.48 19.21
C GLY B 177 16.09 -12.61 20.25
N LEU B 178 16.72 -11.50 20.61
CA LEU B 178 16.35 -10.66 21.75
C LEU B 178 15.55 -9.47 21.29
N ARG B 179 14.44 -9.21 21.97
CA ARG B 179 13.69 -7.98 21.78
C ARG B 179 13.31 -7.44 23.14
N ALA B 180 13.64 -6.19 23.37
CA ALA B 180 13.30 -5.53 24.61
C ALA B 180 12.27 -4.45 24.33
N SER B 181 11.39 -4.21 25.31
CA SER B 181 10.35 -3.20 25.16
C SER B 181 10.00 -2.64 26.54
N VAL B 182 9.62 -1.39 26.57
CA VAL B 182 9.15 -0.76 27.80
C VAL B 182 7.80 -0.14 27.49
N MET B 183 6.91 -0.20 28.46
CA MET B 183 5.61 0.43 28.37
C MET B 183 5.65 1.71 29.19
N MET B 184 5.32 2.84 28.55
CA MET B 184 5.50 4.14 29.17
C MET B 184 4.23 4.98 29.11
N HIS B 185 4.01 5.77 30.19
CA HIS B 185 2.88 6.68 30.30
C HIS B 185 3.40 8.09 30.11
N LEU B 186 3.02 8.71 29.00
CA LEU B 186 3.58 10.00 28.62
C LEU B 186 2.53 11.10 28.44
N PRO B 187 1.64 11.34 29.42
CA PRO B 187 0.55 12.30 29.17
C PRO B 187 1.02 13.73 28.96
N ALA B 188 2.07 14.16 29.66
CA ALA B 188 2.51 15.54 29.52
C ALA B 188 3.09 15.80 28.14
N LEU B 189 3.87 14.86 27.60
CA LEU B 189 4.38 15.06 26.24
C LEU B 189 3.25 15.03 25.21
N VAL B 190 2.14 14.37 25.53
CA VAL B 190 1.00 14.42 24.61
C VAL B 190 0.26 15.75 24.75
N LEU B 191 -0.08 16.13 25.98
CA LEU B 191 -0.83 17.37 26.23
C LEU B 191 -0.18 18.58 25.56
N THR B 192 1.13 18.75 25.76
CA THR B 192 1.89 19.85 25.20
C THR B 192 2.28 19.64 23.74
N ARG B 193 1.77 18.62 23.06
CA ARG B 193 2.00 18.43 21.62
C ARG B 193 3.47 18.22 21.26
N GLN B 194 4.20 17.46 22.07
CA GLN B 194 5.61 17.22 21.83
C GLN B 194 5.92 15.81 21.35
N ILE B 195 5.00 14.85 21.51
CA ILE B 195 5.30 13.44 21.25
C ILE B 195 5.50 13.20 19.75
N ASN B 196 4.82 13.96 18.90
CA ASN B 196 4.93 13.74 17.48
C ASN B 196 6.24 14.27 16.90
P RPI B 197 11.80 20.75 16.35
N RPI B 197 6.99 15.06 17.67
CA RPI B 197 8.31 15.52 17.24
CB RPI B 197 8.52 17.02 17.54
CG RPI B 197 7.73 17.91 16.61
CD RPI B 197 7.77 19.38 17.04
NE RPI B 197 9.00 20.02 16.63
CZ RPI B 197 9.45 20.84 17.74
NH1 RPI B 197 8.45 21.83 18.07
NH2 RPI B 197 10.68 21.49 17.41
O1P RPI B 197 11.67 19.24 16.41
O2P RPI B 197 11.50 21.26 14.98
O3P RPI B 197 13.19 21.17 16.72
C RPI B 197 9.39 14.69 17.95
O RPI B 197 10.54 14.93 17.80
N ILE B 198 8.94 13.73 18.74
CA ILE B 198 9.82 12.83 19.49
C ILE B 198 9.84 11.46 18.83
N ILE B 199 8.64 10.99 18.46
CA ILE B 199 8.51 9.68 17.84
C ILE B 199 9.42 9.51 16.61
N PRO B 200 9.42 10.42 15.63
CA PRO B 200 10.36 10.23 14.51
C PRO B 200 11.81 10.15 14.95
N ALA B 201 12.19 10.81 16.04
CA ALA B 201 13.58 10.72 16.51
C ALA B 201 13.88 9.33 17.09
N ILE B 202 12.90 8.76 17.81
CA ILE B 202 13.04 7.40 18.34
C ILE B 202 13.20 6.38 17.22
N ASN B 203 12.42 6.55 16.15
CA ASN B 203 12.48 5.65 15.00
C ASN B 203 13.83 5.71 14.30
N GLN B 204 14.53 6.84 14.38
CA GLN B 204 15.84 6.91 13.75
C GLN B 204 16.86 6.07 14.50
N LEU B 205 16.66 5.85 15.79
CA LEU B 205 17.57 5.05 16.58
C LEU B 205 17.31 3.57 16.50
N GLY B 206 16.59 3.09 15.50
CA GLY B 206 16.37 1.67 15.44
C GLY B 206 15.35 1.15 16.44
N LEU B 207 14.52 2.03 16.99
CA LEU B 207 13.45 1.62 17.87
C LEU B 207 12.11 1.87 17.18
N VAL B 208 11.06 1.36 17.81
CA VAL B 208 9.72 1.46 17.28
C VAL B 208 8.75 1.85 18.40
N VAL B 209 7.71 2.61 18.04
CA VAL B 209 6.70 3.11 18.98
C VAL B 209 5.34 2.58 18.55
N ARG B 210 4.58 2.06 19.49
CA ARG B 210 3.28 1.49 19.19
C ARG B 210 2.30 1.88 20.28
N GLY B 211 1.03 1.62 19.99
CA GLY B 211 -0.08 1.85 20.88
C GLY B 211 -0.14 0.84 22.01
N ILE B 212 -1.23 0.93 22.77
CA ILE B 212 -1.39 0.26 24.07
C ILE B 212 -1.03 -1.22 23.97
N TYR B 213 -1.41 -1.87 22.87
CA TYR B 213 -1.01 -3.27 22.62
C TYR B 213 -0.15 -3.39 21.35
N SER B 217 -1.38 2.13 16.29
CA SER B 217 -1.04 3.46 15.80
C SER B 217 -1.37 4.57 16.82
N GLU B 218 -2.67 4.77 17.08
CA GLU B 218 -3.11 5.78 18.04
C GLU B 218 -2.80 5.33 19.46
N ALA B 219 -2.34 6.28 20.28
CA ALA B 219 -1.85 5.97 21.62
C ALA B 219 -2.93 6.26 22.66
N VAL B 220 -3.95 5.40 22.65
CA VAL B 220 -5.08 5.58 23.56
C VAL B 220 -4.59 5.43 25.00
N GLY B 221 -4.99 6.36 25.86
CA GLY B 221 -4.48 6.39 27.22
C GLY B 221 -3.08 6.97 27.36
N ASN B 222 -2.54 7.58 26.31
CA ASN B 222 -1.19 8.14 26.31
C ASN B 222 -0.14 7.11 26.71
N ILE B 223 -0.42 5.84 26.40
CA ILE B 223 0.50 4.76 26.71
C ILE B 223 1.22 4.35 25.42
N PHE B 224 2.55 4.33 25.48
CA PHE B 224 3.38 4.04 24.33
C PHE B 224 4.27 2.85 24.66
N GLN B 225 4.41 1.96 23.70
CA GLN B 225 5.31 0.81 23.80
C GLN B 225 6.53 1.09 22.94
N ILE B 226 7.70 1.15 23.58
CA ILE B 226 8.96 1.40 22.85
C ILE B 226 9.77 0.10 22.87
N SER B 227 9.95 -0.50 21.70
CA SER B 227 10.67 -1.77 21.57
C SER B 227 11.89 -1.59 20.66
N ASN B 228 12.71 -2.61 20.62
CA ASN B 228 13.89 -2.64 19.73
C ASN B 228 13.38 -2.96 18.33
N GLN B 229 13.85 -2.22 17.34
CA GLN B 229 13.40 -2.51 15.95
C GLN B 229 14.53 -3.22 15.20
N ILE B 230 15.74 -2.67 15.28
CA ILE B 230 16.91 -3.26 14.56
C ILE B 230 17.78 -4.02 15.57
N THR B 231 17.98 -5.32 15.33
CA THR B 231 18.81 -6.11 16.19
C THR B 231 19.89 -6.85 15.44
N LEU B 232 19.76 -6.99 14.11
CA LEU B 232 20.72 -7.74 13.31
C LEU B 232 22.11 -7.20 13.50
N GLY B 233 23.06 -8.08 13.85
CA GLY B 233 24.43 -7.69 14.08
C GLY B 233 24.72 -7.04 15.41
N LYS B 234 23.69 -6.66 16.18
CA LYS B 234 23.86 -6.00 17.47
C LYS B 234 24.00 -7.07 18.55
N SER B 235 24.82 -6.79 19.55
CA SER B 235 24.92 -7.66 20.70
C SER B 235 23.69 -7.52 21.61
N GLU B 236 23.51 -8.52 22.50
CA GLU B 236 22.52 -8.41 23.56
C GLU B 236 22.69 -7.10 24.32
N GLN B 237 23.95 -6.77 24.66
CA GLN B 237 24.25 -5.59 25.46
C GLN B 237 23.88 -4.31 24.74
N ASP B 238 24.11 -4.25 23.43
CA ASP B 238 23.79 -3.05 22.69
C ASP B 238 22.29 -2.91 22.51
N ILE B 239 21.59 -4.03 22.37
CA ILE B 239 20.14 -3.99 22.16
C ILE B 239 19.47 -3.38 23.39
N VAL B 240 19.86 -3.83 24.56
CA VAL B 240 19.22 -3.37 25.78
C VAL B 240 19.59 -1.92 26.05
N GLU B 241 20.85 -1.55 25.78
CA GLU B 241 21.28 -0.20 26.09
C GLU B 241 20.68 0.82 25.12
N ASP B 242 20.53 0.46 23.84
CA ASP B 242 19.84 1.33 22.89
C ASP B 242 18.46 1.71 23.39
N LEU B 243 17.75 0.74 23.96
CA LEU B 243 16.42 1.02 24.48
C LEU B 243 16.49 1.70 25.84
N ASN B 244 17.41 1.26 26.70
CA ASN B 244 17.48 1.82 28.04
C ASN B 244 17.80 3.30 28.05
N SER B 245 18.76 3.72 27.22
CA SER B 245 19.16 5.13 27.21
C SER B 245 18.04 6.02 26.69
N VAL B 246 17.37 5.59 25.61
CA VAL B 246 16.23 6.32 25.09
C VAL B 246 15.09 6.35 26.11
N ALA B 247 14.82 5.21 26.77
CA ALA B 247 13.77 5.17 27.79
C ALA B 247 14.07 6.15 28.91
N ALA B 248 15.33 6.22 29.33
CA ALA B 248 15.73 7.13 30.39
C ALA B 248 15.59 8.58 29.95
N GLN B 249 15.87 8.88 28.69
CA GLN B 249 15.68 10.24 28.19
C GLN B 249 14.21 10.63 28.24
N LEU B 250 13.32 9.72 27.83
CA LEU B 250 11.89 10.00 27.86
C LEU B 250 11.40 10.19 29.29
N ILE B 251 11.92 9.39 30.23
CA ILE B 251 11.58 9.59 31.64
C ILE B 251 11.89 11.01 32.08
N GLU B 252 13.08 11.52 31.71
CA GLU B 252 13.44 12.87 32.13
C GLU B 252 12.59 13.93 31.44
N GLN B 253 12.36 13.77 30.14
CA GLN B 253 11.59 14.75 29.39
C GLN B 253 10.14 14.77 29.83
N GLU B 254 9.55 13.59 30.07
CA GLU B 254 8.15 13.57 30.48
C GLU B 254 7.99 14.16 31.87
N ARG B 255 8.96 13.91 32.75
CA ARG B 255 8.92 14.50 34.09
C ARG B 255 9.05 16.02 34.03
N SER B 256 9.94 16.55 33.18
CA SER B 256 10.03 18.00 33.02
C SER B 256 8.76 18.59 32.44
N ALA B 257 8.20 17.93 31.44
CA ALA B 257 6.97 18.42 30.84
C ALA B 257 5.84 18.42 31.86
N ARG B 258 5.81 17.40 32.74
CA ARG B 258 4.82 17.37 33.82
C ARG B 258 5.02 18.52 34.78
N GLU B 259 6.25 18.72 35.25
CA GLU B 259 6.54 19.81 36.18
C GLU B 259 6.24 21.17 35.55
N ALA B 260 6.46 21.29 34.24
CA ALA B 260 6.19 22.55 33.57
C ALA B 260 4.69 22.89 33.58
N ILE B 261 3.85 21.96 33.12
CA ILE B 261 2.42 22.25 33.07
C ILE B 261 1.86 22.37 34.47
N TYR B 262 2.35 21.55 35.40
CA TYR B 262 1.99 21.73 36.80
C TYR B 262 2.30 23.13 37.29
N GLN B 263 3.46 23.66 36.91
CA GLN B 263 3.81 24.97 37.46
C GLN B 263 3.19 26.11 36.68
N THR B 264 3.02 25.96 35.37
CA THR B 264 2.48 27.08 34.60
C THR B 264 0.96 27.08 34.65
N SER B 265 0.32 25.92 34.79
CA SER B 265 -1.13 25.82 34.65
C SER B 265 -1.73 24.90 35.72
N LYS B 266 -1.45 25.22 37.00
CA LYS B 266 -1.88 24.33 38.08
C LYS B 266 -3.40 24.17 38.12
N ILE B 267 -4.15 25.28 38.07
CA ILE B 267 -5.61 25.19 38.19
C ILE B 267 -6.22 24.51 36.97
N GLU B 268 -5.70 24.77 35.77
CA GLU B 268 -6.24 24.08 34.60
C GLU B 268 -5.97 22.59 34.67
N LEU B 269 -4.81 22.21 35.23
CA LEU B 269 -4.47 20.80 35.32
C LEU B 269 -5.32 20.11 36.36
N GLU B 270 -5.59 20.80 37.48
CA GLU B 270 -6.50 20.27 38.50
C GLU B 270 -7.91 20.13 37.95
N ASP B 271 -8.33 21.06 37.10
CA ASP B 271 -9.64 20.95 36.50
C ASP B 271 -9.71 19.73 35.59
N ARG B 272 -8.65 19.51 34.81
CA ARG B 272 -8.61 18.38 33.88
C ARG B 272 -8.70 17.04 34.61
N VAL B 273 -7.86 16.84 35.64
CA VAL B 273 -7.81 15.51 36.26
C VAL B 273 -9.02 15.27 37.16
N TYR B 274 -9.50 16.30 37.87
CA TYR B 274 -10.65 16.08 38.73
C TYR B 274 -11.93 15.91 37.90
N ARG B 275 -12.04 16.60 36.76
CA ARG B 275 -13.19 16.36 35.88
C ARG B 275 -13.18 14.94 35.34
N SER B 276 -12.00 14.41 35.04
CA SER B 276 -11.90 13.02 34.60
C SER B 276 -12.24 12.05 35.72
N TYR B 277 -11.79 12.34 36.95
CA TYR B 277 -12.25 11.56 38.09
C TYR B 277 -13.77 11.65 38.23
N GLY B 278 -14.33 12.85 38.01
CA GLY B 278 -15.77 13.02 38.04
C GLY B 278 -16.50 12.12 37.06
N VAL B 279 -15.99 12.01 35.83
CA VAL B 279 -16.60 11.12 34.84
C VAL B 279 -16.58 9.68 35.34
N LEU B 280 -15.40 9.20 35.73
CA LEU B 280 -15.26 7.81 36.14
C LEU B 280 -16.15 7.49 37.33
N SER B 281 -16.27 8.42 38.28
CA SER B 281 -17.00 8.12 39.49
C SER B 281 -18.49 8.40 39.36
N ASN B 282 -18.97 8.87 38.21
CA ASN B 282 -20.40 9.13 38.07
C ASN B 282 -21.01 8.61 36.78
N CYS B 283 -20.21 8.27 35.78
CA CYS B 283 -20.80 7.91 34.50
C CYS B 283 -21.66 6.65 34.64
N ARG B 284 -22.63 6.52 33.74
CA ARG B 284 -23.44 5.31 33.60
C ARG B 284 -23.16 4.56 32.31
N MET B 285 -22.49 5.19 31.36
CA MET B 285 -22.02 4.51 30.17
C MET B 285 -20.63 5.04 29.89
N ILE B 286 -19.70 4.15 29.57
CA ILE B 286 -18.40 4.62 29.13
C ILE B 286 -17.74 3.55 28.27
N GLU B 287 -17.15 4.01 27.17
CA GLU B 287 -16.38 3.16 26.29
C GLU B 287 -14.97 2.95 26.85
N SER B 288 -14.29 1.93 26.33
CA SER B 288 -12.91 1.73 26.76
C SER B 288 -12.03 2.90 26.32
N LYS B 289 -12.30 3.49 25.15
CA LYS B 289 -11.50 4.64 24.69
C LYS B 289 -11.54 5.78 25.70
N GLU B 290 -12.76 6.22 26.10
CA GLU B 290 -12.88 7.30 27.07
C GLU B 290 -12.36 6.88 28.44
N THR B 291 -12.55 5.61 28.80
CA THR B 291 -11.97 5.09 30.03
C THR B 291 -10.46 5.31 30.04
N ALA B 292 -9.78 4.94 28.96
CA ALA B 292 -8.33 5.12 28.89
C ALA B 292 -7.94 6.59 29.02
N LYS B 293 -8.65 7.48 28.31
CA LYS B 293 -8.38 8.91 28.44
C LYS B 293 -8.47 9.34 29.90
N CYS B 294 -9.55 8.97 30.59
CA CYS B 294 -9.80 9.44 31.94
C CYS B 294 -8.82 8.82 32.94
N LEU B 295 -8.56 7.52 32.80
CA LEU B 295 -7.59 6.87 33.68
C LEU B 295 -6.22 7.51 33.55
N SER B 296 -5.84 7.90 32.33
CA SER B 296 -4.58 8.61 32.15
C SER B 296 -4.61 9.94 32.90
N ASP B 297 -5.69 10.70 32.74
CA ASP B 297 -5.80 11.98 33.45
C ASP B 297 -5.69 11.79 34.95
N VAL B 298 -6.44 10.83 35.50
CA VAL B 298 -6.42 10.61 36.95
C VAL B 298 -5.04 10.14 37.40
N ARG B 299 -4.42 9.25 36.62
CA ARG B 299 -3.09 8.80 37.00
C ARG B 299 -2.13 9.97 37.12
N LEU B 300 -2.20 10.91 36.16
CA LEU B 300 -1.34 12.09 36.22
C LEU B 300 -1.62 12.90 37.49
N GLY B 301 -2.90 13.02 37.87
CA GLY B 301 -3.20 13.73 39.10
C GLY B 301 -2.59 13.05 40.31
N ILE B 302 -2.70 11.73 40.37
CA ILE B 302 -2.04 11.01 41.46
C ILE B 302 -0.54 11.26 41.41
N ASP B 303 0.08 11.10 40.23
CA ASP B 303 1.53 11.25 40.13
C ASP B 303 1.98 12.62 40.61
N LEU B 304 1.24 13.67 40.29
CA LEU B 304 1.64 15.03 40.65
C LEU B 304 1.13 15.42 42.02
N GLY B 305 0.54 14.48 42.76
CA GLY B 305 0.04 14.78 44.09
C GLY B 305 -1.26 15.55 44.15
N ILE B 306 -1.93 15.77 43.02
CA ILE B 306 -3.20 16.49 43.04
C ILE B 306 -4.30 15.62 43.61
N ILE B 307 -4.30 14.34 43.26
CA ILE B 307 -5.34 13.41 43.71
C ILE B 307 -4.76 12.54 44.81
N LYS B 308 -5.35 12.62 45.99
CA LYS B 308 -4.86 11.94 47.17
C LYS B 308 -5.76 10.75 47.44
N GLY B 309 -5.25 9.79 48.21
CA GLY B 309 -6.06 8.67 48.66
C GLY B 309 -6.48 7.68 47.60
N LEU B 310 -5.80 7.68 46.46
CA LEU B 310 -6.11 6.75 45.38
C LEU B 310 -4.78 6.24 44.86
N SER B 311 -4.58 4.92 44.88
CA SER B 311 -3.29 4.36 44.46
C SER B 311 -3.25 4.08 42.96
N SER B 312 -2.07 4.26 42.39
CA SER B 312 -1.92 3.96 40.98
C SER B 312 -2.21 2.49 40.69
N ASN B 313 -1.97 1.62 41.67
CA ASN B 313 -2.28 0.22 41.46
C ASN B 313 -3.77 0.00 41.20
N ILE B 314 -4.64 0.79 41.85
CA ILE B 314 -6.07 0.69 41.52
C ILE B 314 -6.30 1.09 40.07
N LEU B 315 -5.62 2.13 39.61
CA LEU B 315 -5.83 2.60 38.26
C LEU B 315 -5.32 1.61 37.23
N ASN B 316 -4.12 1.05 37.44
CA ASN B 316 -3.59 0.02 36.55
C ASN B 316 -4.53 -1.16 36.46
N GLU B 317 -5.09 -1.59 37.58
CA GLU B 317 -6.00 -2.72 37.55
C GLU B 317 -7.20 -2.41 36.68
N LEU B 318 -7.79 -1.21 36.84
CA LEU B 318 -8.95 -0.84 36.02
C LEU B 318 -8.61 -0.76 34.55
N MET B 319 -7.37 -0.37 34.23
CA MET B 319 -6.96 -0.30 32.83
C MET B 319 -7.11 -1.66 32.14
N ILE B 320 -6.79 -2.75 32.85
CA ILE B 320 -6.94 -4.08 32.27
C ILE B 320 -8.36 -4.57 32.41
N LEU B 321 -8.92 -4.37 33.61
CA LEU B 321 -10.24 -4.86 33.96
C LEU B 321 -11.33 -4.33 33.04
N THR B 322 -11.17 -3.12 32.52
CA THR B 322 -12.20 -2.54 31.66
C THR B 322 -12.04 -2.90 30.18
N GLN B 323 -11.00 -3.63 29.83
CA GLN B 323 -10.87 -4.09 28.45
C GLN B 323 -12.08 -4.93 28.07
N PRO B 324 -12.48 -4.92 26.80
CA PRO B 324 -13.70 -5.64 26.42
C PRO B 324 -13.63 -7.13 26.74
N GLY B 325 -12.47 -7.76 26.52
CA GLY B 325 -12.34 -9.18 26.82
C GLY B 325 -12.44 -9.47 28.30
N PHE B 326 -11.62 -8.79 29.11
CA PHE B 326 -11.68 -9.01 30.54
C PHE B 326 -13.04 -8.64 31.12
N LEU B 327 -13.67 -7.57 30.62
CA LEU B 327 -14.98 -7.18 31.14
C LEU B 327 -16.04 -8.25 30.86
N GLN B 328 -15.99 -8.89 29.69
CA GLN B 328 -16.98 -9.91 29.34
C GLN B 328 -16.75 -11.17 30.18
N GLN B 329 -15.50 -11.60 30.30
CA GLN B 329 -15.12 -12.67 31.22
C GLN B 329 -15.62 -12.38 32.63
N TYR B 330 -15.33 -11.18 33.14
CA TYR B 330 -15.74 -10.83 34.49
C TYR B 330 -17.26 -10.90 34.67
N SER B 331 -18.03 -10.62 33.61
CA SER B 331 -19.48 -10.64 33.66
C SER B 331 -20.06 -12.03 33.40
N GLY B 332 -19.23 -12.94 32.88
CA GLY B 332 -19.58 -14.34 32.65
C GLY B 332 -20.27 -14.59 31.33
N GLY B 333 -19.65 -14.19 30.23
CA GLY B 333 -20.24 -14.32 28.92
C GLY B 333 -20.13 -13.08 28.06
N ALA B 334 -20.39 -13.24 26.76
CA ALA B 334 -20.24 -12.17 25.80
C ALA B 334 -21.26 -11.05 26.06
N LEU B 335 -20.98 -9.88 25.48
CA LEU B 335 -21.76 -8.66 25.68
C LEU B 335 -21.67 -7.84 24.41
N ARG B 336 -22.80 -7.29 23.94
CA ARG B 336 -22.73 -6.24 22.92
C ARG B 336 -21.92 -5.04 23.41
N PRO B 337 -21.36 -4.27 22.50
CA PRO B 337 -20.67 -3.03 22.91
C PRO B 337 -21.52 -2.14 23.83
N ASN B 338 -22.82 -1.97 23.58
CA ASN B 338 -23.67 -1.17 24.46
C ASN B 338 -23.70 -1.70 25.88
N GLU B 339 -23.88 -3.03 26.03
CA GLU B 339 -23.92 -3.58 27.37
C GLU B 339 -22.58 -3.42 28.07
N ARG B 340 -21.48 -3.55 27.32
CA ARG B 340 -20.15 -3.38 27.93
C ARG B 340 -20.01 -2.01 28.54
N ASP B 341 -20.47 -0.98 27.83
CA ASP B 341 -20.32 0.39 28.34
C ASP B 341 -21.13 0.61 29.61
N ILE B 342 -22.27 -0.08 29.75
CA ILE B 342 -23.03 0.01 30.98
C ILE B 342 -22.34 -0.74 32.10
N ARG B 343 -21.86 -1.96 31.83
CA ARG B 343 -21.19 -2.69 32.90
C ARG B 343 -19.83 -2.07 33.23
N ARG B 344 -19.12 -1.55 32.23
CA ARG B 344 -17.85 -0.88 32.51
C ARG B 344 -18.06 0.29 33.45
N ALA B 345 -19.04 1.15 33.14
CA ALA B 345 -19.30 2.32 33.98
C ALA B 345 -19.64 1.89 35.40
N ALA B 346 -20.49 0.88 35.54
CA ALA B 346 -20.83 0.37 36.86
C ALA B 346 -19.61 -0.21 37.57
N LEU B 347 -18.79 -0.99 36.85
CA LEU B 347 -17.62 -1.59 37.48
C LEU B 347 -16.65 -0.53 37.99
N ILE B 348 -16.32 0.45 37.15
CA ILE B 348 -15.38 1.51 37.53
C ILE B 348 -15.91 2.29 38.71
N ARG B 349 -17.19 2.69 38.61
CA ARG B 349 -17.87 3.47 39.66
C ARG B 349 -17.80 2.77 41.00
N GLU B 350 -18.05 1.46 41.03
CA GLU B 350 -18.14 0.79 42.33
C GLU B 350 -16.77 0.66 42.95
N ARG B 351 -15.80 0.25 42.13
CA ARG B 351 -14.41 0.08 42.61
C ARG B 351 -13.89 1.41 43.12
N LEU B 352 -14.24 2.53 42.45
CA LEU B 352 -13.75 3.81 42.90
C LEU B 352 -14.42 4.23 44.21
N HIS B 353 -15.74 4.01 44.34
CA HIS B 353 -16.44 4.32 45.59
C HIS B 353 -15.89 3.51 46.75
N LEU B 354 -15.52 2.26 46.52
CA LEU B 354 -14.91 1.44 47.56
C LEU B 354 -13.61 2.08 48.08
N GLU B 355 -12.74 2.52 47.17
CA GLU B 355 -11.43 3.05 47.56
C GLU B 355 -11.50 4.37 48.29
N MET B 356 -12.58 5.11 48.17
CA MET B 356 -12.69 6.36 48.91
C MET B 356 -13.39 6.17 50.25
N ASN B 357 -13.55 4.93 50.69
CA ASN B 357 -14.19 4.66 51.97
C ASN B 357 -13.45 3.54 52.71
N ALA C 2 33.71 10.55 22.94
CA ALA C 2 34.00 10.86 21.52
C ALA C 2 35.50 11.05 21.32
N SER C 3 36.05 10.44 20.27
CA SER C 3 37.50 10.53 19.93
C SER C 3 37.84 11.92 19.38
N MET C 4 39.12 12.30 19.44
CA MET C 4 39.53 13.63 18.93
C MET C 4 39.20 13.76 17.44
N SER C 5 39.19 12.65 16.68
CA SER C 5 38.81 12.76 15.29
C SER C 5 37.30 12.90 15.12
N LEU C 6 36.50 12.24 15.97
CA LEU C 6 35.06 12.43 15.90
C LEU C 6 34.67 13.87 16.24
N LYS C 7 35.24 14.40 17.34
CA LYS C 7 34.93 15.77 17.76
C LYS C 7 35.22 16.76 16.63
N HIS C 8 36.29 16.51 15.87
CA HIS C 8 36.65 17.42 14.79
C HIS C 8 35.56 17.51 13.72
N PHE C 9 34.92 16.40 13.38
CA PHE C 9 33.96 16.37 12.28
C PHE C 9 32.57 16.84 12.69
N ILE C 10 32.26 16.84 13.99
CA ILE C 10 30.96 17.26 14.49
C ILE C 10 30.98 18.66 15.06
N GLN C 11 32.15 19.31 15.10
CA GLN C 11 32.21 20.59 15.79
C GLN C 11 31.60 21.70 14.96
N ASP C 12 31.92 21.75 13.68
CA ASP C 12 31.50 22.82 12.77
C ASP C 12 30.35 22.35 11.90
N ALA C 13 29.35 23.21 11.74
CA ALA C 13 28.21 22.85 10.89
C ALA C 13 28.59 22.98 9.42
N LEU C 14 29.40 23.98 9.08
CA LEU C 14 29.82 24.19 7.70
C LEU C 14 31.33 24.07 7.63
N SER C 15 31.82 23.03 6.95
CA SER C 15 33.26 22.86 6.78
C SER C 15 33.84 24.01 5.97
N SER C 16 35.10 24.32 6.25
CA SER C 16 35.77 25.34 5.45
C SER C 16 35.75 24.97 3.96
N TRP C 17 35.83 23.67 3.65
CA TRP C 17 35.72 23.24 2.25
C TRP C 17 34.40 23.69 1.64
N MET C 18 33.30 23.55 2.37
CA MET C 18 31.98 23.86 1.82
C MET C 18 31.65 25.35 1.86
N LYS C 19 32.47 26.16 2.52
CA LYS C 19 32.31 27.61 2.47
C LYS C 19 32.84 28.22 1.19
N GLN C 20 33.60 27.46 0.39
CA GLN C 20 34.12 28.00 -0.85
C GLN C 20 32.99 28.33 -1.81
N LYS C 21 33.18 29.37 -2.61
CA LYS C 21 32.17 29.73 -3.60
C LYS C 21 32.35 28.79 -4.77
N GLY C 22 31.34 27.98 -5.04
CA GLY C 22 31.34 27.15 -6.21
C GLY C 22 30.50 27.79 -7.29
N PRO C 23 30.55 27.23 -8.49
CA PRO C 23 29.80 27.81 -9.61
C PRO C 23 28.31 27.72 -9.34
N GLU C 24 27.59 28.75 -9.80
CA GLU C 24 26.13 28.85 -9.72
C GLU C 24 25.63 28.68 -8.29
N SER C 25 26.43 29.10 -7.30
CA SER C 25 26.11 28.76 -5.93
C SER C 25 24.88 29.49 -5.39
N ASP C 26 24.28 30.40 -6.16
CA ASP C 26 23.01 31.00 -5.75
C ASP C 26 21.87 30.00 -5.83
N ILE C 27 21.91 29.08 -6.80
CA ILE C 27 20.87 28.09 -6.99
C ILE C 27 21.30 26.70 -6.50
N VAL C 28 22.53 26.30 -6.81
CA VAL C 28 23.04 24.97 -6.49
C VAL C 28 23.89 25.04 -5.22
N LEU C 29 23.44 24.35 -4.17
CA LEU C 29 24.19 24.35 -2.91
C LEU C 29 25.38 23.40 -2.94
N SER C 30 25.18 22.22 -3.49
CA SER C 30 26.26 21.25 -3.49
C SER C 30 26.05 20.28 -4.65
N SER C 31 27.15 19.62 -5.01
CA SER C 31 27.17 18.52 -5.96
C SER C 31 27.83 17.34 -5.27
N ARG C 32 27.22 16.17 -5.43
CA ARG C 32 27.68 14.95 -4.79
C ARG C 32 27.89 13.89 -5.86
N ILE C 33 28.99 13.16 -5.75
CA ILE C 33 29.25 12.00 -6.59
C ILE C 33 29.47 10.80 -5.67
N ARG C 34 28.83 9.69 -6.02
CA ARG C 34 28.86 8.48 -5.22
C ARG C 34 29.20 7.28 -6.10
N LEU C 35 30.24 6.54 -5.73
CA LEU C 35 30.65 5.31 -6.41
C LEU C 35 30.52 4.18 -5.41
N ALA C 36 29.74 3.16 -5.74
CA ALA C 36 29.52 2.01 -4.86
C ALA C 36 30.30 0.81 -5.38
N ARG C 37 30.94 0.10 -4.46
CA ARG C 37 31.73 -1.09 -4.81
C ARG C 37 31.68 -2.11 -3.68
N ASN C 38 31.94 -3.35 -4.01
CA ASN C 38 31.99 -4.39 -3.01
C ASN C 38 33.29 -5.17 -3.12
N PHE C 39 33.68 -5.76 -2.00
CA PHE C 39 34.84 -6.63 -1.98
C PHE C 39 34.58 -7.86 -2.82
N GLU C 40 35.52 -8.15 -3.72
CA GLU C 40 35.54 -9.45 -4.37
C GLU C 40 35.66 -10.53 -3.31
N HIS C 41 34.88 -11.59 -3.49
CA HIS C 41 34.87 -12.81 -2.66
C HIS C 41 34.19 -12.61 -1.31
N ILE C 42 33.63 -11.43 -1.06
CA ILE C 42 32.90 -11.17 0.21
C ILE C 42 31.42 -10.93 -0.11
N ARG C 43 30.53 -11.56 0.66
CA ARG C 43 29.06 -11.48 0.46
C ARG C 43 28.57 -10.04 0.69
N PHE C 44 27.49 -9.66 -0.01
CA PHE C 44 26.88 -8.31 0.08
C PHE C 44 26.29 -8.09 1.48
N PRO C 45 26.22 -6.84 1.99
CA PRO C 45 25.78 -6.62 3.38
C PRO C 45 24.48 -7.37 3.70
N THR C 46 23.71 -7.72 2.66
CA THR C 46 22.44 -8.45 2.87
C THR C 46 22.70 -9.82 3.51
N ARG C 47 23.73 -10.54 3.08
CA ARG C 47 24.00 -11.90 3.64
C ARG C 47 25.36 -12.00 4.35
N TYR C 48 26.14 -10.92 4.46
CA TYR C 48 27.48 -11.05 5.08
C TYR C 48 27.38 -11.32 6.59
N SER C 49 28.35 -12.09 7.11
CA SER C 49 28.46 -12.45 8.55
C SER C 49 29.16 -11.33 9.33
N ASN C 50 29.02 -11.34 10.66
CA ASN C 50 29.66 -10.33 11.50
C ASN C 50 31.17 -10.38 11.34
N GLU C 51 31.72 -11.59 11.26
CA GLU C 51 33.16 -11.72 11.07
C GLU C 51 33.57 -11.12 9.72
N GLU C 52 32.76 -11.30 8.68
CA GLU C 52 33.07 -10.72 7.40
C GLU C 52 32.98 -9.19 7.45
N ALA C 53 31.83 -8.67 7.87
CA ALA C 53 31.67 -7.22 7.99
C ALA C 53 32.79 -6.60 8.81
N SER C 54 33.18 -7.25 9.90
CA SER C 54 34.24 -6.68 10.72
C SER C 54 35.58 -6.64 9.99
N SER C 55 35.85 -7.60 9.11
CA SER C 55 37.13 -7.60 8.42
C SER C 55 37.26 -6.42 7.47
N ILE C 56 36.15 -6.07 6.83
CA ILE C 56 36.15 -4.96 5.85
C ILE C 56 36.61 -3.68 6.54
N ILE C 57 36.06 -3.40 7.71
CA ILE C 57 36.42 -2.14 8.38
C ILE C 57 37.83 -2.24 8.97
N GLN C 58 38.26 -3.43 9.39
CA GLN C 58 39.64 -3.51 9.91
C GLN C 58 40.62 -3.22 8.79
N GLN C 59 40.34 -3.72 7.60
CA GLN C 59 41.26 -3.45 6.50
C GLN C 59 41.35 -1.97 6.19
N PHE C 60 40.25 -1.24 6.30
CA PHE C 60 40.32 0.20 6.04
C PHE C 60 41.08 0.92 7.15
N GLU C 61 40.91 0.47 8.40
CA GLU C 61 41.73 1.03 9.48
C GLU C 61 43.21 0.77 9.26
N ASP C 62 43.52 -0.47 8.87
CA ASP C 62 44.93 -0.91 8.65
C ASP C 62 45.60 -0.21 7.45
N GLN C 63 44.91 -0.07 6.32
CA GLN C 63 45.60 0.47 5.12
C GLN C 63 45.19 1.90 4.75
N PHE C 64 44.04 2.40 5.20
CA PHE C 64 43.66 3.77 4.75
C PHE C 64 43.56 4.77 5.91
N SER C 65 43.44 4.28 7.14
CA SER C 65 43.33 5.22 8.30
C SER C 65 44.65 5.98 8.46
N GLU C 66 44.57 7.30 8.63
CA GLU C 66 45.75 8.14 8.83
C GLU C 66 46.61 8.25 7.59
N GLN C 67 46.24 7.63 6.48
CA GLN C 67 46.95 7.77 5.21
C GLN C 67 46.48 9.02 4.46
N GLU C 68 47.19 9.37 3.38
CA GLU C 68 46.94 10.63 2.73
C GLU C 68 46.90 10.45 1.22
N ILE C 69 46.20 11.38 0.57
CA ILE C 69 46.18 11.51 -0.88
C ILE C 69 46.70 12.90 -1.22
N PRO C 70 47.66 13.05 -2.15
CA PRO C 70 48.15 14.37 -2.51
C PRO C 70 47.01 15.19 -3.15
N GLY C 71 46.85 16.44 -2.69
CA GLY C 71 45.82 17.35 -3.22
C GLY C 71 44.45 17.17 -2.57
N ILE C 72 44.31 16.21 -1.65
CA ILE C 72 43.01 16.00 -0.95
C ILE C 72 43.21 16.14 0.56
N GLY C 73 44.23 15.48 1.10
CA GLY C 73 44.51 15.53 2.55
C GLY C 73 44.45 14.18 3.21
N LYS C 74 44.71 14.13 4.52
CA LYS C 74 44.73 12.89 5.33
C LYS C 74 43.30 12.38 5.59
N PHE C 75 43.14 11.06 5.62
CA PHE C 75 41.88 10.39 5.93
C PHE C 75 41.94 9.80 7.33
N VAL C 76 40.78 9.64 7.96
CA VAL C 76 40.71 9.02 9.28
C VAL C 76 39.45 8.17 9.35
N LEU C 77 39.55 7.04 10.04
CA LEU C 77 38.42 6.14 10.14
C LEU C 77 37.61 6.48 11.38
N ILE C 78 36.29 6.62 11.18
CA ILE C 78 35.31 6.72 12.27
C ILE C 78 34.49 5.46 12.22
N ARG C 79 34.47 4.69 13.31
CA ARG C 79 33.62 3.52 13.43
C ARG C 79 32.27 3.95 14.01
N MET C 80 31.18 3.45 13.41
CA MET C 80 29.85 3.80 13.95
C MET C 80 29.66 3.35 15.38
N ASN C 81 30.22 2.20 15.77
CA ASN C 81 30.05 1.75 17.15
C ASN C 81 30.86 2.55 18.16
N ASP C 82 31.73 3.46 17.72
CA ASP C 82 32.48 4.31 18.63
C ASP C 82 31.89 5.70 18.72
N ALA C 83 30.67 5.90 18.23
CA ALA C 83 30.07 7.22 18.12
C ALA C 83 28.75 7.24 18.87
N GLN C 84 28.52 8.30 19.64
CA GLN C 84 27.25 8.44 20.34
C GLN C 84 26.13 8.71 19.32
N PRO C 85 24.88 8.41 19.68
CA PRO C 85 23.78 8.65 18.73
C PRO C 85 23.66 10.09 18.23
N LEU C 86 23.86 11.10 19.08
CA LEU C 86 23.73 12.46 18.57
C LEU C 86 24.90 12.83 17.68
N GLU C 87 26.09 12.31 18.00
CA GLU C 87 27.24 12.46 17.11
C GLU C 87 26.93 11.86 15.75
N LYS C 88 26.40 10.64 15.74
CA LYS C 88 25.98 10.05 14.48
C LYS C 88 24.95 10.90 13.81
N ARG C 89 24.05 11.52 14.59
CA ARG C 89 23.04 12.37 14.00
C ARG C 89 23.65 13.61 13.35
N VAL C 90 24.65 14.23 13.99
CA VAL C 90 25.33 15.39 13.41
C VAL C 90 25.93 15.05 12.05
N LEU C 91 26.60 13.90 11.94
CA LEU C 91 27.18 13.49 10.67
C LEU C 91 26.13 13.30 9.58
N VAL C 92 24.95 12.75 9.94
CA VAL C 92 23.84 12.66 8.98
C VAL C 92 23.41 14.05 8.54
N GLU C 93 23.28 14.96 9.50
CA GLU C 93 22.77 16.29 9.17
C GLU C 93 23.79 17.12 8.40
N LYS C 94 25.09 16.86 8.59
CA LYS C 94 26.15 17.44 7.77
C LYS C 94 26.30 16.75 6.42
N HIS C 95 25.45 15.76 6.13
CA HIS C 95 25.40 15.02 4.87
C HIS C 95 26.63 14.14 4.65
N LEU C 96 27.39 13.89 5.72
CA LEU C 96 28.60 13.08 5.64
C LEU C 96 28.29 11.60 5.57
N ILE C 97 27.21 11.16 6.21
CA ILE C 97 26.78 9.78 6.17
C ILE C 97 25.27 9.73 5.92
N SER C 98 24.80 8.57 5.54
CA SER C 98 23.36 8.35 5.40
C SER C 98 22.76 7.84 6.72
N PRO C 99 21.44 8.00 6.92
CA PRO C 99 20.83 7.40 8.12
C PRO C 99 21.02 5.88 8.21
N ASN C 100 20.95 5.14 7.09
CA ASN C 100 21.13 3.70 7.19
C ASN C 100 22.49 3.32 7.73
N LEU C 101 23.52 4.16 7.56
CA LEU C 101 24.82 3.80 8.13
C LEU C 101 24.81 3.79 9.66
N THR C 102 23.98 4.65 10.28
CA THR C 102 23.94 4.73 11.74
C THR C 102 23.40 3.46 12.38
N GLU C 103 22.63 2.68 11.63
CA GLU C 103 22.04 1.45 12.10
C GLU C 103 22.91 0.23 11.78
N SER C 104 23.94 0.39 10.97
CA SER C 104 24.80 -0.71 10.59
C SER C 104 25.82 -0.95 11.70
N PRO C 105 25.85 -2.15 12.29
CA PRO C 105 26.71 -2.37 13.47
C PRO C 105 28.19 -2.30 13.18
N PHE C 106 28.62 -2.74 12.01
CA PHE C 106 30.01 -2.58 11.62
C PHE C 106 30.19 -1.49 10.58
N GLY C 107 29.25 -0.56 10.51
CA GLY C 107 29.42 0.60 9.66
C GLY C 107 30.57 1.48 10.11
N GLY C 108 31.17 2.15 9.15
CA GLY C 108 32.20 3.13 9.44
C GLY C 108 32.27 4.08 8.27
N CYS C 109 33.04 5.15 8.45
CA CYS C 109 33.28 6.06 7.34
C CYS C 109 34.71 6.56 7.40
N LEU C 110 35.39 6.45 6.27
CA LEU C 110 36.73 7.00 6.12
C LEU C 110 36.57 8.42 5.60
N LEU C 111 36.87 9.41 6.43
CA LEU C 111 36.59 10.80 6.10
C LEU C 111 37.89 11.54 5.82
N SER C 112 37.90 12.34 4.75
CA SER C 112 39.00 13.28 4.61
C SER C 112 38.81 14.42 5.60
N GLU C 113 39.93 14.94 6.11
CA GLU C 113 39.83 15.95 7.16
C GLU C 113 39.16 17.23 6.70
N ASN C 114 39.21 17.54 5.41
CA ASN C 114 38.53 18.72 4.89
C ASN C 114 37.06 18.46 4.63
N GLU C 115 36.62 17.21 4.80
CA GLU C 115 35.24 16.76 4.67
C GLU C 115 34.77 16.73 3.22
N GLU C 116 35.71 16.78 2.27
CA GLU C 116 35.37 16.65 0.86
C GLU C 116 35.03 15.23 0.48
N VAL C 117 35.66 14.24 1.13
CA VAL C 117 35.46 12.84 0.77
C VAL C 117 34.93 12.13 2.01
N SER C 118 33.88 11.34 1.82
CA SER C 118 33.34 10.48 2.85
C SER C 118 33.13 9.11 2.23
N VAL C 119 33.93 8.13 2.64
CA VAL C 119 33.79 6.76 2.16
C VAL C 119 33.03 5.97 3.22
N MET C 120 31.78 5.65 2.93
CA MET C 120 30.98 4.84 3.85
C MET C 120 31.36 3.37 3.70
N LEU C 121 31.47 2.70 4.84
CA LEU C 121 31.86 1.30 4.90
C LEU C 121 30.75 0.49 5.54
N ASN C 122 30.34 -0.57 4.86
CA ASN C 122 29.33 -1.51 5.35
C ASN C 122 27.96 -0.88 5.46
N GLU C 123 27.56 -0.17 4.42
CA GLU C 123 26.20 0.32 4.32
C GLU C 123 25.39 -0.59 3.41
N GLU C 124 24.84 -0.04 2.31
CA GLU C 124 24.17 -0.91 1.35
C GLU C 124 25.18 -1.69 0.52
N ASP C 125 26.37 -1.15 0.33
CA ASP C 125 27.50 -1.87 -0.25
C ASP C 125 28.67 -1.74 0.72
N HIS C 126 29.68 -2.58 0.51
CA HIS C 126 30.87 -2.51 1.36
C HIS C 126 31.49 -1.13 1.32
N ILE C 127 31.52 -0.51 0.14
CA ILE C 127 32.21 0.75 -0.07
C ILE C 127 31.30 1.71 -0.80
N ARG C 128 31.17 2.92 -0.25
CA ARG C 128 30.47 4.02 -0.93
C ARG C 128 31.34 5.26 -0.84
N ILE C 129 32.04 5.54 -1.94
CA ILE C 129 32.86 6.73 -2.07
C ILE C 129 31.94 7.90 -2.34
N GLN C 130 31.96 8.92 -1.49
CA GLN C 130 31.20 10.14 -1.69
C GLN C 130 32.14 11.33 -1.81
N CYS C 131 31.90 12.18 -2.78
CA CYS C 131 32.62 13.43 -2.89
C CYS C 131 31.59 14.53 -2.97
N LEU C 132 31.73 15.53 -2.09
CA LEU C 132 30.76 16.61 -1.95
C LEU C 132 31.50 17.93 -2.21
N PHE C 133 31.04 18.68 -3.20
CA PHE C 133 31.64 19.95 -3.61
C PHE C 133 30.63 21.07 -3.41
N PRO C 134 31.08 22.27 -3.07
CA PRO C 134 30.15 23.41 -3.02
C PRO C 134 29.73 23.80 -4.42
N GLY C 135 28.48 24.28 -4.54
CA GLY C 135 28.04 24.73 -5.85
C GLY C 135 27.82 23.62 -6.88
N PHE C 136 27.75 24.05 -8.14
CA PHE C 136 27.51 23.14 -9.29
C PHE C 136 28.84 22.77 -9.95
N GLN C 137 29.42 21.64 -9.54
CA GLN C 137 30.67 21.12 -10.15
C GLN C 137 30.68 19.60 -10.10
N LEU C 138 29.79 18.96 -10.86
CA LEU C 138 29.69 17.48 -10.89
C LEU C 138 30.98 16.87 -11.46
N LEU C 139 31.55 17.51 -12.48
CA LEU C 139 32.76 16.99 -13.12
C LEU C 139 33.98 17.05 -12.18
N GLU C 140 34.16 18.18 -11.47
CA GLU C 140 35.26 18.22 -10.52
C GLU C 140 35.08 17.16 -9.44
N ALA C 141 33.83 16.95 -9.01
CA ALA C 141 33.51 15.92 -8.05
C ALA C 141 33.76 14.53 -8.62
N MET C 142 33.54 14.36 -9.91
CA MET C 142 33.84 13.08 -10.57
C MET C 142 35.35 12.83 -10.65
N LYS C 143 36.14 13.87 -10.93
CA LYS C 143 37.58 13.72 -10.90
C LYS C 143 38.05 13.28 -9.52
N ALA C 144 37.60 13.98 -8.48
CA ALA C 144 38.02 13.63 -7.11
C ALA C 144 37.58 12.23 -6.75
N ALA C 145 36.37 11.85 -7.15
CA ALA C 145 35.85 10.51 -6.91
C ALA C 145 36.72 9.44 -7.54
N ASN C 146 37.13 9.65 -8.80
CA ASN C 146 37.99 8.67 -9.47
C ASN C 146 39.36 8.60 -8.81
N GLN C 147 39.87 9.73 -8.35
CA GLN C 147 41.11 9.73 -7.59
C GLN C 147 40.99 8.88 -6.33
N VAL C 148 39.87 9.00 -5.61
CA VAL C 148 39.72 8.19 -4.40
C VAL C 148 39.50 6.74 -4.74
N ASP C 149 38.78 6.48 -5.84
CA ASP C 149 38.52 5.11 -6.31
C ASP C 149 39.81 4.38 -6.63
N ASP C 150 40.71 5.02 -7.40
CA ASP C 150 42.01 4.42 -7.73
C ASP C 150 42.80 4.08 -6.47
N TRP C 151 42.79 4.99 -5.48
CA TRP C 151 43.52 4.81 -4.24
C TRP C 151 43.06 3.56 -3.51
N ILE C 152 41.75 3.36 -3.41
CA ILE C 152 41.22 2.19 -2.73
C ILE C 152 41.48 0.94 -3.55
N GLU C 153 41.36 1.04 -4.88
CA GLU C 153 41.54 -0.13 -5.74
C GLU C 153 42.97 -0.63 -5.75
N GLU C 154 43.95 0.20 -5.37
CA GLU C 154 45.30 -0.33 -5.25
C GLU C 154 45.36 -1.47 -4.23
N LYS C 155 44.51 -1.42 -3.21
CA LYS C 155 44.55 -2.40 -2.15
C LYS C 155 43.25 -3.18 -1.95
N VAL C 156 42.23 -2.94 -2.77
CA VAL C 156 40.96 -3.64 -2.67
C VAL C 156 40.62 -4.18 -4.04
N ASP C 157 40.21 -5.43 -4.11
CA ASP C 157 39.80 -6.05 -5.37
C ASP C 157 38.29 -5.91 -5.45
N TYR C 158 37.82 -5.14 -6.42
CA TYR C 158 36.40 -4.85 -6.52
C TYR C 158 35.65 -6.04 -7.11
N ALA C 159 34.45 -6.29 -6.60
CA ALA C 159 33.60 -7.33 -7.17
C ALA C 159 33.15 -6.90 -8.57
N PHE C 160 33.70 -7.53 -9.58
CA PHE C 160 33.52 -7.06 -10.94
C PHE C 160 33.36 -8.25 -11.85
N ASN C 161 32.60 -8.04 -12.91
CA ASN C 161 32.39 -9.06 -13.91
C ASN C 161 32.42 -8.39 -15.26
N GLU C 162 32.77 -9.17 -16.28
CA GLU C 162 33.11 -8.58 -17.57
C GLU C 162 31.85 -8.17 -18.34
N GLN C 163 30.76 -8.91 -18.15
CA GLN C 163 29.51 -8.59 -18.85
C GLN C 163 28.69 -7.52 -18.14
N ARG C 164 28.77 -7.44 -16.80
CA ARG C 164 27.85 -6.65 -16.01
C ARG C 164 28.46 -5.40 -15.39
N GLY C 165 29.76 -5.38 -15.15
CA GLY C 165 30.38 -4.27 -14.45
C GLY C 165 30.51 -4.51 -12.97
N TYR C 166 30.59 -3.41 -12.22
CA TYR C 166 30.68 -3.53 -10.78
C TYR C 166 29.41 -4.16 -10.23
N LEU C 167 29.59 -5.16 -9.39
CA LEU C 167 28.46 -5.89 -8.82
C LEU C 167 28.10 -5.20 -7.51
N THR C 168 26.86 -4.76 -7.42
CA THR C 168 26.38 -4.07 -6.24
C THR C 168 25.23 -4.89 -5.69
N SER C 169 24.89 -4.63 -4.44
CA SER C 169 23.82 -5.38 -3.80
C SER C 169 22.49 -5.11 -4.50
N CYS C 170 22.14 -3.83 -4.64
CA CYS C 170 20.96 -3.46 -5.39
C CYS C 170 21.16 -3.75 -6.87
N PRO C 171 20.35 -4.61 -7.48
CA PRO C 171 20.63 -5.04 -8.87
C PRO C 171 20.56 -3.93 -9.91
N THR C 172 19.86 -2.83 -9.61
CA THR C 172 19.75 -1.72 -10.55
C THR C 172 20.90 -0.73 -10.45
N ASN C 173 21.73 -0.79 -9.39
CA ASN C 173 22.96 0.00 -9.36
C ASN C 173 24.10 -0.71 -10.07
N VAL C 174 23.89 -1.95 -10.52
CA VAL C 174 24.93 -2.71 -11.18
C VAL C 174 25.44 -1.96 -12.42
N GLY C 175 26.75 -2.02 -12.62
CA GLY C 175 27.36 -1.37 -13.75
C GLY C 175 28.48 -0.43 -13.36
N THR C 176 28.18 0.86 -13.33
CA THR C 176 29.17 1.84 -12.91
C THR C 176 29.22 1.97 -11.40
N GLY C 177 28.13 1.66 -10.70
CA GLY C 177 28.08 1.98 -9.29
C GLY C 177 28.00 3.46 -9.01
N LEU C 178 27.67 4.26 -10.03
CA LEU C 178 27.69 5.71 -9.98
C LEU C 178 26.30 6.27 -9.72
N ARG C 179 26.21 7.23 -8.80
CA ARG C 179 25.02 8.05 -8.62
C ARG C 179 25.46 9.50 -8.38
N ALA C 180 24.85 10.44 -9.11
CA ALA C 180 25.14 11.87 -8.96
C ALA C 180 23.95 12.62 -8.35
N SER C 181 24.25 13.70 -7.63
CA SER C 181 23.22 14.49 -7.00
C SER C 181 23.63 15.94 -6.99
N VAL C 182 22.62 16.80 -7.04
CA VAL C 182 22.78 18.23 -6.75
C VAL C 182 21.67 18.61 -5.79
N MET C 183 22.02 19.47 -4.85
CA MET C 183 21.10 20.05 -3.89
C MET C 183 20.80 21.47 -4.40
N MET C 184 19.53 21.77 -4.62
CA MET C 184 19.17 23.03 -5.26
C MET C 184 18.17 23.80 -4.41
N HIS C 185 18.33 25.12 -4.42
CA HIS C 185 17.43 26.03 -3.71
C HIS C 185 16.54 26.70 -4.75
N LEU C 186 15.25 26.35 -4.74
CA LEU C 186 14.33 26.78 -5.79
C LEU C 186 13.13 27.56 -5.25
N PRO C 187 13.34 28.64 -4.47
CA PRO C 187 12.17 29.32 -3.89
C PRO C 187 11.24 29.94 -4.90
N ALA C 188 11.77 30.52 -5.99
CA ALA C 188 10.88 31.22 -6.92
C ALA C 188 9.98 30.24 -7.67
N LEU C 189 10.52 29.09 -8.07
CA LEU C 189 9.67 28.11 -8.74
C LEU C 189 8.63 27.55 -7.79
N VAL C 190 8.91 27.54 -6.49
CA VAL C 190 7.89 27.13 -5.54
C VAL C 190 6.85 28.24 -5.35
N LEU C 191 7.31 29.47 -5.08
CA LEU C 191 6.38 30.59 -4.90
C LEU C 191 5.43 30.73 -6.08
N THR C 192 5.97 30.73 -7.31
CA THR C 192 5.19 30.89 -8.53
C THR C 192 4.43 29.65 -8.92
N ARG C 193 4.37 28.66 -8.02
CA ARG C 193 3.54 27.47 -8.17
C ARG C 193 3.88 26.70 -9.45
N GLN C 194 5.18 26.63 -9.76
CA GLN C 194 5.62 25.93 -10.96
C GLN C 194 6.31 24.62 -10.68
N ILE C 195 6.75 24.38 -9.44
CA ILE C 195 7.64 23.26 -9.18
C ILE C 195 6.92 21.93 -9.36
N ASN C 196 5.61 21.91 -9.12
CA ASN C 196 4.83 20.68 -9.22
C ASN C 196 4.53 20.28 -10.64
P RPI C 197 1.54 22.91 -18.31
N RPI C 197 4.77 21.18 -11.58
CA RPI C 197 4.57 20.88 -12.98
CB RPI C 197 3.90 22.05 -13.72
CG RPI C 197 2.44 22.30 -13.29
CD RPI C 197 1.84 23.57 -13.92
NE RPI C 197 1.39 23.33 -15.28
CZ RPI C 197 1.83 24.47 -16.06
NH1 RPI C 197 1.29 25.70 -15.51
NH2 RPI C 197 1.50 24.38 -17.47
O1P RPI C 197 2.49 21.93 -17.67
O2P RPI C 197 0.16 22.30 -18.31
O3P RPI C 197 1.99 23.21 -19.72
C RPI C 197 5.95 20.59 -13.59
O RPI C 197 6.07 20.23 -14.72
N ILE C 198 6.98 20.78 -12.78
CA ILE C 198 8.34 20.59 -13.22
C ILE C 198 8.85 19.23 -12.74
N ILE C 199 8.58 18.94 -11.47
CA ILE C 199 9.03 17.68 -10.87
C ILE C 199 8.59 16.47 -11.69
N PRO C 200 7.31 16.30 -12.05
CA PRO C 200 6.94 15.13 -12.85
C PRO C 200 7.71 15.03 -14.14
N ALA C 201 8.11 16.15 -14.73
CA ALA C 201 8.86 16.10 -15.97
C ALA C 201 10.28 15.58 -15.73
N ILE C 202 10.92 16.06 -14.66
CA ILE C 202 12.27 15.61 -14.30
C ILE C 202 12.25 14.11 -13.97
N ASN C 203 11.21 13.65 -13.27
CA ASN C 203 11.10 12.23 -12.96
C ASN C 203 10.99 11.38 -14.22
N GLN C 204 10.57 11.98 -15.35
CA GLN C 204 10.52 11.27 -16.62
C GLN C 204 11.90 11.04 -17.24
N LEU C 205 12.84 11.93 -16.96
CA LEU C 205 14.16 11.89 -17.57
C LEU C 205 15.11 10.97 -16.86
N GLY C 206 14.61 9.97 -16.15
CA GLY C 206 15.50 9.09 -15.42
C GLY C 206 16.09 9.68 -14.17
N LEU C 207 15.55 10.79 -13.69
CA LEU C 207 15.99 11.40 -12.45
C LEU C 207 14.91 11.28 -11.39
N VAL C 208 15.26 11.61 -10.15
CA VAL C 208 14.33 11.60 -9.03
C VAL C 208 14.56 12.86 -8.21
N VAL C 209 13.47 13.37 -7.60
CA VAL C 209 13.49 14.60 -6.80
C VAL C 209 13.02 14.25 -5.40
N ARG C 210 13.79 14.69 -4.40
CA ARG C 210 13.51 14.37 -3.01
C ARG C 210 13.81 15.58 -2.14
N GLY C 211 13.40 15.48 -0.88
CA GLY C 211 13.62 16.51 0.13
C GLY C 211 15.06 16.59 0.59
N ILE C 212 15.29 17.48 1.56
CA ILE C 212 16.65 17.90 1.91
C ILE C 212 17.53 16.72 2.31
N TYR C 213 17.02 15.83 3.18
CA TYR C 213 17.78 14.63 3.58
C TYR C 213 17.25 13.34 2.96
N GLY C 214 16.34 13.41 2.00
CA GLY C 214 15.70 12.23 1.44
C GLY C 214 14.18 12.25 1.48
N ALA C 219 9.46 18.95 0.94
CA ALA C 219 10.48 19.88 0.43
C ALA C 219 10.62 21.16 1.28
N VAL C 220 11.09 20.95 2.52
CA VAL C 220 11.21 22.02 3.51
C VAL C 220 12.32 22.99 3.11
N GLY C 221 12.07 24.28 3.27
CA GLY C 221 13.06 25.25 2.88
C GLY C 221 13.25 25.45 1.38
N ASN C 222 12.36 24.91 0.55
CA ASN C 222 12.50 24.98 -0.90
C ASN C 222 13.81 24.40 -1.41
N ILE C 223 14.32 23.41 -0.69
CA ILE C 223 15.54 22.73 -1.05
C ILE C 223 15.18 21.38 -1.64
N PHE C 224 15.69 21.11 -2.83
CA PHE C 224 15.41 19.91 -3.58
C PHE C 224 16.73 19.24 -3.92
N GLN C 225 16.75 17.92 -3.80
CA GLN C 225 17.88 17.10 -4.19
C GLN C 225 17.46 16.36 -5.45
N ILE C 226 18.20 16.56 -6.54
CA ILE C 226 17.93 15.91 -7.82
C ILE C 226 19.05 14.91 -8.10
N SER C 227 18.67 13.65 -8.32
CA SER C 227 19.63 12.57 -8.44
C SER C 227 19.32 11.73 -9.65
N ASN C 228 20.31 10.90 -10.03
CA ASN C 228 20.09 9.92 -11.12
C ASN C 228 19.22 8.81 -10.54
N GLN C 229 18.13 8.44 -11.22
CA GLN C 229 17.27 7.34 -10.71
C GLN C 229 17.57 6.07 -11.50
N ILE C 230 17.81 6.22 -12.81
CA ILE C 230 18.10 5.06 -13.71
C ILE C 230 19.58 5.11 -14.09
N THR C 231 20.31 4.03 -13.77
CA THR C 231 21.73 3.95 -14.12
C THR C 231 22.10 2.69 -14.89
N LEU C 232 21.27 1.65 -14.86
CA LEU C 232 21.57 0.39 -15.51
C LEU C 232 21.78 0.63 -17.00
N GLY C 233 22.90 0.11 -17.52
CA GLY C 233 23.27 0.24 -18.91
C GLY C 233 23.85 1.57 -19.30
N LYS C 234 23.75 2.59 -18.45
CA LYS C 234 24.23 3.91 -18.82
C LYS C 234 25.72 4.01 -18.56
N SER C 235 26.42 4.75 -19.41
CA SER C 235 27.81 5.00 -19.13
C SER C 235 27.94 6.05 -18.02
N GLU C 236 29.13 6.13 -17.43
CA GLU C 236 29.43 7.23 -16.52
C GLU C 236 29.13 8.57 -17.15
N GLN C 237 29.57 8.75 -18.41
CA GLN C 237 29.41 10.00 -19.12
C GLN C 237 27.92 10.32 -19.28
N ASP C 238 27.10 9.31 -19.53
CA ASP C 238 25.67 9.53 -19.70
C ASP C 238 25.00 9.84 -18.37
N ILE C 239 25.45 9.20 -17.31
CA ILE C 239 24.86 9.43 -15.99
C ILE C 239 25.09 10.87 -15.57
N VAL C 240 26.32 11.36 -15.73
CA VAL C 240 26.66 12.69 -15.27
C VAL C 240 26.02 13.76 -16.13
N GLU C 241 25.94 13.51 -17.44
CA GLU C 241 25.35 14.50 -18.33
C GLU C 241 23.83 14.57 -18.18
N ASP C 242 23.18 13.43 -17.96
CA ASP C 242 21.74 13.44 -17.73
C ASP C 242 21.37 14.35 -16.57
N LEU C 243 22.13 14.31 -15.49
CA LEU C 243 21.83 15.18 -14.36
C LEU C 243 22.28 16.60 -14.63
N ASN C 244 23.45 16.77 -15.24
CA ASN C 244 24.01 18.10 -15.47
C ASN C 244 23.12 18.94 -16.37
N SER C 245 22.62 18.37 -17.46
CA SER C 245 21.79 19.18 -18.34
C SER C 245 20.47 19.57 -17.67
N VAL C 246 19.82 18.63 -16.98
CA VAL C 246 18.56 18.96 -16.30
C VAL C 246 18.81 19.99 -15.22
N ALA C 247 19.85 19.79 -14.41
CA ALA C 247 20.19 20.76 -13.37
C ALA C 247 20.46 22.13 -13.96
N ALA C 248 21.17 22.18 -15.10
CA ALA C 248 21.51 23.46 -15.72
C ALA C 248 20.26 24.17 -16.21
N GLN C 249 19.29 23.41 -16.72
CA GLN C 249 18.01 24.00 -17.08
C GLN C 249 17.28 24.55 -15.86
N LEU C 250 17.29 23.81 -14.74
CA LEU C 250 16.64 24.30 -13.53
C LEU C 250 17.30 25.58 -13.03
N ILE C 251 18.63 25.68 -13.16
CA ILE C 251 19.31 26.90 -12.75
C ILE C 251 18.74 28.10 -13.51
N GLU C 252 18.62 27.97 -14.83
CA GLU C 252 18.13 29.10 -15.64
C GLU C 252 16.66 29.38 -15.35
N GLN C 253 15.84 28.33 -15.25
CA GLN C 253 14.42 28.53 -15.00
C GLN C 253 14.17 29.16 -13.63
N GLU C 254 14.93 28.75 -12.61
CA GLU C 254 14.77 29.35 -11.29
C GLU C 254 15.25 30.80 -11.29
N ARG C 255 16.35 31.09 -11.99
CA ARG C 255 16.83 32.47 -12.09
C ARG C 255 15.86 33.36 -12.85
N SER C 256 15.25 32.85 -13.92
CA SER C 256 14.26 33.64 -14.64
C SER C 256 13.03 33.90 -13.78
N ALA C 257 12.56 32.86 -13.07
CA ALA C 257 11.42 33.05 -12.19
C ALA C 257 11.76 34.01 -11.04
N ARG C 258 13.00 33.99 -10.56
CA ARG C 258 13.41 34.93 -9.52
C ARG C 258 13.35 36.36 -10.02
N GLU C 259 13.98 36.63 -11.17
CA GLU C 259 13.93 37.97 -11.73
C GLU C 259 12.49 38.38 -12.02
N ALA C 260 11.67 37.42 -12.45
CA ALA C 260 10.30 37.73 -12.83
C ALA C 260 9.49 38.25 -11.65
N ILE C 261 9.48 37.51 -10.54
CA ILE C 261 8.69 37.94 -9.40
C ILE C 261 9.27 39.21 -8.78
N TYR C 262 10.59 39.39 -8.83
CA TYR C 262 11.15 40.64 -8.33
C TYR C 262 10.57 41.82 -9.10
N GLN C 263 10.35 41.64 -10.41
CA GLN C 263 9.82 42.70 -11.26
C GLN C 263 8.30 42.83 -11.09
N THR C 264 7.61 41.73 -10.83
CA THR C 264 6.15 41.73 -10.78
C THR C 264 5.62 42.23 -9.44
N SER C 265 6.32 41.89 -8.35
CA SER C 265 5.85 42.14 -6.99
C SER C 265 7.02 42.60 -6.13
N LYS C 266 7.68 43.68 -6.53
CA LYS C 266 8.92 44.09 -5.87
C LYS C 266 8.75 44.37 -4.38
N ILE C 267 7.80 45.25 -4.02
CA ILE C 267 7.69 45.60 -2.61
C ILE C 267 7.14 44.42 -1.81
N GLU C 268 6.25 43.62 -2.40
CA GLU C 268 5.72 42.46 -1.70
C GLU C 268 6.84 41.45 -1.43
N LEU C 269 7.78 41.32 -2.36
CA LEU C 269 8.91 40.42 -2.14
C LEU C 269 9.86 40.99 -1.10
N GLU C 270 10.10 42.30 -1.14
CA GLU C 270 10.94 42.88 -0.09
C GLU C 270 10.27 42.73 1.26
N ASP C 271 8.94 42.84 1.29
CA ASP C 271 8.20 42.67 2.53
C ASP C 271 8.31 41.24 3.03
N ARG C 272 8.17 40.27 2.13
CA ARG C 272 8.25 38.87 2.53
C ARG C 272 9.62 38.50 3.11
N VAL C 273 10.71 38.87 2.41
CA VAL C 273 12.03 38.42 2.88
C VAL C 273 12.47 39.20 4.12
N TYR C 274 12.10 40.48 4.22
CA TYR C 274 12.49 41.23 5.41
C TYR C 274 11.68 40.83 6.63
N ARG C 275 10.39 40.50 6.45
CA ARG C 275 9.61 39.97 7.56
C ARG C 275 10.18 38.65 8.04
N SER C 276 10.68 37.81 7.13
CA SER C 276 11.31 36.57 7.58
C SER C 276 12.60 36.85 8.34
N TYR C 277 13.36 37.87 7.92
CA TYR C 277 14.50 38.32 8.72
C TYR C 277 14.05 38.84 10.08
N GLY C 278 12.93 39.58 10.13
CA GLY C 278 12.41 40.04 11.40
C GLY C 278 12.15 38.90 12.37
N VAL C 279 11.56 37.82 11.86
CA VAL C 279 11.31 36.64 12.69
C VAL C 279 12.62 36.09 13.23
N LEU C 280 13.58 35.82 12.34
CA LEU C 280 14.82 35.20 12.76
C LEU C 280 15.57 36.04 13.78
N SER C 281 15.62 37.34 13.58
CA SER C 281 16.38 38.22 14.50
C SER C 281 15.63 38.52 15.82
N ASN C 282 14.33 38.27 15.91
CA ASN C 282 13.61 38.65 17.16
C ASN C 282 12.82 37.51 17.84
N CYS C 283 12.67 36.35 17.21
CA CYS C 283 11.83 35.29 17.83
C CYS C 283 12.45 34.69 19.10
N ARG C 284 11.61 34.31 20.07
CA ARG C 284 12.08 33.62 21.26
C ARG C 284 11.76 32.14 21.24
N MET C 285 10.90 31.71 20.33
CA MET C 285 10.66 30.30 20.07
C MET C 285 10.58 30.13 18.56
N ILE C 286 11.21 29.07 18.04
CA ILE C 286 11.03 28.73 16.62
C ILE C 286 11.33 27.26 16.38
N GLU C 287 10.46 26.59 15.63
CA GLU C 287 10.57 25.19 15.21
C GLU C 287 11.45 25.05 13.96
N SER C 288 11.82 23.80 13.65
CA SER C 288 12.61 23.50 12.44
C SER C 288 11.90 23.97 11.18
N LYS C 289 10.61 23.69 11.09
CA LYS C 289 9.80 24.04 9.93
C LYS C 289 9.87 25.54 9.65
N GLU C 290 9.56 26.37 10.64
CA GLU C 290 9.53 27.80 10.36
C GLU C 290 10.91 28.34 10.09
N THR C 291 11.92 27.80 10.78
CA THR C 291 13.29 28.20 10.53
C THR C 291 13.66 28.01 9.06
N ALA C 292 13.40 26.81 8.52
CA ALA C 292 13.68 26.54 7.11
C ALA C 292 12.90 27.46 6.20
N LYS C 293 11.61 27.68 6.51
CA LYS C 293 10.81 28.65 5.76
C LYS C 293 11.48 30.02 5.75
N CYS C 294 11.95 30.47 6.91
CA CYS C 294 12.48 31.82 7.03
C CYS C 294 13.87 31.92 6.41
N LEU C 295 14.71 30.91 6.63
CA LEU C 295 16.03 30.90 6.01
C LEU C 295 15.94 30.95 4.50
N SER C 296 14.94 30.25 3.92
CA SER C 296 14.75 30.29 2.47
C SER C 296 14.40 31.70 2.00
N ASP C 297 13.48 32.36 2.71
CA ASP C 297 13.12 33.74 2.35
C ASP C 297 14.35 34.64 2.41
N VAL C 298 15.10 34.60 3.52
CA VAL C 298 16.25 35.47 3.68
C VAL C 298 17.33 35.13 2.64
N ARG C 299 17.55 33.83 2.39
CA ARG C 299 18.53 33.47 1.35
C ARG C 299 18.15 34.08 0.01
N LEU C 300 16.86 34.06 -0.34
CA LEU C 300 16.42 34.68 -1.58
C LEU C 300 16.69 36.17 -1.57
N GLY C 301 16.49 36.81 -0.42
CA GLY C 301 16.75 38.24 -0.30
C GLY C 301 18.20 38.62 -0.51
N ILE C 302 19.12 37.83 0.04
CA ILE C 302 20.54 38.06 -0.19
C ILE C 302 20.85 37.97 -1.68
N ASP C 303 20.37 36.90 -2.33
CA ASP C 303 20.62 36.64 -3.74
C ASP C 303 20.12 37.76 -4.65
N LEU C 304 18.96 38.34 -4.35
CA LEU C 304 18.40 39.39 -5.19
C LEU C 304 18.91 40.77 -4.80
N GLY C 305 19.80 40.87 -3.83
CA GLY C 305 20.26 42.16 -3.35
C GLY C 305 19.33 42.91 -2.41
N ILE C 306 18.20 42.31 -1.98
CA ILE C 306 17.29 43.02 -1.07
C ILE C 306 17.90 43.12 0.31
N ILE C 307 18.53 42.04 0.78
CA ILE C 307 19.11 42.00 2.11
C ILE C 307 20.62 42.08 1.98
N LYS C 308 21.19 43.14 2.54
CA LYS C 308 22.60 43.46 2.45
C LYS C 308 23.23 43.24 3.82
N GLY C 309 24.56 43.10 3.82
CA GLY C 309 25.30 42.92 5.04
C GLY C 309 25.18 41.56 5.69
N LEU C 310 24.72 40.56 4.95
CA LEU C 310 24.56 39.21 5.48
C LEU C 310 25.04 38.21 4.43
N SER C 311 26.01 37.37 4.79
CA SER C 311 26.57 36.44 3.82
C SER C 311 25.73 35.18 3.75
N SER C 312 25.56 34.64 2.55
CA SER C 312 24.81 33.40 2.41
C SER C 312 25.45 32.25 3.16
N ASN C 313 26.79 32.29 3.38
CA ASN C 313 27.47 31.25 4.16
C ASN C 313 26.90 31.19 5.58
N ILE C 314 26.56 32.35 6.15
CA ILE C 314 25.95 32.38 7.47
C ILE C 314 24.60 31.66 7.43
N LEU C 315 23.85 31.82 6.34
CA LEU C 315 22.57 31.13 6.25
C LEU C 315 22.75 29.62 6.07
N ASN C 316 23.69 29.20 5.20
CA ASN C 316 23.96 27.77 5.05
C ASN C 316 24.33 27.13 6.38
N GLU C 317 25.15 27.81 7.18
CA GLU C 317 25.54 27.27 8.47
C GLU C 317 24.35 27.10 9.40
N LEU C 318 23.47 28.11 9.48
CA LEU C 318 22.29 28.01 10.33
C LEU C 318 21.36 26.88 9.90
N MET C 319 21.26 26.63 8.59
CA MET C 319 20.36 25.58 8.12
C MET C 319 20.75 24.23 8.71
N ILE C 320 22.04 23.99 8.87
CA ILE C 320 22.51 22.75 9.49
C ILE C 320 22.50 22.87 11.01
N LEU C 321 23.00 23.99 11.51
CA LEU C 321 23.16 24.21 12.95
C LEU C 321 21.84 24.12 13.71
N THR C 322 20.73 24.50 13.10
CA THR C 322 19.43 24.48 13.78
C THR C 322 18.70 23.15 13.60
N GLN C 323 19.30 22.20 12.88
CA GLN C 323 18.72 20.87 12.83
C GLN C 323 18.64 20.27 14.24
N PRO C 324 17.63 19.44 14.49
CA PRO C 324 17.42 18.97 15.88
C PRO C 324 18.61 18.22 16.44
N GLY C 325 19.28 17.41 15.63
CA GLY C 325 20.43 16.67 16.13
C GLY C 325 21.57 17.61 16.50
N PHE C 326 21.94 18.49 15.58
CA PHE C 326 23.04 19.41 15.82
C PHE C 326 22.71 20.36 16.97
N LEU C 327 21.45 20.80 17.07
CA LEU C 327 21.07 21.69 18.14
C LEU C 327 21.29 21.04 19.50
N GLN C 328 20.95 19.76 19.62
CA GLN C 328 21.12 19.06 20.89
C GLN C 328 22.59 18.81 21.19
N GLN C 329 23.33 18.33 20.21
CA GLN C 329 24.78 18.19 20.35
C GLN C 329 25.41 19.51 20.80
N TYR C 330 25.08 20.59 20.10
CA TYR C 330 25.65 21.88 20.45
C TYR C 330 25.27 22.32 21.88
N SER C 331 24.06 21.95 22.34
CA SER C 331 23.58 22.34 23.66
C SER C 331 24.02 21.38 24.76
N GLY C 332 24.58 20.23 24.39
CA GLY C 332 25.14 19.31 25.35
C GLY C 332 24.14 18.35 25.96
N GLY C 333 23.44 17.58 25.13
CA GLY C 333 22.46 16.65 25.65
C GLY C 333 21.12 16.73 24.96
N ALA C 334 20.25 15.76 25.22
CA ALA C 334 18.95 15.69 24.61
C ALA C 334 18.10 16.88 25.05
N LEU C 335 17.04 17.14 24.29
CA LEU C 335 16.18 18.27 24.55
C LEU C 335 14.75 17.90 24.16
N ARG C 336 13.81 18.32 25.01
CA ARG C 336 12.41 18.33 24.62
C ARG C 336 12.26 19.17 23.36
N PRO C 337 11.31 18.83 22.49
CA PRO C 337 11.05 19.69 21.33
C PRO C 337 10.82 21.16 21.70
N ASN C 338 10.00 21.43 22.73
CA ASN C 338 9.79 22.80 23.18
C ASN C 338 11.09 23.47 23.59
N GLU C 339 11.96 22.75 24.31
CA GLU C 339 13.25 23.34 24.68
C GLU C 339 14.10 23.63 23.44
N ARG C 340 14.06 22.73 22.43
CA ARG C 340 14.82 22.97 21.21
C ARG C 340 14.41 24.29 20.58
N ASP C 341 13.08 24.55 20.56
CA ASP C 341 12.56 25.76 19.94
C ASP C 341 13.03 27.02 20.64
N ILE C 342 13.22 26.95 21.96
CA ILE C 342 13.74 28.11 22.68
C ILE C 342 15.22 28.29 22.39
N ARG C 343 15.99 27.20 22.44
CA ARG C 343 17.42 27.32 22.19
C ARG C 343 17.71 27.63 20.74
N ARG C 344 16.91 27.08 19.81
CA ARG C 344 17.09 27.40 18.40
C ARG C 344 16.92 28.89 18.14
N ALA C 345 15.83 29.48 18.66
CA ALA C 345 15.59 30.91 18.48
C ALA C 345 16.75 31.73 19.03
N ALA C 346 17.20 31.38 20.24
CA ALA C 346 18.32 32.08 20.84
C ALA C 346 19.58 31.95 20.00
N LEU C 347 19.85 30.75 19.49
CA LEU C 347 21.01 30.50 18.66
C LEU C 347 20.98 31.35 17.40
N ILE C 348 19.84 31.34 16.70
CA ILE C 348 19.72 32.10 15.47
C ILE C 348 19.89 33.59 15.76
N ARG C 349 19.21 34.06 16.80
CA ARG C 349 19.20 35.46 17.18
C ARG C 349 20.62 35.97 17.39
N GLU C 350 21.46 35.18 18.06
CA GLU C 350 22.82 35.60 18.38
C GLU C 350 23.71 35.62 17.16
N ARG C 351 23.66 34.59 16.32
CA ARG C 351 24.48 34.64 15.12
C ARG C 351 24.11 35.83 14.27
N LEU C 352 22.82 36.13 14.16
CA LEU C 352 22.39 37.22 13.31
C LEU C 352 22.76 38.58 13.89
N HIS C 353 22.59 38.75 15.20
CA HIS C 353 23.01 40.00 15.83
C HIS C 353 24.51 40.17 15.72
N LEU C 354 25.25 39.06 15.82
CA LEU C 354 26.69 39.10 15.69
C LEU C 354 27.09 39.63 14.30
N GLU C 355 26.49 39.10 13.24
CA GLU C 355 26.89 39.44 11.88
C GLU C 355 26.50 40.87 11.48
N MET C 356 25.55 41.49 12.15
CA MET C 356 25.14 42.86 11.81
C MET C 356 25.85 43.91 12.66
N ASN C 357 27.03 43.59 13.19
CA ASN C 357 27.85 44.55 13.92
C ASN C 357 29.28 44.55 13.39
N MET D 4 18.79 12.72 -41.93
CA MET D 4 17.89 12.31 -40.84
C MET D 4 16.41 12.47 -41.16
N SER D 5 15.74 11.36 -41.51
CA SER D 5 14.30 11.32 -41.61
C SER D 5 13.67 11.25 -40.24
N LEU D 6 14.41 11.60 -39.21
CA LEU D 6 13.81 11.69 -37.86
C LEU D 6 12.89 12.91 -37.86
N LYS D 7 13.35 14.00 -38.49
CA LYS D 7 12.64 15.30 -38.55
C LYS D 7 11.12 15.20 -38.75
N HIS D 8 10.65 14.36 -39.68
CA HIS D 8 9.19 14.29 -39.94
C HIS D 8 8.46 13.56 -38.82
N PHE D 9 9.16 12.71 -38.08
CA PHE D 9 8.53 11.97 -36.97
C PHE D 9 8.33 12.90 -35.77
N ILE D 10 9.10 13.99 -35.70
CA ILE D 10 8.99 14.93 -34.60
C ILE D 10 8.30 16.23 -35.01
N GLN D 11 8.18 16.50 -36.31
CA GLN D 11 7.71 17.80 -36.73
C GLN D 11 6.20 17.91 -36.76
N ASP D 12 5.49 16.88 -37.23
CA ASP D 12 4.05 16.98 -37.39
C ASP D 12 3.37 16.35 -36.19
N ALA D 13 2.37 17.04 -35.64
CA ALA D 13 1.70 16.57 -34.45
C ALA D 13 0.77 15.42 -34.78
N LEU D 14 0.07 15.52 -35.90
CA LEU D 14 -0.85 14.48 -36.32
C LEU D 14 -0.34 13.94 -37.65
N SER D 15 0.03 12.66 -37.67
CA SER D 15 0.47 12.05 -38.92
C SER D 15 -0.70 12.00 -39.88
N SER D 16 -0.38 12.10 -41.17
CA SER D 16 -1.40 11.97 -42.19
C SER D 16 -2.16 10.64 -42.08
N TRP D 17 -1.46 9.57 -41.67
CA TRP D 17 -2.11 8.29 -41.42
C TRP D 17 -3.24 8.42 -40.39
N MET D 18 -3.01 9.18 -39.32
CA MET D 18 -4.02 9.30 -38.26
C MET D 18 -5.08 10.34 -38.56
N LYS D 19 -4.92 11.16 -39.61
CA LYS D 19 -5.97 12.08 -40.02
C LYS D 19 -7.07 11.38 -40.80
N GLN D 20 -6.85 10.16 -41.25
CA GLN D 20 -7.87 9.44 -41.98
C GLN D 20 -9.07 9.18 -41.08
N LYS D 21 -10.25 9.18 -41.67
CA LYS D 21 -11.45 8.85 -40.92
C LYS D 21 -11.53 7.33 -40.78
N GLY D 22 -11.53 6.87 -39.52
CA GLY D 22 -11.78 5.49 -39.19
C GLY D 22 -13.20 5.34 -38.69
N PRO D 23 -13.67 4.11 -38.49
CA PRO D 23 -15.05 3.90 -38.07
C PRO D 23 -15.28 4.46 -36.67
N GLU D 24 -16.49 5.01 -36.47
CA GLU D 24 -16.95 5.53 -35.18
C GLU D 24 -16.02 6.60 -34.64
N SER D 25 -15.44 7.41 -35.53
CA SER D 25 -14.39 8.30 -35.07
C SER D 25 -14.89 9.42 -34.14
N ASP D 26 -16.20 9.57 -33.98
CA ASP D 26 -16.74 10.53 -33.00
C ASP D 26 -16.50 10.09 -31.57
N ILE D 27 -16.54 8.78 -31.30
CA ILE D 27 -16.33 8.25 -29.96
C ILE D 27 -14.94 7.64 -29.82
N VAL D 28 -14.48 6.89 -30.82
CA VAL D 28 -13.21 6.18 -30.75
C VAL D 28 -12.16 6.97 -31.51
N LEU D 29 -11.16 7.47 -30.79
CA LEU D 29 -10.09 8.24 -31.41
C LEU D 29 -9.07 7.34 -32.11
N SER D 30 -8.70 6.22 -31.48
CA SER D 30 -7.69 5.35 -32.06
C SER D 30 -7.84 3.93 -31.52
N SER D 31 -7.25 3.00 -32.25
CA SER D 31 -7.14 1.59 -31.90
C SER D 31 -5.68 1.18 -31.93
N ARG D 32 -5.27 0.42 -30.93
CA ARG D 32 -3.88 0.03 -30.76
C ARG D 32 -3.84 -1.47 -30.54
N ILE D 33 -2.93 -2.14 -31.25
CA ILE D 33 -2.62 -3.54 -31.03
C ILE D 33 -1.14 -3.60 -30.70
N ARG D 34 -0.80 -4.32 -29.65
CA ARG D 34 0.59 -4.41 -29.20
C ARG D 34 0.95 -5.88 -29.01
N LEU D 35 2.05 -6.32 -29.63
CA LEU D 35 2.55 -7.69 -29.48
C LEU D 35 3.93 -7.67 -28.83
N ALA D 36 4.06 -8.41 -27.73
CA ALA D 36 5.33 -8.53 -27.01
C ALA D 36 5.99 -9.87 -27.33
N ARG D 37 7.29 -9.84 -27.63
CA ARG D 37 8.08 -11.06 -27.82
C ARG D 37 9.48 -10.85 -27.28
N ASN D 38 10.19 -11.96 -27.04
CA ASN D 38 11.60 -11.90 -26.67
C ASN D 38 12.41 -12.85 -27.54
N PHE D 39 13.70 -12.53 -27.68
CA PHE D 39 14.62 -13.39 -28.42
C PHE D 39 14.80 -14.69 -27.67
N GLU D 40 14.65 -15.82 -28.37
CA GLU D 40 15.01 -17.10 -27.78
C GLU D 40 16.48 -17.08 -27.38
N HIS D 41 16.77 -17.56 -26.17
CA HIS D 41 18.12 -17.69 -25.60
C HIS D 41 18.78 -16.38 -25.22
N ILE D 42 18.07 -15.25 -25.24
CA ILE D 42 18.59 -13.98 -24.71
C ILE D 42 17.76 -13.60 -23.50
N ARG D 43 18.44 -13.18 -22.44
CA ARG D 43 17.74 -12.88 -21.20
C ARG D 43 16.83 -11.67 -21.39
N PHE D 44 15.74 -11.65 -20.61
CA PHE D 44 14.80 -10.54 -20.67
C PHE D 44 15.48 -9.24 -20.27
N PRO D 45 14.93 -8.09 -20.66
CA PRO D 45 15.59 -6.82 -20.31
C PRO D 45 15.78 -6.62 -18.82
N THR D 46 15.05 -7.38 -18.01
CA THR D 46 15.26 -7.32 -16.53
C THR D 46 16.67 -7.81 -16.20
N ARG D 47 17.14 -8.90 -16.84
CA ARG D 47 18.47 -9.49 -16.51
C ARG D 47 19.47 -9.54 -17.68
N TYR D 48 19.22 -8.89 -18.82
CA TYR D 48 20.19 -8.99 -19.94
C TYR D 48 21.44 -8.12 -19.74
N SER D 49 22.53 -8.44 -20.47
CA SER D 49 23.79 -7.71 -20.43
C SER D 49 23.79 -6.57 -21.43
N ASN D 50 24.72 -5.64 -21.24
CA ASN D 50 24.93 -4.55 -22.19
C ASN D 50 25.22 -5.08 -23.59
N GLU D 51 26.01 -6.15 -23.68
CA GLU D 51 26.36 -6.73 -24.97
C GLU D 51 25.12 -7.25 -25.68
N GLU D 52 24.28 -7.98 -24.94
CA GLU D 52 23.09 -8.58 -25.53
C GLU D 52 22.14 -7.49 -26.03
N ALA D 53 21.77 -6.55 -25.16
CA ALA D 53 20.92 -5.44 -25.56
C ALA D 53 21.45 -4.72 -26.79
N SER D 54 22.75 -4.47 -26.86
CA SER D 54 23.31 -3.76 -28.00
C SER D 54 23.19 -4.55 -29.30
N SER D 55 23.29 -5.88 -29.22
CA SER D 55 23.18 -6.72 -30.42
C SER D 55 21.77 -6.70 -30.98
N ILE D 56 20.76 -6.71 -30.10
CA ILE D 56 19.36 -6.67 -30.53
C ILE D 56 19.11 -5.43 -31.39
N ILE D 57 19.56 -4.28 -30.90
CA ILE D 57 19.39 -3.05 -31.66
C ILE D 57 20.17 -3.12 -32.95
N GLN D 58 21.39 -3.67 -32.91
CA GLN D 58 22.20 -3.74 -34.13
C GLN D 58 21.58 -4.64 -35.17
N GLN D 59 21.00 -5.78 -34.73
CA GLN D 59 20.36 -6.69 -35.68
C GLN D 59 19.21 -6.01 -36.40
N PHE D 60 18.47 -5.15 -35.70
CA PHE D 60 17.37 -4.45 -36.35
C PHE D 60 17.89 -3.40 -37.31
N GLU D 61 18.98 -2.71 -36.95
CA GLU D 61 19.59 -1.78 -37.89
C GLU D 61 20.05 -2.50 -39.15
N ASP D 62 20.67 -3.66 -38.99
CA ASP D 62 21.24 -4.33 -40.16
C ASP D 62 20.15 -4.90 -41.07
N GLN D 63 19.22 -5.66 -40.48
CA GLN D 63 18.23 -6.39 -41.31
C GLN D 63 16.85 -5.71 -41.46
N PHE D 64 16.55 -4.67 -40.68
CA PHE D 64 15.19 -4.08 -40.80
C PHE D 64 15.22 -2.61 -41.23
N SER D 65 16.10 -1.81 -40.64
CA SER D 65 16.16 -0.39 -40.97
C SER D 65 16.39 -0.22 -42.46
N GLU D 66 15.62 0.68 -43.07
CA GLU D 66 15.56 0.96 -44.51
C GLU D 66 14.90 -0.15 -45.31
N GLN D 67 14.40 -1.21 -44.66
CA GLN D 67 13.64 -2.22 -45.36
C GLN D 67 12.16 -1.84 -45.39
N GLU D 68 11.38 -2.58 -46.17
CA GLU D 68 10.00 -2.18 -46.40
C GLU D 68 9.09 -3.40 -46.41
N ILE D 69 7.82 -3.16 -46.09
CA ILE D 69 6.77 -4.17 -46.11
C ILE D 69 5.76 -3.74 -47.17
N PRO D 70 5.30 -4.63 -48.07
CA PRO D 70 4.31 -4.22 -49.05
C PRO D 70 3.02 -3.84 -48.31
N GLY D 71 2.47 -2.67 -48.64
CA GLY D 71 1.21 -2.17 -48.05
C GLY D 71 1.42 -1.41 -46.74
N ILE D 72 2.64 -1.41 -46.20
CA ILE D 72 2.92 -0.65 -44.94
C ILE D 72 4.00 0.40 -45.19
N GLY D 73 4.89 0.16 -46.16
CA GLY D 73 5.96 1.11 -46.48
C GLY D 73 7.27 0.82 -45.77
N LYS D 74 8.26 1.69 -45.98
CA LYS D 74 9.63 1.57 -45.42
C LYS D 74 9.66 1.86 -43.92
N PHE D 75 10.54 1.14 -43.20
CA PHE D 75 10.78 1.30 -41.78
C PHE D 75 12.15 1.95 -41.56
N VAL D 76 12.28 2.66 -40.46
CA VAL D 76 13.54 3.29 -40.11
C VAL D 76 13.72 3.18 -38.60
N LEU D 77 14.96 2.98 -38.19
CA LEU D 77 15.31 2.81 -36.78
C LEU D 77 15.67 4.14 -36.17
N ILE D 78 15.13 4.40 -34.98
CA ILE D 78 15.56 5.49 -34.12
C ILE D 78 16.17 4.86 -32.88
N ARG D 79 17.41 5.24 -32.56
CA ARG D 79 18.03 4.83 -31.30
C ARG D 79 17.72 5.84 -30.20
N MET D 80 17.25 5.37 -29.05
CA MET D 80 16.93 6.29 -27.96
C MET D 80 18.15 7.11 -27.56
N ASN D 81 19.33 6.51 -27.64
CA ASN D 81 20.58 7.19 -27.33
C ASN D 81 20.99 8.21 -28.39
N ASP D 82 20.34 8.24 -29.55
CA ASP D 82 20.65 9.25 -30.56
C ASP D 82 19.59 10.34 -30.67
N ALA D 83 18.67 10.43 -29.71
CA ALA D 83 17.54 11.33 -29.83
C ALA D 83 17.62 12.33 -28.70
N GLN D 84 17.43 13.62 -29.03
CA GLN D 84 17.47 14.62 -27.99
C GLN D 84 16.33 14.42 -27.01
N PRO D 85 16.49 14.88 -25.77
CA PRO D 85 15.44 14.67 -24.76
C PRO D 85 14.05 15.12 -25.21
N LEU D 86 13.94 16.28 -25.88
CA LEU D 86 12.62 16.74 -26.27
C LEU D 86 12.06 15.95 -27.44
N GLU D 87 12.93 15.53 -28.37
CA GLU D 87 12.50 14.63 -29.43
C GLU D 87 11.86 13.37 -28.84
N LYS D 88 12.52 12.81 -27.84
CA LYS D 88 12.01 11.58 -27.16
C LYS D 88 10.63 11.90 -26.57
N ARG D 89 10.45 13.11 -26.04
CA ARG D 89 9.18 13.48 -25.44
C ARG D 89 8.08 13.59 -26.49
N VAL D 90 8.40 14.16 -27.66
CA VAL D 90 7.41 14.26 -28.72
C VAL D 90 6.92 12.88 -29.13
N LEU D 91 7.85 11.91 -29.27
CA LEU D 91 7.45 10.55 -29.63
C LEU D 91 6.48 9.97 -28.61
N VAL D 92 6.70 10.25 -27.31
CA VAL D 92 5.75 9.84 -26.28
C VAL D 92 4.40 10.55 -26.47
N GLU D 93 4.44 11.85 -26.75
CA GLU D 93 3.20 12.62 -26.84
C GLU D 93 2.41 12.25 -28.09
N LYS D 94 3.10 11.83 -29.15
CA LYS D 94 2.44 11.31 -30.34
C LYS D 94 2.00 9.85 -30.20
N HIS D 95 2.23 9.23 -29.03
CA HIS D 95 1.86 7.85 -28.73
C HIS D 95 2.65 6.84 -29.56
N LEU D 96 3.80 7.23 -30.11
CA LEU D 96 4.61 6.30 -30.87
C LEU D 96 5.48 5.42 -29.96
N ILE D 97 6.03 5.98 -28.88
CA ILE D 97 6.81 5.18 -27.95
C ILE D 97 6.31 5.43 -26.54
N SER D 98 6.65 4.50 -25.63
CA SER D 98 6.28 4.57 -24.23
C SER D 98 7.30 5.39 -23.46
N PRO D 99 6.91 5.92 -22.29
CA PRO D 99 7.89 6.61 -21.44
C PRO D 99 9.06 5.73 -21.02
N ASN D 100 8.80 4.46 -20.76
CA ASN D 100 9.88 3.56 -20.36
C ASN D 100 10.95 3.44 -21.44
N LEU D 101 10.57 3.55 -22.71
CA LEU D 101 11.56 3.40 -23.75
C LEU D 101 12.58 4.53 -23.71
N THR D 102 12.15 5.74 -23.37
CA THR D 102 13.07 6.87 -23.31
C THR D 102 14.12 6.69 -22.23
N GLU D 103 13.84 5.84 -21.24
CA GLU D 103 14.76 5.55 -20.15
C GLU D 103 15.66 4.35 -20.44
N SER D 104 15.42 3.61 -21.52
CA SER D 104 16.26 2.46 -21.84
C SER D 104 17.53 2.89 -22.55
N PRO D 105 18.70 2.56 -22.00
CA PRO D 105 19.95 3.03 -22.62
C PRO D 105 20.18 2.43 -24.00
N PHE D 106 19.76 1.18 -24.22
CA PHE D 106 19.80 0.57 -25.53
C PHE D 106 18.42 0.52 -26.18
N GLY D 107 17.52 1.39 -25.75
CA GLY D 107 16.22 1.45 -26.37
C GLY D 107 16.27 1.94 -27.80
N GLY D 108 15.31 1.47 -28.58
CA GLY D 108 15.13 1.99 -29.93
C GLY D 108 13.72 1.70 -30.41
N CYS D 109 13.37 2.31 -31.53
CA CYS D 109 12.11 1.97 -32.18
C CYS D 109 12.32 1.99 -33.68
N LEU D 110 11.88 0.92 -34.31
CA LEU D 110 11.82 0.81 -35.76
C LEU D 110 10.46 1.33 -36.17
N LEU D 111 10.44 2.48 -36.84
CA LEU D 111 9.19 3.15 -37.17
C LEU D 111 8.90 2.98 -38.64
N SER D 112 7.66 2.65 -38.97
CA SER D 112 7.24 2.77 -40.35
C SER D 112 7.08 4.25 -40.67
N GLU D 113 7.36 4.61 -41.92
CA GLU D 113 7.35 6.01 -42.32
C GLU D 113 5.97 6.61 -42.19
N ASN D 114 4.92 5.79 -42.35
CA ASN D 114 3.58 6.34 -42.26
C ASN D 114 3.12 6.48 -40.81
N GLU D 115 3.93 6.02 -39.86
CA GLU D 115 3.70 6.09 -38.42
C GLU D 115 2.58 5.16 -37.97
N GLU D 116 2.20 4.21 -38.82
CA GLU D 116 1.21 3.21 -38.44
C GLU D 116 1.83 2.17 -37.53
N VAL D 117 3.10 1.87 -37.73
CA VAL D 117 3.78 0.80 -37.00
C VAL D 117 4.96 1.39 -36.25
N SER D 118 5.07 1.04 -34.98
CA SER D 118 6.21 1.38 -34.16
C SER D 118 6.62 0.12 -33.42
N VAL D 119 7.80 -0.41 -33.74
CA VAL D 119 8.33 -1.57 -33.03
C VAL D 119 9.30 -1.05 -31.97
N MET D 120 8.90 -1.11 -30.71
CA MET D 120 9.82 -0.74 -29.65
C MET D 120 10.81 -1.86 -29.40
N LEU D 121 12.08 -1.49 -29.21
CA LEU D 121 13.16 -2.42 -28.96
C LEU D 121 13.77 -2.12 -27.60
N ASN D 122 13.91 -3.16 -26.77
CA ASN D 122 14.59 -3.06 -25.48
C ASN D 122 13.81 -2.19 -24.49
N GLU D 123 12.52 -2.48 -24.33
CA GLU D 123 11.68 -1.93 -23.27
C GLU D 123 11.48 -2.96 -22.17
N GLU D 124 10.24 -3.35 -21.90
CA GLU D 124 10.00 -4.46 -20.98
C GLU D 124 10.25 -5.80 -21.63
N ASP D 125 10.11 -5.87 -22.94
CA ASP D 125 10.53 -7.02 -23.72
C ASP D 125 11.50 -6.54 -24.79
N HIS D 126 12.21 -7.49 -25.40
CA HIS D 126 13.20 -7.16 -26.45
C HIS D 126 12.45 -6.53 -27.63
N ILE D 127 11.31 -7.10 -27.99
CA ILE D 127 10.52 -6.58 -29.13
C ILE D 127 9.10 -6.27 -28.68
N ARG D 128 8.65 -5.04 -28.92
CA ARG D 128 7.23 -4.67 -28.66
C ARG D 128 6.71 -4.16 -30.00
N ILE D 129 5.78 -4.90 -30.60
CA ILE D 129 5.25 -4.48 -31.94
C ILE D 129 3.92 -3.77 -31.71
N GLN D 130 3.82 -2.52 -32.13
CA GLN D 130 2.53 -1.86 -31.95
C GLN D 130 2.06 -1.24 -33.26
N CYS D 131 0.77 -1.40 -33.52
CA CYS D 131 0.09 -0.80 -34.65
C CYS D 131 -0.99 0.13 -34.15
N LEU D 132 -1.01 1.34 -34.69
CA LEU D 132 -1.91 2.38 -34.23
C LEU D 132 -2.77 2.81 -35.41
N PHE D 133 -4.09 2.61 -35.28
CA PHE D 133 -5.06 2.95 -36.33
C PHE D 133 -6.01 4.03 -35.85
N PRO D 134 -6.40 4.97 -36.72
CA PRO D 134 -7.41 5.95 -36.31
C PRO D 134 -8.78 5.29 -36.20
N GLY D 135 -9.57 5.74 -35.24
CA GLY D 135 -10.90 5.20 -35.08
C GLY D 135 -10.94 3.79 -34.50
N PHE D 136 -12.07 3.11 -34.75
CA PHE D 136 -12.40 1.82 -34.16
C PHE D 136 -12.15 0.73 -35.21
N GLN D 137 -10.93 0.20 -35.25
CA GLN D 137 -10.56 -0.85 -36.21
C GLN D 137 -9.58 -1.85 -35.61
N LEU D 138 -10.00 -2.57 -34.56
CA LEU D 138 -9.09 -3.52 -33.94
C LEU D 138 -8.71 -4.64 -34.90
N LEU D 139 -9.66 -5.14 -35.69
CA LEU D 139 -9.35 -6.27 -36.56
C LEU D 139 -8.33 -5.90 -37.63
N GLU D 140 -8.50 -4.75 -38.30
CA GLU D 140 -7.50 -4.34 -39.28
C GLU D 140 -6.14 -4.10 -38.63
N ALA D 141 -6.14 -3.52 -37.43
CA ALA D 141 -4.87 -3.29 -36.74
C ALA D 141 -4.21 -4.60 -36.36
N MET D 142 -4.99 -5.63 -36.04
CA MET D 142 -4.45 -6.95 -35.74
C MET D 142 -3.82 -7.60 -36.97
N LYS D 143 -4.45 -7.46 -38.14
CA LYS D 143 -3.86 -7.94 -39.38
C LYS D 143 -2.50 -7.28 -39.63
N ALA D 144 -2.44 -5.96 -39.46
CA ALA D 144 -1.18 -5.25 -39.68
C ALA D 144 -0.13 -5.73 -38.69
N ALA D 145 -0.53 -5.91 -37.44
CA ALA D 145 0.39 -6.41 -36.43
C ALA D 145 0.92 -7.79 -36.79
N ASN D 146 0.06 -8.69 -37.26
CA ASN D 146 0.55 -10.02 -37.63
C ASN D 146 1.47 -9.98 -38.84
N GLN D 147 1.17 -9.09 -39.79
CA GLN D 147 2.05 -8.92 -40.93
C GLN D 147 3.44 -8.48 -40.47
N VAL D 148 3.50 -7.53 -39.53
CA VAL D 148 4.79 -7.07 -39.03
C VAL D 148 5.46 -8.18 -38.21
N ASP D 149 4.64 -8.92 -37.44
CA ASP D 149 5.13 -10.05 -36.66
C ASP D 149 5.80 -11.08 -37.55
N ASP D 150 5.11 -11.51 -38.63
CA ASP D 150 5.69 -12.45 -39.59
C ASP D 150 7.00 -11.90 -40.15
N TRP D 151 7.00 -10.62 -40.50
CA TRP D 151 8.19 -10.00 -41.08
C TRP D 151 9.39 -10.14 -40.14
N ILE D 152 9.19 -9.84 -38.86
CA ILE D 152 10.30 -9.92 -37.92
C ILE D 152 10.67 -11.36 -37.66
N GLU D 153 9.67 -12.25 -37.60
CA GLU D 153 9.95 -13.65 -37.31
C GLU D 153 10.73 -14.33 -38.43
N GLU D 154 10.75 -13.76 -39.64
CA GLU D 154 11.59 -14.32 -40.70
C GLU D 154 13.05 -14.36 -40.30
N LYS D 155 13.51 -13.41 -39.48
CA LYS D 155 14.92 -13.34 -39.10
C LYS D 155 15.14 -13.44 -37.59
N VAL D 156 14.08 -13.64 -36.78
CA VAL D 156 14.19 -13.72 -35.33
C VAL D 156 13.46 -14.95 -34.81
N ASP D 157 14.10 -15.64 -33.86
CA ASP D 157 13.51 -16.77 -33.13
C ASP D 157 12.96 -16.30 -31.79
N TYR D 158 11.65 -16.43 -31.64
CA TYR D 158 10.94 -15.93 -30.48
C TYR D 158 11.08 -16.89 -29.29
N ALA D 159 11.16 -16.30 -28.09
CA ALA D 159 11.15 -17.06 -26.84
C ALA D 159 9.78 -17.69 -26.67
N PHE D 160 9.73 -19.00 -26.88
CA PHE D 160 8.48 -19.77 -26.83
C PHE D 160 8.65 -20.96 -25.89
N ASN D 161 7.53 -21.49 -25.44
CA ASN D 161 7.50 -22.63 -24.51
C ASN D 161 6.19 -23.36 -24.76
N GLU D 162 6.27 -24.60 -25.23
CA GLU D 162 5.08 -25.43 -25.59
C GLU D 162 3.93 -25.32 -24.58
N GLN D 163 4.22 -25.47 -23.29
CA GLN D 163 3.14 -25.45 -22.29
C GLN D 163 2.71 -24.02 -21.97
N ARG D 164 3.44 -23.01 -22.41
CA ARG D 164 3.02 -21.65 -21.99
C ARG D 164 2.85 -20.67 -23.15
N GLY D 165 3.56 -20.84 -24.27
CA GLY D 165 3.43 -19.88 -25.37
C GLY D 165 4.55 -18.87 -25.37
N TYR D 166 4.31 -17.66 -25.85
CA TYR D 166 5.39 -16.67 -25.87
C TYR D 166 5.81 -16.26 -24.47
N LEU D 167 7.12 -16.25 -24.24
CA LEU D 167 7.69 -15.91 -22.94
C LEU D 167 7.90 -14.42 -22.84
N THR D 168 7.28 -13.80 -21.84
CA THR D 168 7.39 -12.37 -21.61
C THR D 168 7.99 -12.17 -20.22
N SER D 169 8.46 -10.95 -19.98
CA SER D 169 9.03 -10.67 -18.67
C SER D 169 7.95 -10.70 -17.60
N CYS D 170 6.87 -9.97 -17.82
CA CYS D 170 5.71 -9.97 -16.94
C CYS D 170 4.98 -11.31 -16.99
N PRO D 171 4.79 -12.00 -15.88
CA PRO D 171 4.24 -13.37 -15.93
C PRO D 171 2.80 -13.45 -16.43
N THR D 172 2.07 -12.35 -16.24
CA THR D 172 0.65 -12.19 -16.65
C THR D 172 0.48 -12.17 -18.18
N ASN D 173 1.48 -11.65 -18.89
CA ASN D 173 1.42 -11.49 -20.37
C ASN D 173 1.83 -12.79 -21.10
N VAL D 174 2.23 -13.82 -20.37
CA VAL D 174 2.64 -15.10 -21.01
C VAL D 174 1.47 -15.68 -21.80
N GLY D 175 1.73 -16.21 -22.99
CA GLY D 175 0.70 -16.76 -23.85
C GLY D 175 0.73 -16.14 -25.23
N THR D 176 -0.19 -15.22 -25.52
CA THR D 176 -0.17 -14.57 -26.83
C THR D 176 0.77 -13.38 -26.89
N GLY D 177 1.12 -12.78 -25.74
CA GLY D 177 1.83 -11.51 -25.73
C GLY D 177 1.03 -10.34 -26.22
N LEU D 178 -0.28 -10.50 -26.36
CA LEU D 178 -1.13 -9.55 -27.05
C LEU D 178 -1.82 -8.63 -26.06
N ARG D 179 -1.80 -7.34 -26.35
CA ARG D 179 -2.62 -6.37 -25.62
C ARG D 179 -3.26 -5.44 -26.63
N ALA D 180 -4.57 -5.34 -26.58
CA ALA D 180 -5.32 -4.44 -27.44
C ALA D 180 -5.82 -3.26 -26.62
N SER D 181 -6.00 -2.12 -27.30
CA SER D 181 -6.35 -0.90 -26.61
C SER D 181 -7.22 -0.04 -27.52
N VAL D 182 -8.14 0.72 -26.93
CA VAL D 182 -8.89 1.73 -27.69
C VAL D 182 -8.84 3.03 -26.90
N MET D 183 -8.74 4.14 -27.62
CA MET D 183 -8.81 5.45 -27.01
C MET D 183 -10.20 6.02 -27.31
N MET D 184 -10.94 6.35 -26.26
CA MET D 184 -12.34 6.76 -26.41
C MET D 184 -12.56 8.12 -25.75
N HIS D 185 -13.37 8.96 -26.41
CA HIS D 185 -13.75 10.26 -25.89
C HIS D 185 -15.19 10.17 -25.37
N LEU D 186 -15.35 10.24 -24.05
CA LEU D 186 -16.64 10.00 -23.38
C LEU D 186 -17.13 11.20 -22.59
N PRO D 187 -17.25 12.38 -23.20
CA PRO D 187 -17.69 13.55 -22.42
C PRO D 187 -19.13 13.42 -21.89
N ALA D 188 -20.03 12.79 -22.64
CA ALA D 188 -21.41 12.73 -22.15
C ALA D 188 -21.54 11.81 -20.94
N LEU D 189 -20.87 10.66 -20.96
CA LEU D 189 -20.94 9.79 -19.78
C LEU D 189 -20.30 10.41 -18.55
N VAL D 190 -19.35 11.33 -18.74
CA VAL D 190 -18.75 12.04 -17.61
C VAL D 190 -19.70 13.13 -17.11
N LEU D 191 -20.20 13.97 -18.02
CA LEU D 191 -21.12 15.05 -17.66
C LEU D 191 -22.31 14.52 -16.88
N THR D 192 -22.97 13.49 -17.41
CA THR D 192 -24.14 12.91 -16.77
C THR D 192 -23.81 12.06 -15.57
N ARG D 193 -22.57 12.12 -15.07
CA ARG D 193 -22.18 11.47 -13.81
C ARG D 193 -22.41 9.96 -13.85
N GLN D 194 -22.12 9.34 -14.99
CA GLN D 194 -22.30 7.91 -15.12
C GLN D 194 -20.99 7.12 -15.21
N ILE D 195 -19.87 7.77 -15.48
CA ILE D 195 -18.67 6.99 -15.79
C ILE D 195 -18.17 6.25 -14.56
N ASN D 196 -18.40 6.77 -13.37
CA ASN D 196 -17.88 6.11 -12.18
C ASN D 196 -18.65 4.83 -11.82
P RPI D 197 -26.36 1.22 -10.43
N RPI D 197 -19.82 4.67 -12.43
CA RPI D 197 -20.57 3.45 -12.23
CB RPI D 197 -22.05 3.77 -12.04
CG RPI D 197 -22.36 4.23 -10.62
CD RPI D 197 -23.79 4.71 -10.49
NE RPI D 197 -24.68 3.56 -10.36
CZ RPI D 197 -25.87 3.84 -11.15
NH1 RPI D 197 -26.54 5.04 -10.69
NH2 RPI D 197 -26.81 2.75 -11.04
O1P RPI D 197 -26.39 1.20 -8.91
O2P RPI D 197 -27.35 0.27 -11.04
O3P RPI D 197 -24.96 0.87 -10.87
C RPI D 197 -20.40 2.51 -13.43
O RPI D 197 -20.99 1.49 -13.51
N ILE D 198 -19.58 2.93 -14.39
CA ILE D 198 -19.35 2.12 -15.56
C ILE D 198 -18.00 1.44 -15.44
N ILE D 199 -17.01 2.23 -15.02
CA ILE D 199 -15.63 1.73 -14.90
C ILE D 199 -15.53 0.44 -14.09
N PRO D 200 -16.11 0.33 -12.87
CA PRO D 200 -15.99 -0.94 -12.14
C PRO D 200 -16.55 -2.13 -12.90
N ALA D 201 -17.59 -1.91 -13.70
CA ALA D 201 -18.11 -3.00 -14.50
C ALA D 201 -17.12 -3.39 -15.59
N ILE D 202 -16.43 -2.39 -16.15
CA ILE D 202 -15.38 -2.67 -17.12
C ILE D 202 -14.26 -3.48 -16.46
N ASN D 203 -13.85 -3.07 -15.25
CA ASN D 203 -12.80 -3.79 -14.54
C ASN D 203 -13.19 -5.22 -14.20
N GLN D 204 -14.48 -5.51 -14.03
CA GLN D 204 -14.87 -6.89 -13.73
C GLN D 204 -14.65 -7.80 -14.93
N LEU D 205 -14.71 -7.24 -16.14
CA LEU D 205 -14.59 -8.03 -17.36
C LEU D 205 -13.15 -8.27 -17.78
N GLY D 206 -12.19 -8.09 -16.88
CA GLY D 206 -10.80 -8.26 -17.25
C GLY D 206 -10.18 -7.13 -18.04
N LEU D 207 -10.79 -5.95 -18.03
CA LEU D 207 -10.17 -4.79 -18.68
C LEU D 207 -9.74 -3.78 -17.63
N VAL D 208 -8.99 -2.79 -18.09
CA VAL D 208 -8.49 -1.70 -17.24
C VAL D 208 -8.73 -0.40 -18.01
N VAL D 209 -8.99 0.68 -17.27
CA VAL D 209 -9.28 2.01 -17.82
C VAL D 209 -8.27 3.00 -17.25
N ARG D 210 -7.69 3.83 -18.11
CA ARG D 210 -6.66 4.77 -17.69
C ARG D 210 -6.85 6.10 -18.42
N GLY D 211 -6.16 7.14 -17.94
CA GLY D 211 -6.20 8.43 -18.60
C GLY D 211 -5.30 8.48 -19.80
N ILE D 212 -5.38 9.59 -20.53
CA ILE D 212 -4.65 9.71 -21.78
C ILE D 212 -3.16 9.72 -21.46
N TYR D 213 -2.37 9.02 -22.29
CA TYR D 213 -0.90 8.89 -22.21
C TYR D 213 -0.46 7.87 -21.15
N GLY D 214 -1.30 6.86 -20.89
CA GLY D 214 -0.97 5.83 -19.93
C GLY D 214 -1.79 5.90 -18.65
N GLU D 218 -7.58 9.99 -13.57
CA GLU D 218 -7.77 11.43 -13.61
C GLU D 218 -8.75 11.82 -14.71
N ALA D 219 -8.67 11.10 -15.83
CA ALA D 219 -9.55 11.28 -17.00
C ALA D 219 -9.55 12.72 -17.51
N VAL D 220 -8.36 13.20 -17.83
CA VAL D 220 -8.21 14.55 -18.38
C VAL D 220 -8.71 14.55 -19.83
N GLY D 221 -9.47 15.59 -20.19
CA GLY D 221 -10.06 15.67 -21.51
C GLY D 221 -11.21 14.72 -21.74
N ASN D 222 -11.71 14.08 -20.68
CA ASN D 222 -12.73 13.04 -20.82
C ASN D 222 -12.28 11.95 -21.78
N ILE D 223 -10.97 11.75 -21.89
CA ILE D 223 -10.39 10.73 -22.77
C ILE D 223 -10.00 9.53 -21.92
N PHE D 224 -10.49 8.37 -22.30
CA PHE D 224 -10.31 7.13 -21.56
C PHE D 224 -9.65 6.11 -22.48
N GLN D 225 -8.68 5.38 -21.92
CA GLN D 225 -7.99 4.32 -22.61
C GLN D 225 -8.47 3.02 -22.00
N ILE D 226 -9.08 2.16 -22.80
CA ILE D 226 -9.57 0.86 -22.33
C ILE D 226 -8.72 -0.23 -22.99
N SER D 227 -8.07 -1.06 -22.16
CA SER D 227 -7.15 -2.10 -22.61
C SER D 227 -7.46 -3.43 -21.96
N ASN D 228 -6.88 -4.48 -22.54
CA ASN D 228 -7.02 -5.84 -21.94
C ASN D 228 -6.10 -5.89 -20.73
N GLN D 229 -6.64 -6.25 -19.55
CA GLN D 229 -5.79 -6.37 -18.34
C GLN D 229 -5.47 -7.85 -18.13
N ILE D 230 -6.49 -8.70 -18.25
CA ILE D 230 -6.32 -10.17 -18.06
C ILE D 230 -6.30 -10.83 -19.45
N THR D 231 -5.20 -11.53 -19.75
CA THR D 231 -5.04 -12.21 -21.00
C THR D 231 -4.58 -13.64 -20.84
N LEU D 232 -4.15 -14.01 -19.64
CA LEU D 232 -3.62 -15.34 -19.39
C LEU D 232 -4.63 -16.40 -19.81
N GLY D 233 -4.17 -17.35 -20.60
CA GLY D 233 -4.99 -18.43 -21.08
C GLY D 233 -5.90 -18.11 -22.24
N LYS D 234 -6.02 -16.84 -22.63
CA LYS D 234 -6.92 -16.42 -23.69
C LYS D 234 -6.25 -16.48 -25.06
N SER D 235 -7.05 -16.81 -26.07
CA SER D 235 -6.62 -16.76 -27.46
C SER D 235 -6.60 -15.31 -27.96
N GLU D 236 -5.90 -15.11 -29.07
CA GLU D 236 -5.96 -13.81 -29.74
C GLU D 236 -7.40 -13.40 -30.01
N GLN D 237 -8.21 -14.36 -30.46
CA GLN D 237 -9.58 -14.04 -30.83
C GLN D 237 -10.39 -13.59 -29.62
N ASP D 238 -10.15 -14.22 -28.47
CA ASP D 238 -10.87 -13.84 -27.25
C ASP D 238 -10.38 -12.51 -26.71
N ILE D 239 -9.09 -12.24 -26.78
CA ILE D 239 -8.58 -10.99 -26.24
C ILE D 239 -9.16 -9.81 -27.03
N VAL D 240 -9.20 -9.91 -28.36
CA VAL D 240 -9.67 -8.80 -29.17
C VAL D 240 -11.19 -8.62 -29.03
N GLU D 241 -11.93 -9.73 -28.93
CA GLU D 241 -13.38 -9.62 -28.87
C GLU D 241 -13.87 -9.10 -27.52
N ASP D 242 -13.21 -9.53 -26.43
CA ASP D 242 -13.53 -9.01 -25.09
C ASP D 242 -13.47 -7.48 -25.07
N LEU D 243 -12.49 -6.90 -25.77
CA LEU D 243 -12.39 -5.45 -25.85
C LEU D 243 -13.35 -4.89 -26.88
N ASN D 244 -13.51 -5.58 -28.02
CA ASN D 244 -14.41 -5.08 -29.05
C ASN D 244 -15.84 -4.96 -28.52
N SER D 245 -16.30 -5.98 -27.78
CA SER D 245 -17.69 -5.94 -27.31
C SER D 245 -17.90 -4.83 -26.28
N VAL D 246 -16.97 -4.64 -25.35
CA VAL D 246 -17.11 -3.56 -24.37
C VAL D 246 -17.06 -2.20 -25.04
N ALA D 247 -16.08 -1.98 -25.93
CA ALA D 247 -16.01 -0.71 -26.64
C ALA D 247 -17.28 -0.44 -27.45
N ALA D 248 -17.83 -1.49 -28.06
CA ALA D 248 -19.05 -1.31 -28.85
C ALA D 248 -20.20 -0.86 -27.97
N GLN D 249 -20.27 -1.40 -26.75
CA GLN D 249 -21.28 -0.99 -25.79
C GLN D 249 -21.04 0.44 -25.34
N LEU D 250 -19.78 0.80 -25.09
CA LEU D 250 -19.49 2.15 -24.66
C LEU D 250 -19.83 3.15 -25.76
N ILE D 251 -19.54 2.80 -27.02
CA ILE D 251 -19.89 3.68 -28.14
C ILE D 251 -21.37 3.97 -28.14
N GLU D 252 -22.19 2.92 -27.95
CA GLU D 252 -23.62 3.09 -27.98
C GLU D 252 -24.09 3.92 -26.80
N GLN D 253 -23.58 3.63 -25.60
CA GLN D 253 -24.01 4.35 -24.42
C GLN D 253 -23.58 5.81 -24.48
N GLU D 254 -22.37 6.09 -24.99
CA GLU D 254 -21.94 7.48 -25.06
C GLU D 254 -22.76 8.26 -26.08
N ARG D 255 -23.12 7.63 -27.21
CA ARG D 255 -23.97 8.28 -28.20
C ARG D 255 -25.37 8.53 -27.65
N SER D 256 -25.94 7.58 -26.91
CA SER D 256 -27.25 7.81 -26.32
C SER D 256 -27.21 8.95 -25.32
N ALA D 257 -26.19 8.96 -24.46
CA ALA D 257 -26.04 10.01 -23.47
C ALA D 257 -25.87 11.37 -24.15
N ARG D 258 -25.17 11.41 -25.28
CA ARG D 258 -25.05 12.65 -26.04
C ARG D 258 -26.40 13.08 -26.59
N GLU D 259 -27.12 12.18 -27.26
CA GLU D 259 -28.41 12.52 -27.83
C GLU D 259 -29.37 12.98 -26.75
N ALA D 260 -29.29 12.38 -25.56
CA ALA D 260 -30.18 12.76 -24.46
C ALA D 260 -29.93 14.21 -24.05
N ILE D 261 -28.67 14.57 -23.86
CA ILE D 261 -28.32 15.93 -23.46
C ILE D 261 -28.70 16.93 -24.54
N TYR D 262 -28.49 16.56 -25.80
CA TYR D 262 -28.90 17.43 -26.90
C TYR D 262 -30.40 17.70 -26.83
N GLN D 263 -31.20 16.73 -26.42
CA GLN D 263 -32.63 16.99 -26.43
C GLN D 263 -33.12 17.65 -25.13
N THR D 264 -32.56 17.33 -23.97
CA THR D 264 -33.07 17.86 -22.72
C THR D 264 -32.45 19.21 -22.33
N SER D 265 -31.21 19.48 -22.72
CA SER D 265 -30.49 20.69 -22.33
C SER D 265 -29.76 21.29 -23.52
N LYS D 266 -30.49 21.50 -24.61
CA LYS D 266 -29.88 21.98 -25.84
C LYS D 266 -29.14 23.30 -25.62
N ILE D 267 -29.80 24.27 -24.99
CA ILE D 267 -29.21 25.59 -24.83
C ILE D 267 -28.06 25.56 -23.83
N GLU D 268 -28.18 24.75 -22.79
CA GLU D 268 -27.05 24.62 -21.86
C GLU D 268 -25.85 23.97 -22.54
N LEU D 269 -26.08 23.02 -23.43
CA LEU D 269 -24.94 22.37 -24.08
C LEU D 269 -24.25 23.33 -25.04
N GLU D 270 -25.02 24.14 -25.77
CA GLU D 270 -24.43 25.12 -26.67
C GLU D 270 -23.62 26.14 -25.90
N ASP D 271 -24.14 26.55 -24.74
CA ASP D 271 -23.44 27.49 -23.88
C ASP D 271 -22.12 26.91 -23.37
N ARG D 272 -22.13 25.64 -22.95
CA ARG D 272 -20.91 25.00 -22.47
C ARG D 272 -19.84 24.94 -23.57
N VAL D 273 -20.21 24.50 -24.79
CA VAL D 273 -19.19 24.31 -25.82
C VAL D 273 -18.74 25.65 -26.40
N TYR D 274 -19.65 26.61 -26.54
CA TYR D 274 -19.22 27.89 -27.13
C TYR D 274 -18.38 28.69 -26.15
N ARG D 275 -18.69 28.57 -24.86
CA ARG D 275 -17.86 29.20 -23.85
C ARG D 275 -16.46 28.62 -23.86
N SER D 276 -16.33 27.31 -24.11
CA SER D 276 -15.02 26.68 -24.21
C SER D 276 -14.30 27.11 -25.48
N TYR D 277 -15.04 27.23 -26.58
CA TYR D 277 -14.46 27.85 -27.77
C TYR D 277 -14.02 29.29 -27.47
N GLY D 278 -14.84 30.03 -26.72
CA GLY D 278 -14.46 31.38 -26.34
C GLY D 278 -13.14 31.43 -25.58
N VAL D 279 -12.96 30.49 -24.65
CA VAL D 279 -11.69 30.41 -23.91
C VAL D 279 -10.55 30.14 -24.87
N LEU D 280 -10.68 29.10 -25.69
CA LEU D 280 -9.56 28.68 -26.57
C LEU D 280 -9.15 29.81 -27.52
N SER D 281 -10.10 30.56 -28.06
CA SER D 281 -9.76 31.62 -29.06
C SER D 281 -9.42 32.98 -28.41
N ASN D 282 -9.63 33.17 -27.11
CA ASN D 282 -9.35 34.52 -26.55
C ASN D 282 -8.38 34.52 -25.37
N CYS D 283 -8.03 33.36 -24.81
CA CYS D 283 -7.15 33.33 -23.61
C CYS D 283 -5.70 33.74 -23.93
N ARG D 284 -5.00 34.31 -22.96
CA ARG D 284 -3.59 34.63 -23.12
C ARG D 284 -2.69 33.74 -22.28
N MET D 285 -3.27 32.96 -21.36
CA MET D 285 -2.58 31.90 -20.65
C MET D 285 -3.53 30.71 -20.56
N ILE D 286 -3.00 29.51 -20.71
CA ILE D 286 -3.81 28.33 -20.45
C ILE D 286 -2.88 27.15 -20.21
N GLU D 287 -3.22 26.35 -19.20
CA GLU D 287 -2.50 25.12 -18.88
C GLU D 287 -2.97 23.94 -19.75
N SER D 288 -2.21 22.84 -19.67
CA SER D 288 -2.60 21.62 -20.37
C SER D 288 -3.98 21.14 -19.93
N LYS D 289 -4.24 21.20 -18.63
CA LYS D 289 -5.48 20.71 -18.05
C LYS D 289 -6.71 21.44 -18.60
N GLU D 290 -6.71 22.77 -18.55
CA GLU D 290 -7.85 23.53 -19.03
C GLU D 290 -7.98 23.38 -20.53
N THR D 291 -6.85 23.30 -21.22
CA THR D 291 -6.84 23.08 -22.65
C THR D 291 -7.63 21.83 -23.00
N ALA D 292 -7.35 20.73 -22.31
CA ALA D 292 -8.04 19.46 -22.57
C ALA D 292 -9.52 19.60 -22.28
N LYS D 293 -9.85 20.23 -21.15
CA LYS D 293 -11.25 20.45 -20.80
C LYS D 293 -11.97 21.15 -21.95
N CYS D 294 -11.37 22.23 -22.47
CA CYS D 294 -12.05 23.04 -23.48
C CYS D 294 -12.10 22.32 -24.82
N LEU D 295 -11.01 21.66 -25.21
CA LEU D 295 -10.98 20.89 -26.45
C LEU D 295 -12.01 19.77 -26.42
N SER D 296 -12.20 19.14 -25.26
CA SER D 296 -13.26 18.14 -25.15
C SER D 296 -14.62 18.76 -25.43
N ASP D 297 -14.88 19.92 -24.81
CA ASP D 297 -16.15 20.61 -25.01
C ASP D 297 -16.37 21.00 -26.47
N VAL D 298 -15.35 21.58 -27.12
CA VAL D 298 -15.51 21.94 -28.52
C VAL D 298 -15.71 20.70 -29.37
N ARG D 299 -14.93 19.65 -29.12
CA ARG D 299 -15.09 18.42 -29.89
C ARG D 299 -16.50 17.88 -29.79
N LEU D 300 -17.07 17.86 -28.57
CA LEU D 300 -18.43 17.42 -28.40
C LEU D 300 -19.38 18.29 -29.20
N GLY D 301 -19.12 19.61 -29.22
CA GLY D 301 -19.94 20.52 -29.99
C GLY D 301 -19.85 20.26 -31.48
N ILE D 302 -18.65 19.98 -31.98
CA ILE D 302 -18.51 19.61 -33.38
C ILE D 302 -19.31 18.35 -33.65
N ASP D 303 -19.14 17.32 -32.81
CA ASP D 303 -19.80 16.03 -33.04
C ASP D 303 -21.30 16.19 -33.14
N LEU D 304 -21.91 17.04 -32.29
CA LEU D 304 -23.36 17.20 -32.28
C LEU D 304 -23.86 18.22 -33.29
N GLY D 305 -22.99 18.77 -34.12
CA GLY D 305 -23.40 19.77 -35.09
C GLY D 305 -23.62 21.15 -34.53
N ILE D 306 -23.29 21.39 -33.26
CA ILE D 306 -23.48 22.72 -32.65
C ILE D 306 -22.45 23.69 -33.19
N ILE D 307 -21.22 23.25 -33.36
CA ILE D 307 -20.13 24.09 -33.82
C ILE D 307 -19.82 23.73 -35.26
N LYS D 308 -19.86 24.72 -36.15
CA LYS D 308 -19.70 24.54 -37.57
C LYS D 308 -18.36 25.10 -38.03
N GLY D 309 -17.88 24.59 -39.17
CA GLY D 309 -16.67 25.11 -39.79
C GLY D 309 -15.38 24.80 -39.07
N LEU D 310 -15.38 23.79 -38.21
CA LEU D 310 -14.18 23.46 -37.46
C LEU D 310 -14.02 21.96 -37.47
N SER D 311 -12.87 21.50 -37.94
CA SER D 311 -12.64 20.07 -38.11
C SER D 311 -12.17 19.43 -36.82
N SER D 312 -12.63 18.20 -36.58
CA SER D 312 -12.15 17.46 -35.42
C SER D 312 -10.65 17.16 -35.54
N ASN D 313 -10.13 17.07 -36.76
CA ASN D 313 -8.70 16.85 -36.95
C ASN D 313 -7.87 18.03 -36.44
N ILE D 314 -8.39 19.24 -36.60
CA ILE D 314 -7.72 20.40 -36.01
C ILE D 314 -7.66 20.25 -34.49
N LEU D 315 -8.70 19.67 -33.89
CA LEU D 315 -8.71 19.49 -32.45
C LEU D 315 -7.74 18.39 -32.03
N ASN D 316 -7.77 17.25 -32.73
CA ASN D 316 -6.81 16.17 -32.45
C ASN D 316 -5.38 16.70 -32.51
N GLU D 317 -5.10 17.53 -33.52
CA GLU D 317 -3.77 18.08 -33.68
C GLU D 317 -3.42 19.01 -32.52
N LEU D 318 -4.34 19.89 -32.11
CA LEU D 318 -4.09 20.76 -30.96
C LEU D 318 -3.89 19.95 -29.69
N MET D 319 -4.57 18.81 -29.56
CA MET D 319 -4.41 17.98 -28.37
C MET D 319 -2.95 17.55 -28.20
N ILE D 320 -2.26 17.28 -29.32
CA ILE D 320 -0.84 16.93 -29.32
C ILE D 320 0.05 18.17 -29.29
N LEU D 321 -0.25 19.16 -30.14
CA LEU D 321 0.61 20.34 -30.24
C LEU D 321 0.77 21.07 -28.90
N THR D 322 -0.24 21.03 -28.05
CA THR D 322 -0.23 21.76 -26.79
C THR D 322 0.38 20.98 -25.64
N GLN D 323 0.74 19.72 -25.85
CA GLN D 323 1.48 18.98 -24.84
C GLN D 323 2.82 19.67 -24.57
N PRO D 324 3.33 19.59 -23.34
CA PRO D 324 4.51 20.40 -22.99
C PRO D 324 5.75 20.10 -23.81
N GLY D 325 6.01 18.83 -24.13
CA GLY D 325 7.18 18.48 -24.93
C GLY D 325 7.08 19.02 -26.33
N PHE D 326 5.93 18.79 -26.96
CA PHE D 326 5.75 19.29 -28.32
C PHE D 326 5.79 20.81 -28.35
N LEU D 327 5.20 21.45 -27.33
CA LEU D 327 5.23 22.90 -27.27
C LEU D 327 6.65 23.44 -27.12
N GLN D 328 7.49 22.74 -26.35
CA GLN D 328 8.88 23.16 -26.20
C GLN D 328 9.68 22.88 -27.47
N GLN D 329 9.56 21.66 -28.02
CA GLN D 329 10.13 21.36 -29.32
C GLN D 329 9.72 22.40 -30.35
N TYR D 330 8.41 22.68 -30.44
CA TYR D 330 7.91 23.63 -31.42
C TYR D 330 8.49 25.02 -31.20
N SER D 331 8.72 25.42 -29.94
CA SER D 331 9.21 26.77 -29.66
C SER D 331 10.72 26.89 -29.72
N GLY D 332 11.43 25.76 -29.69
CA GLY D 332 12.87 25.75 -29.86
C GLY D 332 13.64 25.97 -28.58
N GLY D 333 13.47 25.10 -27.59
CA GLY D 333 14.11 25.25 -26.29
C GLY D 333 13.17 24.98 -25.14
N ALA D 334 13.76 24.81 -23.95
CA ALA D 334 12.98 24.51 -22.77
C ALA D 334 12.17 25.73 -22.34
N LEU D 335 11.12 25.46 -21.57
CA LEU D 335 10.19 26.51 -21.18
C LEU D 335 9.69 26.22 -19.78
N ARG D 336 9.72 27.24 -18.93
CA ARG D 336 9.05 27.22 -17.64
C ARG D 336 7.55 26.97 -17.82
N PRO D 337 6.90 26.35 -16.84
CA PRO D 337 5.44 26.17 -16.93
C PRO D 337 4.67 27.44 -17.25
N ASN D 338 5.01 28.58 -16.62
CA ASN D 338 4.31 29.83 -16.96
C ASN D 338 4.55 30.24 -18.42
N GLU D 339 5.78 30.08 -18.92
CA GLU D 339 6.04 30.41 -20.31
C GLU D 339 5.27 29.49 -21.24
N ARG D 340 5.16 28.21 -20.89
CA ARG D 340 4.38 27.29 -21.72
C ARG D 340 2.94 27.77 -21.85
N ASP D 341 2.34 28.16 -20.73
CA ASP D 341 0.93 28.55 -20.76
C ASP D 341 0.70 29.76 -21.65
N ILE D 342 1.67 30.68 -21.70
CA ILE D 342 1.55 31.84 -22.58
C ILE D 342 1.69 31.43 -24.04
N ARG D 343 2.66 30.58 -24.36
CA ARG D 343 2.86 30.16 -25.75
C ARG D 343 1.76 29.19 -26.20
N ARG D 344 1.27 28.34 -25.30
CA ARG D 344 0.15 27.47 -25.63
C ARG D 344 -1.09 28.29 -26.01
N ALA D 345 -1.43 29.28 -25.19
CA ALA D 345 -2.58 30.11 -25.52
C ALA D 345 -2.39 30.79 -26.87
N ALA D 346 -1.18 31.34 -27.13
CA ALA D 346 -0.93 31.98 -28.42
C ALA D 346 -1.04 30.99 -29.59
N LEU D 347 -0.48 29.79 -29.43
CA LEU D 347 -0.60 28.78 -30.49
C LEU D 347 -2.06 28.42 -30.75
N ILE D 348 -2.83 28.10 -29.69
CA ILE D 348 -4.24 27.70 -29.85
C ILE D 348 -5.02 28.83 -30.49
N ARG D 349 -4.82 30.05 -29.97
CA ARG D 349 -5.49 31.24 -30.48
C ARG D 349 -5.26 31.42 -31.98
N GLU D 350 -3.99 31.26 -32.43
CA GLU D 350 -3.66 31.52 -33.82
C GLU D 350 -4.22 30.47 -34.75
N ARG D 351 -4.11 29.20 -34.35
CA ARG D 351 -4.62 28.08 -35.17
C ARG D 351 -6.14 28.21 -35.32
N LEU D 352 -6.84 28.59 -34.25
CA LEU D 352 -8.32 28.70 -34.34
C LEU D 352 -8.70 29.85 -35.29
N HIS D 353 -7.99 30.98 -35.20
CA HIS D 353 -8.30 32.16 -36.04
C HIS D 353 -8.09 31.85 -37.53
N LEU D 354 -7.03 31.09 -37.87
CA LEU D 354 -6.75 30.76 -39.29
C LEU D 354 -7.89 29.92 -39.88
N GLU D 355 -8.40 28.95 -39.13
CA GLU D 355 -9.48 28.05 -39.61
C GLU D 355 -10.75 28.85 -39.89
N MET D 356 -11.00 29.87 -39.07
CA MET D 356 -12.22 30.67 -39.19
C MET D 356 -12.11 31.76 -40.27
N ASN D 357 -11.23 31.58 -41.25
CA ASN D 357 -11.11 32.53 -42.35
C ASN D 357 -11.16 31.82 -43.70
MG MG E . -13.46 -36.17 1.58
MG MG F . 21.02 -18.69 26.96
MG MG G . 37.47 3.16 -10.87
MG MG H . 2.91 -14.30 -35.26
#